data_6HO8
# 
_entry.id   6HO8 
# 
_audit_conform.dict_name       mmcif_pdbx.dic 
_audit_conform.dict_version    5.392 
_audit_conform.dict_location   http://mmcif.pdb.org/dictionaries/ascii/mmcif_pdbx.dic 
# 
loop_
_database_2.database_id 
_database_2.database_code 
_database_2.pdbx_database_accession 
_database_2.pdbx_DOI 
PDB   6HO8         pdb_00006ho8 10.2210/pdb6ho8/pdb 
WWPDB D_1200011930 ?            ?                   
# 
loop_
_pdbx_audit_revision_history.ordinal 
_pdbx_audit_revision_history.data_content_type 
_pdbx_audit_revision_history.major_revision 
_pdbx_audit_revision_history.minor_revision 
_pdbx_audit_revision_history.revision_date 
1 'Structure model' 1 0 2018-12-26 
2 'Structure model' 1 1 2019-01-23 
3 'Structure model' 1 2 2024-05-15 
# 
_pdbx_audit_revision_details.ordinal             1 
_pdbx_audit_revision_details.revision_ordinal    1 
_pdbx_audit_revision_details.data_content_type   'Structure model' 
_pdbx_audit_revision_details.provider            repository 
_pdbx_audit_revision_details.type                'Initial release' 
_pdbx_audit_revision_details.description         ? 
_pdbx_audit_revision_details.details             ? 
# 
loop_
_pdbx_audit_revision_group.ordinal 
_pdbx_audit_revision_group.revision_ordinal 
_pdbx_audit_revision_group.data_content_type 
_pdbx_audit_revision_group.group 
1 2 'Structure model' 'Data collection'     
2 2 'Structure model' 'Database references' 
3 3 'Structure model' 'Data collection'     
4 3 'Structure model' 'Database references' 
# 
loop_
_pdbx_audit_revision_category.ordinal 
_pdbx_audit_revision_category.revision_ordinal 
_pdbx_audit_revision_category.data_content_type 
_pdbx_audit_revision_category.category 
1 2 'Structure model' citation       
2 3 'Structure model' chem_comp_atom 
3 3 'Structure model' chem_comp_bond 
4 3 'Structure model' database_2     
# 
loop_
_pdbx_audit_revision_item.ordinal 
_pdbx_audit_revision_item.revision_ordinal 
_pdbx_audit_revision_item.data_content_type 
_pdbx_audit_revision_item.item 
1 2 'Structure model' '_citation.journal_volume'            
2 2 'Structure model' '_citation.page_first'                
3 2 'Structure model' '_citation.page_last'                 
4 3 'Structure model' '_database_2.pdbx_DOI'                
5 3 'Structure model' '_database_2.pdbx_database_accession' 
# 
_pdbx_database_status.status_code                     REL 
_pdbx_database_status.status_code_sf                  REL 
_pdbx_database_status.status_code_mr                  ? 
_pdbx_database_status.entry_id                        6HO8 
_pdbx_database_status.recvd_initial_deposition_date   2018-09-17 
_pdbx_database_status.SG_entry                        N 
_pdbx_database_status.deposit_site                    PDBE 
_pdbx_database_status.process_site                    PDBE 
_pdbx_database_status.status_code_cs                  ? 
_pdbx_database_status.methods_development_category    ? 
_pdbx_database_status.pdb_format_compatible           Y 
_pdbx_database_status.status_code_nmr_data            ? 
# 
loop_
_audit_author.name 
_audit_author.pdbx_ordinal 
_audit_author.identifier_ORCID 
'Wintjens, R.'  1 0000-0002-0234-7847 
'Wohlkonig, A.' 2 0000-0003-3103-5022 
# 
_citation.abstract                  ? 
_citation.abstract_id_CAS           ? 
_citation.book_id_ISBN              ? 
_citation.book_publisher            ? 
_citation.book_publisher_city       ? 
_citation.book_title                ? 
_citation.coordinate_linkage        ? 
_citation.country                   ? 
_citation.database_id_Medline       ? 
_citation.details                   ? 
_citation.id                        primary 
_citation.journal_abbrev            'Biochim Biophys Acta Proteins Proteom' 
_citation.journal_id_ASTM           ? 
_citation.journal_id_CSD            ? 
_citation.journal_id_ISSN           1878-1454 
_citation.journal_full              ? 
_citation.journal_issue             ? 
_citation.journal_volume            1867 
_citation.language                  ? 
_citation.page_first                248 
_citation.page_last                 258 
_citation.title                     
'A comprehensive analysis of the protein-ligand interactions in crystal structures of Mycobacterium tuberculosis EthR.' 
_citation.year                      2018 
_citation.database_id_CSD           ? 
_citation.pdbx_database_id_DOI      10.1016/j.bbapap.2018.12.003 
_citation.pdbx_database_id_PubMed   30553830 
_citation.unpublished_flag          ? 
# 
loop_
_citation_author.citation_id 
_citation_author.name 
_citation_author.ordinal 
_citation_author.identifier_ORCID 
primary 'Tanina, A.'     1  ? 
primary 'Wohlkonig, A.'  2  ? 
primary 'Soror, S.H.'    3  ? 
primary 'Flipo, M.'      4  ? 
primary 'Villemagne, B.' 5  ? 
primary 'Prevet, H.'     6  ? 
primary 'Deprez, B.'     7  ? 
primary 'Moune, M.'      8  ? 
primary 'Peree, H.'      9  ? 
primary 'Meyer, F.'      10 ? 
primary 'Baulard, A.R.'  11 ? 
primary 'Willand, N.'    12 ? 
primary 'Wintjens, R.'   13 ? 
# 
loop_
_entity.id 
_entity.type 
_entity.src_method 
_entity.pdbx_description 
_entity.formula_weight 
_entity.pdbx_number_of_molecules 
_entity.pdbx_ec 
_entity.pdbx_mutation 
_entity.pdbx_fragment 
_entity.details 
1 polymer     man 'HTH-type transcriptional regulator EthR'              24927.980 1  ? ? ? ? 
2 non-polymer syn '~{N}-[3,3,3-tris(fluoranyl)propyl]benzenesulfonamide' 253.241   1  ? ? ? ? 
3 water       nat water                                                  18.015    43 ? ? ? ? 
# 
_entity_poly.entity_id                      1 
_entity_poly.type                           'polypeptide(L)' 
_entity_poly.nstd_linkage                   no 
_entity_poly.nstd_monomer                   no 
_entity_poly.pdbx_seq_one_letter_code       
;MTTSAASQASLPMTTSAASQASLPRGRRTARPSGDDRELAILATAENLLEDRPLADISVDDLAKGAGISRPTFYFYFPSK
EAVLLTLLDRVVNQADMALQTLAENPADTDRENMWRTGINVFFETFGSHKAVTRAGQAARATSVEVAELWSTFMQKWIAY
TAAVIDAERDRGAAPRTLPAHELATALNLMNERTLFASFAGEQPSVPEARVLDTLVHIWVTSIYGENR
;
_entity_poly.pdbx_seq_one_letter_code_can   
;MTTSAASQASLPMTTSAASQASLPRGRRTARPSGDDRELAILATAENLLEDRPLADISVDDLAKGAGISRPTFYFYFPSK
EAVLLTLLDRVVNQADMALQTLAENPADTDRENMWRTGINVFFETFGSHKAVTRAGQAARATSVEVAELWSTFMQKWIAY
TAAVIDAERDRGAAPRTLPAHELATALNLMNERTLFASFAGEQPSVPEARVLDTLVHIWVTSIYGENR
;
_entity_poly.pdbx_strand_id                 A 
_entity_poly.pdbx_target_identifier         ? 
# 
loop_
_pdbx_entity_nonpoly.entity_id 
_pdbx_entity_nonpoly.name 
_pdbx_entity_nonpoly.comp_id 
2 '~{N}-[3,3,3-tris(fluoranyl)propyl]benzenesulfonamide' GG8 
3 water                                                  HOH 
# 
loop_
_entity_poly_seq.entity_id 
_entity_poly_seq.num 
_entity_poly_seq.mon_id 
_entity_poly_seq.hetero 
1 1   MET n 
1 2   THR n 
1 3   THR n 
1 4   SER n 
1 5   ALA n 
1 6   ALA n 
1 7   SER n 
1 8   GLN n 
1 9   ALA n 
1 10  SER n 
1 11  LEU n 
1 12  PRO n 
1 13  MET n 
1 14  THR n 
1 15  THR n 
1 16  SER n 
1 17  ALA n 
1 18  ALA n 
1 19  SER n 
1 20  GLN n 
1 21  ALA n 
1 22  SER n 
1 23  LEU n 
1 24  PRO n 
1 25  ARG n 
1 26  GLY n 
1 27  ARG n 
1 28  ARG n 
1 29  THR n 
1 30  ALA n 
1 31  ARG n 
1 32  PRO n 
1 33  SER n 
1 34  GLY n 
1 35  ASP n 
1 36  ASP n 
1 37  ARG n 
1 38  GLU n 
1 39  LEU n 
1 40  ALA n 
1 41  ILE n 
1 42  LEU n 
1 43  ALA n 
1 44  THR n 
1 45  ALA n 
1 46  GLU n 
1 47  ASN n 
1 48  LEU n 
1 49  LEU n 
1 50  GLU n 
1 51  ASP n 
1 52  ARG n 
1 53  PRO n 
1 54  LEU n 
1 55  ALA n 
1 56  ASP n 
1 57  ILE n 
1 58  SER n 
1 59  VAL n 
1 60  ASP n 
1 61  ASP n 
1 62  LEU n 
1 63  ALA n 
1 64  LYS n 
1 65  GLY n 
1 66  ALA n 
1 67  GLY n 
1 68  ILE n 
1 69  SER n 
1 70  ARG n 
1 71  PRO n 
1 72  THR n 
1 73  PHE n 
1 74  TYR n 
1 75  PHE n 
1 76  TYR n 
1 77  PHE n 
1 78  PRO n 
1 79  SER n 
1 80  LYS n 
1 81  GLU n 
1 82  ALA n 
1 83  VAL n 
1 84  LEU n 
1 85  LEU n 
1 86  THR n 
1 87  LEU n 
1 88  LEU n 
1 89  ASP n 
1 90  ARG n 
1 91  VAL n 
1 92  VAL n 
1 93  ASN n 
1 94  GLN n 
1 95  ALA n 
1 96  ASP n 
1 97  MET n 
1 98  ALA n 
1 99  LEU n 
1 100 GLN n 
1 101 THR n 
1 102 LEU n 
1 103 ALA n 
1 104 GLU n 
1 105 ASN n 
1 106 PRO n 
1 107 ALA n 
1 108 ASP n 
1 109 THR n 
1 110 ASP n 
1 111 ARG n 
1 112 GLU n 
1 113 ASN n 
1 114 MET n 
1 115 TRP n 
1 116 ARG n 
1 117 THR n 
1 118 GLY n 
1 119 ILE n 
1 120 ASN n 
1 121 VAL n 
1 122 PHE n 
1 123 PHE n 
1 124 GLU n 
1 125 THR n 
1 126 PHE n 
1 127 GLY n 
1 128 SER n 
1 129 HIS n 
1 130 LYS n 
1 131 ALA n 
1 132 VAL n 
1 133 THR n 
1 134 ARG n 
1 135 ALA n 
1 136 GLY n 
1 137 GLN n 
1 138 ALA n 
1 139 ALA n 
1 140 ARG n 
1 141 ALA n 
1 142 THR n 
1 143 SER n 
1 144 VAL n 
1 145 GLU n 
1 146 VAL n 
1 147 ALA n 
1 148 GLU n 
1 149 LEU n 
1 150 TRP n 
1 151 SER n 
1 152 THR n 
1 153 PHE n 
1 154 MET n 
1 155 GLN n 
1 156 LYS n 
1 157 TRP n 
1 158 ILE n 
1 159 ALA n 
1 160 TYR n 
1 161 THR n 
1 162 ALA n 
1 163 ALA n 
1 164 VAL n 
1 165 ILE n 
1 166 ASP n 
1 167 ALA n 
1 168 GLU n 
1 169 ARG n 
1 170 ASP n 
1 171 ARG n 
1 172 GLY n 
1 173 ALA n 
1 174 ALA n 
1 175 PRO n 
1 176 ARG n 
1 177 THR n 
1 178 LEU n 
1 179 PRO n 
1 180 ALA n 
1 181 HIS n 
1 182 GLU n 
1 183 LEU n 
1 184 ALA n 
1 185 THR n 
1 186 ALA n 
1 187 LEU n 
1 188 ASN n 
1 189 LEU n 
1 190 MET n 
1 191 ASN n 
1 192 GLU n 
1 193 ARG n 
1 194 THR n 
1 195 LEU n 
1 196 PHE n 
1 197 ALA n 
1 198 SER n 
1 199 PHE n 
1 200 ALA n 
1 201 GLY n 
1 202 GLU n 
1 203 GLN n 
1 204 PRO n 
1 205 SER n 
1 206 VAL n 
1 207 PRO n 
1 208 GLU n 
1 209 ALA n 
1 210 ARG n 
1 211 VAL n 
1 212 LEU n 
1 213 ASP n 
1 214 THR n 
1 215 LEU n 
1 216 VAL n 
1 217 HIS n 
1 218 ILE n 
1 219 TRP n 
1 220 VAL n 
1 221 THR n 
1 222 SER n 
1 223 ILE n 
1 224 TYR n 
1 225 GLY n 
1 226 GLU n 
1 227 ASN n 
1 228 ARG n 
# 
_entity_src_gen.entity_id                          1 
_entity_src_gen.pdbx_src_id                        1 
_entity_src_gen.pdbx_alt_source_flag               sample 
_entity_src_gen.pdbx_seq_type                      'Biological sequence' 
_entity_src_gen.pdbx_beg_seq_num                   1 
_entity_src_gen.pdbx_end_seq_num                   228 
_entity_src_gen.gene_src_common_name               ? 
_entity_src_gen.gene_src_genus                     ? 
_entity_src_gen.pdbx_gene_src_gene                 'ethR, etaR, MT3970' 
_entity_src_gen.gene_src_species                   ? 
_entity_src_gen.gene_src_strain                    ? 
_entity_src_gen.gene_src_tissue                    ? 
_entity_src_gen.gene_src_tissue_fraction           ? 
_entity_src_gen.gene_src_details                   ? 
_entity_src_gen.pdbx_gene_src_fragment             ? 
_entity_src_gen.pdbx_gene_src_scientific_name      'Mycobacterium tuberculosis CDC1551' 
_entity_src_gen.pdbx_gene_src_ncbi_taxonomy_id     83331 
_entity_src_gen.pdbx_gene_src_variant              'CDC 1551 / Oshkosh' 
_entity_src_gen.pdbx_gene_src_cell_line            ? 
_entity_src_gen.pdbx_gene_src_atcc                 ? 
_entity_src_gen.pdbx_gene_src_organ                ? 
_entity_src_gen.pdbx_gene_src_organelle            ? 
_entity_src_gen.pdbx_gene_src_cell                 ? 
_entity_src_gen.pdbx_gene_src_cellular_location    ? 
_entity_src_gen.host_org_common_name               ? 
_entity_src_gen.pdbx_host_org_scientific_name      'Escherichia coli BL21' 
_entity_src_gen.pdbx_host_org_ncbi_taxonomy_id     511693 
_entity_src_gen.host_org_genus                     ? 
_entity_src_gen.pdbx_host_org_gene                 ? 
_entity_src_gen.pdbx_host_org_organ                ? 
_entity_src_gen.host_org_species                   ? 
_entity_src_gen.pdbx_host_org_tissue               ? 
_entity_src_gen.pdbx_host_org_tissue_fraction      ? 
_entity_src_gen.pdbx_host_org_strain               ? 
_entity_src_gen.pdbx_host_org_variant              ? 
_entity_src_gen.pdbx_host_org_cell_line            ? 
_entity_src_gen.pdbx_host_org_atcc                 ? 
_entity_src_gen.pdbx_host_org_culture_collection   ? 
_entity_src_gen.pdbx_host_org_cell                 ? 
_entity_src_gen.pdbx_host_org_organelle            ? 
_entity_src_gen.pdbx_host_org_cellular_location    ? 
_entity_src_gen.pdbx_host_org_vector_type          ? 
_entity_src_gen.pdbx_host_org_vector               ? 
_entity_src_gen.host_org_details                   ? 
_entity_src_gen.expression_system_id               ? 
_entity_src_gen.plasmid_name                       ? 
_entity_src_gen.plasmid_details                    ? 
_entity_src_gen.pdbx_description                   ? 
# 
loop_
_chem_comp.id 
_chem_comp.type 
_chem_comp.mon_nstd_flag 
_chem_comp.name 
_chem_comp.pdbx_synonyms 
_chem_comp.formula 
_chem_comp.formula_weight 
ALA 'L-peptide linking' y ALANINE                                                ? 'C3 H7 N O2'       89.093  
ARG 'L-peptide linking' y ARGININE                                               ? 'C6 H15 N4 O2 1'   175.209 
ASN 'L-peptide linking' y ASPARAGINE                                             ? 'C4 H8 N2 O3'      132.118 
ASP 'L-peptide linking' y 'ASPARTIC ACID'                                        ? 'C4 H7 N O4'       133.103 
GG8 non-polymer         . '~{N}-[3,3,3-tris(fluoranyl)propyl]benzenesulfonamide' ? 'C9 H10 F3 N O2 S' 253.241 
GLN 'L-peptide linking' y GLUTAMINE                                              ? 'C5 H10 N2 O3'     146.144 
GLU 'L-peptide linking' y 'GLUTAMIC ACID'                                        ? 'C5 H9 N O4'       147.129 
GLY 'peptide linking'   y GLYCINE                                                ? 'C2 H5 N O2'       75.067  
HIS 'L-peptide linking' y HISTIDINE                                              ? 'C6 H10 N3 O2 1'   156.162 
HOH non-polymer         . WATER                                                  ? 'H2 O'             18.015  
ILE 'L-peptide linking' y ISOLEUCINE                                             ? 'C6 H13 N O2'      131.173 
LEU 'L-peptide linking' y LEUCINE                                                ? 'C6 H13 N O2'      131.173 
LYS 'L-peptide linking' y LYSINE                                                 ? 'C6 H15 N2 O2 1'   147.195 
MET 'L-peptide linking' y METHIONINE                                             ? 'C5 H11 N O2 S'    149.211 
PHE 'L-peptide linking' y PHENYLALANINE                                          ? 'C9 H11 N O2'      165.189 
PRO 'L-peptide linking' y PROLINE                                                ? 'C5 H9 N O2'       115.130 
SER 'L-peptide linking' y SERINE                                                 ? 'C3 H7 N O3'       105.093 
THR 'L-peptide linking' y THREONINE                                              ? 'C4 H9 N O3'       119.119 
TRP 'L-peptide linking' y TRYPTOPHAN                                             ? 'C11 H12 N2 O2'    204.225 
TYR 'L-peptide linking' y TYROSINE                                               ? 'C9 H11 N O3'      181.189 
VAL 'L-peptide linking' y VALINE                                                 ? 'C5 H11 N O2'      117.146 
# 
loop_
_pdbx_poly_seq_scheme.asym_id 
_pdbx_poly_seq_scheme.entity_id 
_pdbx_poly_seq_scheme.seq_id 
_pdbx_poly_seq_scheme.mon_id 
_pdbx_poly_seq_scheme.ndb_seq_num 
_pdbx_poly_seq_scheme.pdb_seq_num 
_pdbx_poly_seq_scheme.auth_seq_num 
_pdbx_poly_seq_scheme.pdb_mon_id 
_pdbx_poly_seq_scheme.auth_mon_id 
_pdbx_poly_seq_scheme.pdb_strand_id 
_pdbx_poly_seq_scheme.pdb_ins_code 
_pdbx_poly_seq_scheme.hetero 
A 1 1   MET 1   -11 ?   ?   ?   A . n 
A 1 2   THR 2   -10 ?   ?   ?   A . n 
A 1 3   THR 3   -9  ?   ?   ?   A . n 
A 1 4   SER 4   -8  ?   ?   ?   A . n 
A 1 5   ALA 5   -7  ?   ?   ?   A . n 
A 1 6   ALA 6   -6  ?   ?   ?   A . n 
A 1 7   SER 7   -5  ?   ?   ?   A . n 
A 1 8   GLN 8   -4  ?   ?   ?   A . n 
A 1 9   ALA 9   -3  ?   ?   ?   A . n 
A 1 10  SER 10  -2  ?   ?   ?   A . n 
A 1 11  LEU 11  -1  ?   ?   ?   A . n 
A 1 12  PRO 12  0   ?   ?   ?   A . n 
A 1 13  MET 13  1   ?   ?   ?   A . n 
A 1 14  THR 14  2   ?   ?   ?   A . n 
A 1 15  THR 15  3   ?   ?   ?   A . n 
A 1 16  SER 16  4   ?   ?   ?   A . n 
A 1 17  ALA 17  5   ?   ?   ?   A . n 
A 1 18  ALA 18  6   ?   ?   ?   A . n 
A 1 19  SER 19  7   ?   ?   ?   A . n 
A 1 20  GLN 20  8   ?   ?   ?   A . n 
A 1 21  ALA 21  9   ?   ?   ?   A . n 
A 1 22  SER 22  10  ?   ?   ?   A . n 
A 1 23  LEU 23  11  ?   ?   ?   A . n 
A 1 24  PRO 24  12  ?   ?   ?   A . n 
A 1 25  ARG 25  13  ?   ?   ?   A . n 
A 1 26  GLY 26  14  ?   ?   ?   A . n 
A 1 27  ARG 27  15  ?   ?   ?   A . n 
A 1 28  ARG 28  16  ?   ?   ?   A . n 
A 1 29  THR 29  17  ?   ?   ?   A . n 
A 1 30  ALA 30  18  ?   ?   ?   A . n 
A 1 31  ARG 31  19  ?   ?   ?   A . n 
A 1 32  PRO 32  20  ?   ?   ?   A . n 
A 1 33  SER 33  21  ?   ?   ?   A . n 
A 1 34  GLY 34  22  ?   ?   ?   A . n 
A 1 35  ASP 35  23  ?   ?   ?   A . n 
A 1 36  ASP 36  24  24  ASP ASP A . n 
A 1 37  ARG 37  25  25  ARG ARG A . n 
A 1 38  GLU 38  26  26  GLU GLU A . n 
A 1 39  LEU 39  27  27  LEU LEU A . n 
A 1 40  ALA 40  28  28  ALA ALA A . n 
A 1 41  ILE 41  29  29  ILE ILE A . n 
A 1 42  LEU 42  30  30  LEU LEU A . n 
A 1 43  ALA 43  31  31  ALA ALA A . n 
A 1 44  THR 44  32  32  THR THR A . n 
A 1 45  ALA 45  33  33  ALA ALA A . n 
A 1 46  GLU 46  34  34  GLU GLU A . n 
A 1 47  ASN 47  35  35  ASN ASN A . n 
A 1 48  LEU 48  36  36  LEU LEU A . n 
A 1 49  LEU 49  37  37  LEU LEU A . n 
A 1 50  GLU 50  38  38  GLU GLU A . n 
A 1 51  ASP 51  39  39  ASP ASP A . n 
A 1 52  ARG 52  40  40  ARG ARG A . n 
A 1 53  PRO 53  41  41  PRO PRO A . n 
A 1 54  LEU 54  42  42  LEU LEU A . n 
A 1 55  ALA 55  43  43  ALA ALA A . n 
A 1 56  ASP 56  44  44  ASP ASP A . n 
A 1 57  ILE 57  45  45  ILE ILE A . n 
A 1 58  SER 58  46  46  SER SER A . n 
A 1 59  VAL 59  47  47  VAL VAL A . n 
A 1 60  ASP 60  48  48  ASP ASP A . n 
A 1 61  ASP 61  49  49  ASP ASP A . n 
A 1 62  LEU 62  50  50  LEU LEU A . n 
A 1 63  ALA 63  51  51  ALA ALA A . n 
A 1 64  LYS 64  52  52  LYS LYS A . n 
A 1 65  GLY 65  53  53  GLY GLY A . n 
A 1 66  ALA 66  54  54  ALA ALA A . n 
A 1 67  GLY 67  55  55  GLY GLY A . n 
A 1 68  ILE 68  56  56  ILE ILE A . n 
A 1 69  SER 69  57  57  SER SER A . n 
A 1 70  ARG 70  58  58  ARG ARG A . n 
A 1 71  PRO 71  59  59  PRO PRO A . n 
A 1 72  THR 72  60  60  THR THR A . n 
A 1 73  PHE 73  61  61  PHE PHE A . n 
A 1 74  TYR 74  62  62  TYR TYR A . n 
A 1 75  PHE 75  63  63  PHE PHE A . n 
A 1 76  TYR 76  64  64  TYR TYR A . n 
A 1 77  PHE 77  65  65  PHE PHE A . n 
A 1 78  PRO 78  66  66  PRO PRO A . n 
A 1 79  SER 79  67  67  SER SER A . n 
A 1 80  LYS 80  68  68  LYS LYS A . n 
A 1 81  GLU 81  69  69  GLU GLU A . n 
A 1 82  ALA 82  70  70  ALA ALA A . n 
A 1 83  VAL 83  71  71  VAL VAL A . n 
A 1 84  LEU 84  72  72  LEU LEU A . n 
A 1 85  LEU 85  73  73  LEU LEU A . n 
A 1 86  THR 86  74  74  THR THR A . n 
A 1 87  LEU 87  75  75  LEU LEU A . n 
A 1 88  LEU 88  76  76  LEU LEU A . n 
A 1 89  ASP 89  77  77  ASP ASP A . n 
A 1 90  ARG 90  78  78  ARG ARG A . n 
A 1 91  VAL 91  79  79  VAL VAL A . n 
A 1 92  VAL 92  80  80  VAL VAL A . n 
A 1 93  ASN 93  81  81  ASN ASN A . n 
A 1 94  GLN 94  82  82  GLN GLN A . n 
A 1 95  ALA 95  83  83  ALA ALA A . n 
A 1 96  ASP 96  84  84  ASP ASP A . n 
A 1 97  MET 97  85  85  MET MET A . n 
A 1 98  ALA 98  86  86  ALA ALA A . n 
A 1 99  LEU 99  87  87  LEU LEU A . n 
A 1 100 GLN 100 88  88  GLN GLN A . n 
A 1 101 THR 101 89  89  THR THR A . n 
A 1 102 LEU 102 90  90  LEU LEU A . n 
A 1 103 ALA 103 91  91  ALA ALA A . n 
A 1 104 GLU 104 92  92  GLU GLU A . n 
A 1 105 ASN 105 93  93  ASN ASN A . n 
A 1 106 PRO 106 94  ?   ?   ?   A . n 
A 1 107 ALA 107 95  ?   ?   ?   A . n 
A 1 108 ASP 108 96  ?   ?   ?   A . n 
A 1 109 THR 109 97  97  THR THR A . n 
A 1 110 ASP 110 98  98  ASP ASP A . n 
A 1 111 ARG 111 99  99  ARG ARG A . n 
A 1 112 GLU 112 100 100 GLU GLU A . n 
A 1 113 ASN 113 101 101 ASN ASN A . n 
A 1 114 MET 114 102 102 MET MET A . n 
A 1 115 TRP 115 103 103 TRP TRP A . n 
A 1 116 ARG 116 104 104 ARG ARG A . n 
A 1 117 THR 117 105 105 THR THR A . n 
A 1 118 GLY 118 106 106 GLY GLY A . n 
A 1 119 ILE 119 107 107 ILE ILE A . n 
A 1 120 ASN 120 108 108 ASN ASN A . n 
A 1 121 VAL 121 109 109 VAL VAL A . n 
A 1 122 PHE 122 110 110 PHE PHE A . n 
A 1 123 PHE 123 111 111 PHE PHE A . n 
A 1 124 GLU 124 112 112 GLU GLU A . n 
A 1 125 THR 125 113 113 THR THR A . n 
A 1 126 PHE 126 114 114 PHE PHE A . n 
A 1 127 GLY 127 115 115 GLY GLY A . n 
A 1 128 SER 128 116 116 SER SER A . n 
A 1 129 HIS 129 117 117 HIS HIS A . n 
A 1 130 LYS 130 118 118 LYS LYS A . n 
A 1 131 ALA 131 119 119 ALA ALA A . n 
A 1 132 VAL 132 120 120 VAL VAL A . n 
A 1 133 THR 133 121 121 THR THR A . n 
A 1 134 ARG 134 122 122 ARG ARG A . n 
A 1 135 ALA 135 123 123 ALA ALA A . n 
A 1 136 GLY 136 124 124 GLY GLY A . n 
A 1 137 GLN 137 125 125 GLN GLN A . n 
A 1 138 ALA 138 126 126 ALA ALA A . n 
A 1 139 ALA 139 127 127 ALA ALA A . n 
A 1 140 ARG 140 128 128 ARG ARG A . n 
A 1 141 ALA 141 129 129 ALA ALA A . n 
A 1 142 THR 142 130 130 THR THR A . n 
A 1 143 SER 143 131 131 SER SER A . n 
A 1 144 VAL 144 132 132 VAL VAL A . n 
A 1 145 GLU 145 133 133 GLU GLU A . n 
A 1 146 VAL 146 134 134 VAL VAL A . n 
A 1 147 ALA 147 135 135 ALA ALA A . n 
A 1 148 GLU 148 136 136 GLU GLU A . n 
A 1 149 LEU 149 137 137 LEU LEU A . n 
A 1 150 TRP 150 138 138 TRP TRP A . n 
A 1 151 SER 151 139 139 SER SER A . n 
A 1 152 THR 152 140 140 THR THR A . n 
A 1 153 PHE 153 141 141 PHE PHE A . n 
A 1 154 MET 154 142 142 MET MET A . n 
A 1 155 GLN 155 143 143 GLN GLN A . n 
A 1 156 LYS 156 144 144 LYS LYS A . n 
A 1 157 TRP 157 145 145 TRP TRP A . n 
A 1 158 ILE 158 146 146 ILE ILE A . n 
A 1 159 ALA 159 147 147 ALA ALA A . n 
A 1 160 TYR 160 148 148 TYR TYR A . n 
A 1 161 THR 161 149 149 THR THR A . n 
A 1 162 ALA 162 150 150 ALA ALA A . n 
A 1 163 ALA 163 151 151 ALA ALA A . n 
A 1 164 VAL 164 152 152 VAL VAL A . n 
A 1 165 ILE 165 153 153 ILE ILE A . n 
A 1 166 ASP 166 154 154 ASP ASP A . n 
A 1 167 ALA 167 155 155 ALA ALA A . n 
A 1 168 GLU 168 156 156 GLU GLU A . n 
A 1 169 ARG 169 157 157 ARG ARG A . n 
A 1 170 ASP 170 158 158 ASP ASP A . n 
A 1 171 ARG 171 159 159 ARG ARG A . n 
A 1 172 GLY 172 160 160 GLY GLY A . n 
A 1 173 ALA 173 161 161 ALA ALA A . n 
A 1 174 ALA 174 162 162 ALA ALA A . n 
A 1 175 PRO 175 163 163 PRO PRO A . n 
A 1 176 ARG 176 164 164 ARG ARG A . n 
A 1 177 THR 177 165 165 THR THR A . n 
A 1 178 LEU 178 166 166 LEU LEU A . n 
A 1 179 PRO 179 167 167 PRO PRO A . n 
A 1 180 ALA 180 168 168 ALA ALA A . n 
A 1 181 HIS 181 169 169 HIS HIS A . n 
A 1 182 GLU 182 170 170 GLU GLU A . n 
A 1 183 LEU 183 171 171 LEU LEU A . n 
A 1 184 ALA 184 172 172 ALA ALA A . n 
A 1 185 THR 185 173 173 THR THR A . n 
A 1 186 ALA 186 174 174 ALA ALA A . n 
A 1 187 LEU 187 175 175 LEU LEU A . n 
A 1 188 ASN 188 176 176 ASN ASN A . n 
A 1 189 LEU 189 177 177 LEU LEU A . n 
A 1 190 MET 190 178 178 MET MET A . n 
A 1 191 ASN 191 179 179 ASN ASN A . n 
A 1 192 GLU 192 180 180 GLU GLU A . n 
A 1 193 ARG 193 181 181 ARG ARG A . n 
A 1 194 THR 194 182 182 THR THR A . n 
A 1 195 LEU 195 183 183 LEU LEU A . n 
A 1 196 PHE 196 184 184 PHE PHE A . n 
A 1 197 ALA 197 185 185 ALA ALA A . n 
A 1 198 SER 198 186 186 SER SER A . n 
A 1 199 PHE 199 187 187 PHE PHE A . n 
A 1 200 ALA 200 188 188 ALA ALA A . n 
A 1 201 GLY 201 189 189 GLY GLY A . n 
A 1 202 GLU 202 190 190 GLU GLU A . n 
A 1 203 GLN 203 191 191 GLN GLN A . n 
A 1 204 PRO 204 192 192 PRO PRO A . n 
A 1 205 SER 205 193 193 SER SER A . n 
A 1 206 VAL 206 194 194 VAL VAL A . n 
A 1 207 PRO 207 195 195 PRO PRO A . n 
A 1 208 GLU 208 196 196 GLU GLU A . n 
A 1 209 ALA 209 197 197 ALA ALA A . n 
A 1 210 ARG 210 198 198 ARG ARG A . n 
A 1 211 VAL 211 199 199 VAL VAL A . n 
A 1 212 LEU 212 200 200 LEU LEU A . n 
A 1 213 ASP 213 201 201 ASP ASP A . n 
A 1 214 THR 214 202 202 THR THR A . n 
A 1 215 LEU 215 203 203 LEU LEU A . n 
A 1 216 VAL 216 204 204 VAL VAL A . n 
A 1 217 HIS 217 205 205 HIS HIS A . n 
A 1 218 ILE 218 206 206 ILE ILE A . n 
A 1 219 TRP 219 207 207 TRP TRP A . n 
A 1 220 VAL 220 208 208 VAL VAL A . n 
A 1 221 THR 221 209 209 THR THR A . n 
A 1 222 SER 222 210 210 SER SER A . n 
A 1 223 ILE 223 211 211 ILE ILE A . n 
A 1 224 TYR 224 212 212 TYR TYR A . n 
A 1 225 GLY 225 213 213 GLY GLY A . n 
A 1 226 GLU 226 214 214 GLU GLU A . n 
A 1 227 ASN 227 215 ?   ?   ?   A . n 
A 1 228 ARG 228 216 ?   ?   ?   A . n 
# 
loop_
_pdbx_nonpoly_scheme.asym_id 
_pdbx_nonpoly_scheme.entity_id 
_pdbx_nonpoly_scheme.mon_id 
_pdbx_nonpoly_scheme.ndb_seq_num 
_pdbx_nonpoly_scheme.pdb_seq_num 
_pdbx_nonpoly_scheme.auth_seq_num 
_pdbx_nonpoly_scheme.pdb_mon_id 
_pdbx_nonpoly_scheme.auth_mon_id 
_pdbx_nonpoly_scheme.pdb_strand_id 
_pdbx_nonpoly_scheme.pdb_ins_code 
B 2 GG8 1  301 1  GG8 DRG A . 
C 3 HOH 1  401 34 HOH HOH A . 
C 3 HOH 2  402 17 HOH HOH A . 
C 3 HOH 3  403 12 HOH HOH A . 
C 3 HOH 4  404 43 HOH HOH A . 
C 3 HOH 5  405 27 HOH HOH A . 
C 3 HOH 6  406 11 HOH HOH A . 
C 3 HOH 7  407 38 HOH HOH A . 
C 3 HOH 8  408 18 HOH HOH A . 
C 3 HOH 9  409 13 HOH HOH A . 
C 3 HOH 10 410 25 HOH HOH A . 
C 3 HOH 11 411 28 HOH HOH A . 
C 3 HOH 12 412 31 HOH HOH A . 
C 3 HOH 13 413 30 HOH HOH A . 
C 3 HOH 14 414 19 HOH HOH A . 
C 3 HOH 15 415 6  HOH HOH A . 
C 3 HOH 16 416 14 HOH HOH A . 
C 3 HOH 17 417 8  HOH HOH A . 
C 3 HOH 18 418 24 HOH HOH A . 
C 3 HOH 19 419 7  HOH HOH A . 
C 3 HOH 20 420 1  HOH HOH A . 
C 3 HOH 21 421 10 HOH HOH A . 
C 3 HOH 22 422 23 HOH HOH A . 
C 3 HOH 23 423 20 HOH HOH A . 
C 3 HOH 24 424 39 HOH HOH A . 
C 3 HOH 25 425 35 HOH HOH A . 
C 3 HOH 26 426 26 HOH HOH A . 
C 3 HOH 27 427 40 HOH HOH A . 
C 3 HOH 28 428 4  HOH HOH A . 
C 3 HOH 29 429 15 HOH HOH A . 
C 3 HOH 30 430 9  HOH HOH A . 
C 3 HOH 31 431 21 HOH HOH A . 
C 3 HOH 32 432 36 HOH HOH A . 
C 3 HOH 33 433 2  HOH HOH A . 
C 3 HOH 34 434 33 HOH HOH A . 
C 3 HOH 35 435 5  HOH HOH A . 
C 3 HOH 36 436 3  HOH HOH A . 
C 3 HOH 37 437 29 HOH HOH A . 
C 3 HOH 38 438 42 HOH HOH A . 
C 3 HOH 39 439 32 HOH HOH A . 
C 3 HOH 40 440 37 HOH HOH A . 
C 3 HOH 41 441 22 HOH HOH A . 
C 3 HOH 42 442 41 HOH HOH A . 
C 3 HOH 43 443 16 HOH HOH A . 
# 
loop_
_software.citation_id 
_software.classification 
_software.compiler_name 
_software.compiler_version 
_software.contact_author 
_software.contact_author_email 
_software.date 
_software.description 
_software.dependencies 
_software.hardware 
_software.language 
_software.location 
_software.mods 
_software.name 
_software.os 
_software.os_version 
_software.type 
_software.version 
_software.pdbx_ordinal 
? refinement       ? ? ? ? ? ? ? ? ? ? ? REFMAC  ? ? ? 5.8.0232 1 
? 'data reduction' ? ? ? ? ? ? ? ? ? ? ? iMOSFLM ? ? ? .        2 
? phasing          ? ? ? ? ? ? ? ? ? ? ? MOLREP  ? ? ? .        3 
# 
_cell.angle_alpha                  90.00 
_cell.angle_alpha_esd              ? 
_cell.angle_beta                   90.00 
_cell.angle_beta_esd               ? 
_cell.angle_gamma                  90.00 
_cell.angle_gamma_esd              ? 
_cell.entry_id                     6HO8 
_cell.details                      ? 
_cell.formula_units_Z              ? 
_cell.length_a                     121.700 
_cell.length_a_esd                 ? 
_cell.length_b                     121.700 
_cell.length_b_esd                 ? 
_cell.length_c                     33.660 
_cell.length_c_esd                 ? 
_cell.volume                       ? 
_cell.volume_esd                   ? 
_cell.Z_PDB                        8 
_cell.reciprocal_angle_alpha       ? 
_cell.reciprocal_angle_beta        ? 
_cell.reciprocal_angle_gamma       ? 
_cell.reciprocal_angle_alpha_esd   ? 
_cell.reciprocal_angle_beta_esd    ? 
_cell.reciprocal_angle_gamma_esd   ? 
_cell.reciprocal_length_a          ? 
_cell.reciprocal_length_b          ? 
_cell.reciprocal_length_c          ? 
_cell.reciprocal_length_a_esd      ? 
_cell.reciprocal_length_b_esd      ? 
_cell.reciprocal_length_c_esd      ? 
_cell.pdbx_unique_axis             ? 
# 
_symmetry.entry_id                         6HO8 
_symmetry.cell_setting                     ? 
_symmetry.Int_Tables_number                92 
_symmetry.space_group_name_Hall            ? 
_symmetry.space_group_name_H-M             'P 41 21 2' 
_symmetry.pdbx_full_space_group_name_H-M   ? 
# 
_exptl.absorpt_coefficient_mu     ? 
_exptl.absorpt_correction_T_max   ? 
_exptl.absorpt_correction_T_min   ? 
_exptl.absorpt_correction_type    ? 
_exptl.absorpt_process_details    ? 
_exptl.entry_id                   6HO8 
_exptl.crystals_number            1 
_exptl.details                    ? 
_exptl.method                     'X-RAY DIFFRACTION' 
_exptl.method_details             ? 
# 
_exptl_crystal.colour                      ? 
_exptl_crystal.density_diffrn              ? 
_exptl_crystal.density_Matthews            2.41 
_exptl_crystal.density_method              ? 
_exptl_crystal.density_percent_sol         48.97 
_exptl_crystal.description                 ? 
_exptl_crystal.F_000                       ? 
_exptl_crystal.id                          1 
_exptl_crystal.preparation                 ? 
_exptl_crystal.size_max                    ? 
_exptl_crystal.size_mid                    ? 
_exptl_crystal.size_min                    ? 
_exptl_crystal.size_rad                    ? 
_exptl_crystal.colour_lustre               ? 
_exptl_crystal.colour_modifier             ? 
_exptl_crystal.colour_primary              ? 
_exptl_crystal.density_meas                ? 
_exptl_crystal.density_meas_esd            ? 
_exptl_crystal.density_meas_gt             ? 
_exptl_crystal.density_meas_lt             ? 
_exptl_crystal.density_meas_temp           ? 
_exptl_crystal.density_meas_temp_esd       ? 
_exptl_crystal.density_meas_temp_gt        ? 
_exptl_crystal.density_meas_temp_lt        ? 
_exptl_crystal.pdbx_crystal_image_url      ? 
_exptl_crystal.pdbx_crystal_image_format   ? 
_exptl_crystal.pdbx_mosaicity              ? 
_exptl_crystal.pdbx_mosaicity_esd          ? 
# 
_exptl_crystal_grow.apparatus       ? 
_exptl_crystal_grow.atmosphere      ? 
_exptl_crystal_grow.crystal_id      1 
_exptl_crystal_grow.details         ? 
_exptl_crystal_grow.method          'VAPOR DIFFUSION' 
_exptl_crystal_grow.method_ref      ? 
_exptl_crystal_grow.pH              6.7 
_exptl_crystal_grow.pressure        ? 
_exptl_crystal_grow.pressure_esd    ? 
_exptl_crystal_grow.seeding         ? 
_exptl_crystal_grow.seeding_ref     ? 
_exptl_crystal_grow.temp            293 
_exptl_crystal_grow.temp_details    ? 
_exptl_crystal_grow.temp_esd        ? 
_exptl_crystal_grow.time            ? 
_exptl_crystal_grow.pdbx_details    '1.4-1.6 ammonium sulfate, 15% glycerol, 100 mM MES' 
_exptl_crystal_grow.pdbx_pH_range   ? 
# 
_diffrn.ambient_environment              ? 
_diffrn.ambient_temp                     100 
_diffrn.ambient_temp_details             ? 
_diffrn.ambient_temp_esd                 ? 
_diffrn.crystal_id                       1 
_diffrn.crystal_support                  ? 
_diffrn.crystal_treatment                ? 
_diffrn.details                          ? 
_diffrn.id                               1 
_diffrn.ambient_pressure                 ? 
_diffrn.ambient_pressure_esd             ? 
_diffrn.ambient_pressure_gt              ? 
_diffrn.ambient_pressure_lt              ? 
_diffrn.ambient_temp_gt                  ? 
_diffrn.ambient_temp_lt                  ? 
_diffrn.pdbx_serial_crystal_experiment   ? 
# 
_diffrn_detector.details                      ? 
_diffrn_detector.detector                     PIXEL 
_diffrn_detector.diffrn_id                    1 
_diffrn_detector.type                         'DECTRIS PILATUS 6M' 
_diffrn_detector.area_resol_mean              ? 
_diffrn_detector.dtime                        ? 
_diffrn_detector.pdbx_frames_total            ? 
_diffrn_detector.pdbx_collection_time_total   ? 
_diffrn_detector.pdbx_collection_date         2010-12-06 
_diffrn_detector.pdbx_frequency               ? 
# 
_diffrn_radiation.collimation                      ? 
_diffrn_radiation.diffrn_id                        1 
_diffrn_radiation.filter_edge                      ? 
_diffrn_radiation.inhomogeneity                    ? 
_diffrn_radiation.monochromator                    ? 
_diffrn_radiation.polarisn_norm                    ? 
_diffrn_radiation.polarisn_ratio                   ? 
_diffrn_radiation.probe                            ? 
_diffrn_radiation.type                             ? 
_diffrn_radiation.xray_symbol                      ? 
_diffrn_radiation.wavelength_id                    1 
_diffrn_radiation.pdbx_monochromatic_or_laue_m_l   M 
_diffrn_radiation.pdbx_wavelength_list             ? 
_diffrn_radiation.pdbx_wavelength                  ? 
_diffrn_radiation.pdbx_diffrn_protocol             'SINGLE WAVELENGTH' 
_diffrn_radiation.pdbx_analyzer                    ? 
_diffrn_radiation.pdbx_scattering_type             x-ray 
# 
_diffrn_radiation_wavelength.id           1 
_diffrn_radiation_wavelength.wavelength   1.00 
_diffrn_radiation_wavelength.wt           1.0 
# 
_diffrn_source.current                     ? 
_diffrn_source.details                     ? 
_diffrn_source.diffrn_id                   1 
_diffrn_source.power                       ? 
_diffrn_source.size                        ? 
_diffrn_source.source                      SYNCHROTRON 
_diffrn_source.target                      ? 
_diffrn_source.type                        'SLS BEAMLINE X06SA' 
_diffrn_source.voltage                     ? 
_diffrn_source.take-off_angle              ? 
_diffrn_source.pdbx_wavelength_list        1.00 
_diffrn_source.pdbx_wavelength             ? 
_diffrn_source.pdbx_synchrotron_beamline   X06SA 
_diffrn_source.pdbx_synchrotron_site       SLS 
# 
_reflns.B_iso_Wilson_estimate            ? 
_reflns.entry_id                         6HO8 
_reflns.data_reduction_details           ? 
_reflns.data_reduction_method            ? 
_reflns.d_resolution_high                1.98 
_reflns.d_resolution_low                 43.03 
_reflns.details                          ? 
_reflns.limit_h_max                      ? 
_reflns.limit_h_min                      ? 
_reflns.limit_k_max                      ? 
_reflns.limit_k_min                      ? 
_reflns.limit_l_max                      ? 
_reflns.limit_l_min                      ? 
_reflns.number_all                       ? 
_reflns.number_obs                       18299 
_reflns.observed_criterion               ? 
_reflns.observed_criterion_F_max         ? 
_reflns.observed_criterion_F_min         ? 
_reflns.observed_criterion_I_max         ? 
_reflns.observed_criterion_I_min         ? 
_reflns.observed_criterion_sigma_F       ? 
_reflns.observed_criterion_sigma_I       ? 
_reflns.percent_possible_obs             99.7 
_reflns.R_free_details                   ? 
_reflns.Rmerge_F_all                     ? 
_reflns.Rmerge_F_obs                     ? 
_reflns.Friedel_coverage                 ? 
_reflns.number_gt                        ? 
_reflns.threshold_expression             ? 
_reflns.pdbx_redundancy                  9.3 
_reflns.pdbx_Rmerge_I_obs                0.077 
_reflns.pdbx_Rmerge_I_all                ? 
_reflns.pdbx_Rsym_value                  ? 
_reflns.pdbx_netI_over_av_sigmaI         ? 
_reflns.pdbx_netI_over_sigmaI            25.6 
_reflns.pdbx_res_netI_over_av_sigmaI_2   ? 
_reflns.pdbx_res_netI_over_sigmaI_2      ? 
_reflns.pdbx_chi_squared                 ? 
_reflns.pdbx_scaling_rejects             ? 
_reflns.pdbx_d_res_high_opt              ? 
_reflns.pdbx_d_res_low_opt               ? 
_reflns.pdbx_d_res_opt_method            ? 
_reflns.phase_calculation_details        ? 
_reflns.pdbx_Rrim_I_all                  ? 
_reflns.pdbx_Rpim_I_all                  ? 
_reflns.pdbx_d_opt                       ? 
_reflns.pdbx_number_measured_all         ? 
_reflns.pdbx_diffrn_id                   1 
_reflns.pdbx_ordinal                     1 
_reflns.pdbx_CC_half                     ? 
_reflns.pdbx_R_split                     ? 
# 
_reflns_shell.d_res_high                  1.98 
_reflns_shell.d_res_low                   2.09 
_reflns_shell.meanI_over_sigI_all         ? 
_reflns_shell.meanI_over_sigI_obs         3.6 
_reflns_shell.number_measured_all         ? 
_reflns_shell.number_measured_obs         ? 
_reflns_shell.number_possible             ? 
_reflns_shell.number_unique_all           ? 
_reflns_shell.number_unique_obs           2834 
_reflns_shell.percent_possible_all        98.3 
_reflns_shell.percent_possible_obs        ? 
_reflns_shell.Rmerge_F_all                ? 
_reflns_shell.Rmerge_F_obs                ? 
_reflns_shell.Rmerge_I_all                ? 
_reflns_shell.Rmerge_I_obs                0.836 
_reflns_shell.meanI_over_sigI_gt          ? 
_reflns_shell.meanI_over_uI_all           ? 
_reflns_shell.meanI_over_uI_gt            ? 
_reflns_shell.number_measured_gt          ? 
_reflns_shell.number_unique_gt            ? 
_reflns_shell.percent_possible_gt         ? 
_reflns_shell.Rmerge_F_gt                 ? 
_reflns_shell.Rmerge_I_gt                 ? 
_reflns_shell.pdbx_redundancy             9.3 
_reflns_shell.pdbx_Rsym_value             ? 
_reflns_shell.pdbx_chi_squared            ? 
_reflns_shell.pdbx_netI_over_sigmaI_all   ? 
_reflns_shell.pdbx_netI_over_sigmaI_obs   ? 
_reflns_shell.pdbx_Rrim_I_all             ? 
_reflns_shell.pdbx_Rpim_I_all             ? 
_reflns_shell.pdbx_rejects                ? 
_reflns_shell.pdbx_ordinal                1 
_reflns_shell.pdbx_diffrn_id              1 
_reflns_shell.pdbx_CC_half                ? 
_reflns_shell.pdbx_R_split                ? 
# 
_refine.aniso_B[1][1]                            0.00 
_refine.aniso_B[1][2]                            -0.00 
_refine.aniso_B[1][3]                            -0.00 
_refine.aniso_B[2][2]                            0.00 
_refine.aniso_B[2][3]                            -0.00 
_refine.aniso_B[3][3]                            -0.00 
_refine.B_iso_max                                ? 
_refine.B_iso_mean                               29.325 
_refine.B_iso_min                                ? 
_refine.correlation_coeff_Fo_to_Fc               0.952 
_refine.correlation_coeff_Fo_to_Fc_free          0.931 
_refine.details                                  'HYDROGENS HAVE BEEN ADDED IN THE RIDING POSITIONS' 
_refine.diff_density_max                         ? 
_refine.diff_density_max_esd                     ? 
_refine.diff_density_min                         ? 
_refine.diff_density_min_esd                     ? 
_refine.diff_density_rms                         ? 
_refine.diff_density_rms_esd                     ? 
_refine.entry_id                                 6HO8 
_refine.pdbx_refine_id                           'X-RAY DIFFRACTION' 
_refine.ls_abs_structure_details                 ? 
_refine.ls_abs_structure_Flack                   ? 
_refine.ls_abs_structure_Flack_esd               ? 
_refine.ls_abs_structure_Rogers                  ? 
_refine.ls_abs_structure_Rogers_esd              ? 
_refine.ls_d_res_high                            1.98 
_refine.ls_d_res_low                             43.03 
_refine.ls_extinction_coef                       ? 
_refine.ls_extinction_coef_esd                   ? 
_refine.ls_extinction_expression                 ? 
_refine.ls_extinction_method                     ? 
_refine.ls_goodness_of_fit_all                   ? 
_refine.ls_goodness_of_fit_all_esd               ? 
_refine.ls_goodness_of_fit_obs                   ? 
_refine.ls_goodness_of_fit_obs_esd               ? 
_refine.ls_hydrogen_treatment                    ? 
_refine.ls_matrix_type                           ? 
_refine.ls_number_constraints                    ? 
_refine.ls_number_parameters                     ? 
_refine.ls_number_reflns_all                     ? 
_refine.ls_number_reflns_obs                     17385 
_refine.ls_number_reflns_R_free                  915 
_refine.ls_number_reflns_R_work                  ? 
_refine.ls_number_restraints                     ? 
_refine.ls_percent_reflns_obs                    99.68 
_refine.ls_percent_reflns_R_free                 5.0 
_refine.ls_R_factor_all                          ? 
_refine.ls_R_factor_obs                          0.19454 
_refine.ls_R_factor_R_free                       0.23764 
_refine.ls_R_factor_R_free_error                 ? 
_refine.ls_R_factor_R_free_error_details         ? 
_refine.ls_R_factor_R_work                       0.19227 
_refine.ls_R_Fsqd_factor_obs                     ? 
_refine.ls_R_I_factor_obs                        ? 
_refine.ls_redundancy_reflns_all                 ? 
_refine.ls_redundancy_reflns_obs                 ? 
_refine.ls_restrained_S_all                      ? 
_refine.ls_restrained_S_obs                      ? 
_refine.ls_shift_over_esd_max                    ? 
_refine.ls_shift_over_esd_mean                   ? 
_refine.ls_structure_factor_coef                 ? 
_refine.ls_weighting_details                     ? 
_refine.ls_weighting_scheme                      ? 
_refine.ls_wR_factor_all                         ? 
_refine.ls_wR_factor_obs                         ? 
_refine.ls_wR_factor_R_free                      ? 
_refine.ls_wR_factor_R_work                      ? 
_refine.occupancy_max                            ? 
_refine.occupancy_min                            ? 
_refine.solvent_model_details                    ? 
_refine.solvent_model_param_bsol                 ? 
_refine.solvent_model_param_ksol                 ? 
_refine.ls_R_factor_gt                           ? 
_refine.ls_goodness_of_fit_gt                    ? 
_refine.ls_goodness_of_fit_ref                   ? 
_refine.ls_shift_over_su_max                     ? 
_refine.ls_shift_over_su_max_lt                  ? 
_refine.ls_shift_over_su_mean                    ? 
_refine.ls_shift_over_su_mean_lt                 ? 
_refine.pdbx_ls_sigma_I                          ? 
_refine.pdbx_ls_sigma_F                          ? 
_refine.pdbx_ls_sigma_Fsqd                       ? 
_refine.pdbx_data_cutoff_high_absF               ? 
_refine.pdbx_data_cutoff_high_rms_absF           ? 
_refine.pdbx_data_cutoff_low_absF                ? 
_refine.pdbx_isotropic_thermal_model             ? 
_refine.pdbx_ls_cross_valid_method               THROUGHOUT 
_refine.pdbx_method_to_determine_struct          ? 
_refine.pdbx_starting_model                      ? 
_refine.pdbx_stereochemistry_target_values       ? 
_refine.pdbx_R_Free_selection_details            RANDOM 
_refine.pdbx_stereochem_target_val_spec_case     ? 
_refine.pdbx_overall_ESU_R                       0.142 
_refine.pdbx_overall_ESU_R_Free                  0.142 
_refine.pdbx_solvent_vdw_probe_radii             1.20 
_refine.pdbx_solvent_ion_probe_radii             0.80 
_refine.pdbx_solvent_shrinkage_radii             0.80 
_refine.pdbx_real_space_R                        ? 
_refine.pdbx_density_correlation                 ? 
_refine.pdbx_pd_number_of_powder_patterns        ? 
_refine.pdbx_pd_number_of_points                 ? 
_refine.pdbx_pd_meas_number_of_points            ? 
_refine.pdbx_pd_proc_ls_prof_R_factor            ? 
_refine.pdbx_pd_proc_ls_prof_wR_factor           ? 
_refine.pdbx_pd_Marquardt_correlation_coeff      ? 
_refine.pdbx_pd_Fsqrd_R_factor                   ? 
_refine.pdbx_pd_ls_matrix_band_width             ? 
_refine.pdbx_overall_phase_error                 ? 
_refine.pdbx_overall_SU_R_free_Cruickshank_DPI   ? 
_refine.pdbx_overall_SU_R_free_Blow_DPI          ? 
_refine.pdbx_overall_SU_R_Blow_DPI               ? 
_refine.pdbx_TLS_residual_ADP_flag               ? 
_refine.pdbx_diffrn_id                           1 
_refine.overall_SU_B                             3.389 
_refine.overall_SU_ML                            0.095 
_refine.overall_SU_R_Cruickshank_DPI             ? 
_refine.overall_SU_R_free                        ? 
_refine.overall_FOM_free_R_set                   ? 
_refine.overall_FOM_work_R_set                   ? 
_refine.pdbx_average_fsc_overall                 ? 
_refine.pdbx_average_fsc_work                    ? 
_refine.pdbx_average_fsc_free                    ? 
# 
_refine_hist.pdbx_refine_id                   'X-RAY DIFFRACTION' 
_refine_hist.cycle_id                         1 
_refine_hist.pdbx_number_atoms_protein        1470 
_refine_hist.pdbx_number_atoms_nucleic_acid   0 
_refine_hist.pdbx_number_atoms_ligand         16 
_refine_hist.number_atoms_solvent             43 
_refine_hist.number_atoms_total               1529 
_refine_hist.d_res_high                       1.98 
_refine_hist.d_res_low                        43.03 
# 
loop_
_refine_ls_restr.pdbx_refine_id 
_refine_ls_restr.criterion 
_refine_ls_restr.dev_ideal 
_refine_ls_restr.dev_ideal_target 
_refine_ls_restr.number 
_refine_ls_restr.rejects 
_refine_ls_restr.type 
_refine_ls_restr.weight 
_refine_ls_restr.pdbx_restraint_function 
'X-RAY DIFFRACTION' ? 0.011  0.013  1515 ? r_bond_refined_d             ? ? 
'X-RAY DIFFRACTION' ? 0.001  0.017  1404 ? r_bond_other_d               ? ? 
'X-RAY DIFFRACTION' ? 1.654  1.656  2064 ? r_angle_refined_deg          ? ? 
'X-RAY DIFFRACTION' ? 1.497  1.579  3228 ? r_angle_other_deg            ? ? 
'X-RAY DIFFRACTION' ? 5.097  5.000  186  ? r_dihedral_angle_1_deg       ? ? 
'X-RAY DIFFRACTION' ? 35.845 21.429 84   ? r_dihedral_angle_2_deg       ? ? 
'X-RAY DIFFRACTION' ? 13.965 15.000 239  ? r_dihedral_angle_3_deg       ? ? 
'X-RAY DIFFRACTION' ? 17.698 15.000 13   ? r_dihedral_angle_4_deg       ? ? 
'X-RAY DIFFRACTION' ? 0.078  0.200  204  ? r_chiral_restr               ? ? 
'X-RAY DIFFRACTION' ? 0.009  0.020  1699 ? r_gen_planes_refined         ? ? 
'X-RAY DIFFRACTION' ? 0.001  0.020  340  ? r_gen_planes_other           ? ? 
'X-RAY DIFFRACTION' ? ?      ?      ?    ? r_nbd_refined                ? ? 
'X-RAY DIFFRACTION' ? ?      ?      ?    ? r_nbd_other                  ? ? 
'X-RAY DIFFRACTION' ? ?      ?      ?    ? r_nbtor_refined              ? ? 
'X-RAY DIFFRACTION' ? ?      ?      ?    ? r_nbtor_other                ? ? 
'X-RAY DIFFRACTION' ? ?      ?      ?    ? r_xyhbond_nbd_refined        ? ? 
'X-RAY DIFFRACTION' ? ?      ?      ?    ? r_xyhbond_nbd_other          ? ? 
'X-RAY DIFFRACTION' ? ?      ?      ?    ? r_metal_ion_refined          ? ? 
'X-RAY DIFFRACTION' ? ?      ?      ?    ? r_metal_ion_other            ? ? 
'X-RAY DIFFRACTION' ? ?      ?      ?    ? r_symmetry_vdw_refined       ? ? 
'X-RAY DIFFRACTION' ? ?      ?      ?    ? r_symmetry_vdw_other         ? ? 
'X-RAY DIFFRACTION' ? ?      ?      ?    ? r_symmetry_hbond_refined     ? ? 
'X-RAY DIFFRACTION' ? ?      ?      ?    ? r_symmetry_hbond_other       ? ? 
'X-RAY DIFFRACTION' ? ?      ?      ?    ? r_symmetry_metal_ion_refined ? ? 
'X-RAY DIFFRACTION' ? ?      ?      ?    ? r_symmetry_metal_ion_other   ? ? 
'X-RAY DIFFRACTION' ? 2.688  2.907  750  ? r_mcbond_it                  ? ? 
'X-RAY DIFFRACTION' ? 2.647  2.904  749  ? r_mcbond_other               ? ? 
'X-RAY DIFFRACTION' ? 3.537  4.338  934  ? r_mcangle_it                 ? ? 
'X-RAY DIFFRACTION' ? 3.539  4.341  935  ? r_mcangle_other              ? ? 
'X-RAY DIFFRACTION' ? 3.509  3.323  765  ? r_scbond_it                  ? ? 
'X-RAY DIFFRACTION' ? 3.507  3.322  766  ? r_scbond_other               ? ? 
'X-RAY DIFFRACTION' ? ?      ?      ?    ? r_scangle_it                 ? ? 
'X-RAY DIFFRACTION' ? 5.277  4.824  1131 ? r_scangle_other              ? ? 
'X-RAY DIFFRACTION' ? 6.317  34.373 1742 ? r_long_range_B_refined       ? ? 
'X-RAY DIFFRACTION' ? 6.296  34.317 1737 ? r_long_range_B_other         ? ? 
'X-RAY DIFFRACTION' ? ?      ?      ?    ? r_rigid_bond_restr           ? ? 
'X-RAY DIFFRACTION' ? ?      ?      ?    ? r_sphericity_free            ? ? 
'X-RAY DIFFRACTION' ? ?      ?      ?    ? r_sphericity_bonded          ? ? 
# 
_refine_ls_shell.pdbx_refine_id                   'X-RAY DIFFRACTION' 
_refine_ls_shell.d_res_high                       1.975 
_refine_ls_shell.d_res_low                        2.026 
_refine_ls_shell.number_reflns_all                ? 
_refine_ls_shell.number_reflns_obs                ? 
_refine_ls_shell.number_reflns_R_free             62 
_refine_ls_shell.number_reflns_R_work             1181 
_refine_ls_shell.percent_reflns_obs               95.98 
_refine_ls_shell.percent_reflns_R_free            ? 
_refine_ls_shell.R_factor_all                     ? 
_refine_ls_shell.R_factor_obs                     ? 
_refine_ls_shell.R_factor_R_free                  0.438 
_refine_ls_shell.R_factor_R_free_error            ? 
_refine_ls_shell.R_factor_R_work                  0.354 
_refine_ls_shell.redundancy_reflns_all            ? 
_refine_ls_shell.redundancy_reflns_obs            ? 
_refine_ls_shell.wR_factor_all                    ? 
_refine_ls_shell.wR_factor_obs                    ? 
_refine_ls_shell.wR_factor_R_free                 ? 
_refine_ls_shell.wR_factor_R_work                 ? 
_refine_ls_shell.pdbx_total_number_of_bins_used   20 
_refine_ls_shell.pdbx_phase_error                 ? 
_refine_ls_shell.pdbx_fsc_work                    ? 
_refine_ls_shell.pdbx_fsc_free                    ? 
# 
_struct.entry_id                     6HO8 
_struct.title                        'TRANSCRIPTIONAL REPRESSOR ETHR FROM MYCOBACTERIUM TUBERCULOSIS IN COMPLEX WITH BDM44815' 
_struct.pdbx_model_details           ? 
_struct.pdbx_formula_weight          ? 
_struct.pdbx_formula_weight_method   ? 
_struct.pdbx_model_type_details      ? 
_struct.pdbx_CASP_flag               N 
# 
_struct_keywords.entry_id        6HO8 
_struct_keywords.text            
'HELIX-TURN-HELIX, DNA BINDING PROTEIN, TETR-FAMILY, COMPLEX, INHIBITOR, DRUG DESIGN, TUBERCULOSIS, ETHIONAMIDE' 
_struct_keywords.pdbx_keywords   'DNA BINDING PROTEIN' 
# 
loop_
_struct_asym.id 
_struct_asym.pdbx_blank_PDB_chainid_flag 
_struct_asym.pdbx_modified 
_struct_asym.entity_id 
_struct_asym.details 
A N N 1 ? 
B N N 2 ? 
C N N 3 ? 
# 
_struct_ref.id                         1 
_struct_ref.db_name                    UNP 
_struct_ref.db_code                    ETHR_MYCTO 
_struct_ref.pdbx_db_accession          P9WMC0 
_struct_ref.pdbx_db_isoform            ? 
_struct_ref.entity_id                  1 
_struct_ref.pdbx_seq_one_letter_code   
;MTTSAASQASLPRGRRTARPSGDDRELAILATAENLLEDRPLADISVDDLAKGAGISRPTFYFYFPSKEAVLLTLLDRVV
NQADMALQTLAENPADTDRENMWRTGINVFFETFGSHKAVTRAGQAARATSVEVAELWSTFMQKWIAYTAAVIDAERDRG
AAPRTLPAHELATALNLMNERTLFASFAGEQPSVPEARVLDTLVHIWVTSIYGENR
;
_struct_ref.pdbx_align_begin           1 
# 
_struct_ref_seq.align_id                      1 
_struct_ref_seq.ref_id                        1 
_struct_ref_seq.pdbx_PDB_id_code              6HO8 
_struct_ref_seq.pdbx_strand_id                A 
_struct_ref_seq.seq_align_beg                 13 
_struct_ref_seq.pdbx_seq_align_beg_ins_code   ? 
_struct_ref_seq.seq_align_end                 228 
_struct_ref_seq.pdbx_seq_align_end_ins_code   ? 
_struct_ref_seq.pdbx_db_accession             P9WMC0 
_struct_ref_seq.db_align_beg                  1 
_struct_ref_seq.pdbx_db_align_beg_ins_code    ? 
_struct_ref_seq.db_align_end                  216 
_struct_ref_seq.pdbx_db_align_end_ins_code    ? 
_struct_ref_seq.pdbx_auth_seq_align_beg       1 
_struct_ref_seq.pdbx_auth_seq_align_end       216 
# 
loop_
_struct_ref_seq_dif.align_id 
_struct_ref_seq_dif.pdbx_pdb_id_code 
_struct_ref_seq_dif.mon_id 
_struct_ref_seq_dif.pdbx_pdb_strand_id 
_struct_ref_seq_dif.seq_num 
_struct_ref_seq_dif.pdbx_pdb_ins_code 
_struct_ref_seq_dif.pdbx_seq_db_name 
_struct_ref_seq_dif.pdbx_seq_db_accession_code 
_struct_ref_seq_dif.db_mon_id 
_struct_ref_seq_dif.pdbx_seq_db_seq_num 
_struct_ref_seq_dif.details 
_struct_ref_seq_dif.pdbx_auth_seq_num 
_struct_ref_seq_dif.pdbx_ordinal 
1 6HO8 MET A 1  ? UNP P9WMC0 ? ? 'initiating methionine' -11 1  
1 6HO8 THR A 2  ? UNP P9WMC0 ? ? 'expression tag'        -10 2  
1 6HO8 THR A 3  ? UNP P9WMC0 ? ? 'expression tag'        -9  3  
1 6HO8 SER A 4  ? UNP P9WMC0 ? ? 'expression tag'        -8  4  
1 6HO8 ALA A 5  ? UNP P9WMC0 ? ? 'expression tag'        -7  5  
1 6HO8 ALA A 6  ? UNP P9WMC0 ? ? 'expression tag'        -6  6  
1 6HO8 SER A 7  ? UNP P9WMC0 ? ? 'expression tag'        -5  7  
1 6HO8 GLN A 8  ? UNP P9WMC0 ? ? 'expression tag'        -4  8  
1 6HO8 ALA A 9  ? UNP P9WMC0 ? ? 'expression tag'        -3  9  
1 6HO8 SER A 10 ? UNP P9WMC0 ? ? 'expression tag'        -2  10 
1 6HO8 LEU A 11 ? UNP P9WMC0 ? ? 'expression tag'        -1  11 
1 6HO8 PRO A 12 ? UNP P9WMC0 ? ? 'expression tag'        0   12 
# 
_pdbx_struct_assembly.id                   1 
_pdbx_struct_assembly.details              author_and_software_defined_assembly 
_pdbx_struct_assembly.method_details       PISA 
_pdbx_struct_assembly.oligomeric_details   dimeric 
_pdbx_struct_assembly.oligomeric_count     2 
# 
loop_
_pdbx_struct_assembly_prop.biol_id 
_pdbx_struct_assembly_prop.type 
_pdbx_struct_assembly_prop.value 
_pdbx_struct_assembly_prop.details 
1 'ABSA (A^2)' 2740  ? 
1 MORE         -21   ? 
1 'SSA (A^2)'  16780 ? 
# 
_pdbx_struct_assembly_gen.assembly_id       1 
_pdbx_struct_assembly_gen.oper_expression   1,2 
_pdbx_struct_assembly_gen.asym_id_list      A,B,C 
# 
_pdbx_struct_assembly_auth_evidence.id                     1 
_pdbx_struct_assembly_auth_evidence.assembly_id            1 
_pdbx_struct_assembly_auth_evidence.experimental_support   none 
_pdbx_struct_assembly_auth_evidence.details                ? 
# 
loop_
_pdbx_struct_oper_list.id 
_pdbx_struct_oper_list.type 
_pdbx_struct_oper_list.name 
_pdbx_struct_oper_list.symmetry_operation 
_pdbx_struct_oper_list.matrix[1][1] 
_pdbx_struct_oper_list.matrix[1][2] 
_pdbx_struct_oper_list.matrix[1][3] 
_pdbx_struct_oper_list.vector[1] 
_pdbx_struct_oper_list.matrix[2][1] 
_pdbx_struct_oper_list.matrix[2][2] 
_pdbx_struct_oper_list.matrix[2][3] 
_pdbx_struct_oper_list.vector[2] 
_pdbx_struct_oper_list.matrix[3][1] 
_pdbx_struct_oper_list.matrix[3][2] 
_pdbx_struct_oper_list.matrix[3][3] 
_pdbx_struct_oper_list.vector[3] 
1 'identity operation'         1_555 x,y,z        1.0000000000  0.0000000000 0.0000000000  0.0000000000   0.0000000000 1.0000000000 0.0000000000  0.0000000000 0.0000000000  0.0000000000  1.0000000000  0.0000000000   
2 'crystal symmetry operation' 8_554 -y,-x,-z-1/2 -0.3907006015 0.8251786487 -0.4079622993 -16.5392383039 0.8251786487 0.1175455023 -0.5525063371 3.3044040198 -0.4079622993 -0.5525063371 -0.7268449008 -18.0179009655 
# 
loop_
_struct_conf.conf_type_id 
_struct_conf.id 
_struct_conf.pdbx_PDB_helix_id 
_struct_conf.beg_label_comp_id 
_struct_conf.beg_label_asym_id 
_struct_conf.beg_label_seq_id 
_struct_conf.pdbx_beg_PDB_ins_code 
_struct_conf.end_label_comp_id 
_struct_conf.end_label_asym_id 
_struct_conf.end_label_seq_id 
_struct_conf.pdbx_end_PDB_ins_code 
_struct_conf.beg_auth_comp_id 
_struct_conf.beg_auth_asym_id 
_struct_conf.beg_auth_seq_id 
_struct_conf.end_auth_comp_id 
_struct_conf.end_auth_asym_id 
_struct_conf.end_auth_seq_id 
_struct_conf.pdbx_PDB_helix_class 
_struct_conf.details 
_struct_conf.pdbx_PDB_helix_length 
HELX_P HELX_P1  AA1 ASP A 36  ? GLU A 50  ? ASP A 24  GLU A 38  1 ? 15 
HELX_P HELX_P2  AA2 PRO A 53  ? ILE A 57  ? PRO A 41  ILE A 45  5 ? 5  
HELX_P HELX_P3  AA3 SER A 58  ? GLY A 67  ? SER A 46  GLY A 55  1 ? 10 
HELX_P HELX_P4  AA4 SER A 69  ? PHE A 77  ? SER A 57  PHE A 65  1 ? 9  
HELX_P HELX_P5  AA5 SER A 79  ? GLU A 104 ? SER A 67  GLU A 92  1 ? 26 
HELX_P HELX_P6  AA6 ASP A 110 ? SER A 128 ? ASP A 98  SER A 116 1 ? 19 
HELX_P HELX_P7  AA7 HIS A 129 ? ARG A 140 ? HIS A 117 ARG A 128 1 ? 12 
HELX_P HELX_P8  AA8 SER A 143 ? ARG A 171 ? SER A 131 ARG A 159 1 ? 29 
HELX_P HELX_P9  AA9 PRO A 179 ? ALA A 200 ? PRO A 167 ALA A 188 1 ? 22 
HELX_P HELX_P10 AB1 PRO A 207 ? GLY A 225 ? PRO A 195 GLY A 213 1 ? 19 
# 
_struct_conf_type.id          HELX_P 
_struct_conf_type.criteria    ? 
_struct_conf_type.reference   ? 
# 
_struct_mon_prot_cis.pdbx_id                1 
_struct_mon_prot_cis.label_comp_id          GLN 
_struct_mon_prot_cis.label_seq_id           203 
_struct_mon_prot_cis.label_asym_id          A 
_struct_mon_prot_cis.label_alt_id           . 
_struct_mon_prot_cis.pdbx_PDB_ins_code      ? 
_struct_mon_prot_cis.auth_comp_id           GLN 
_struct_mon_prot_cis.auth_seq_id            191 
_struct_mon_prot_cis.auth_asym_id           A 
_struct_mon_prot_cis.pdbx_label_comp_id_2   PRO 
_struct_mon_prot_cis.pdbx_label_seq_id_2    204 
_struct_mon_prot_cis.pdbx_label_asym_id_2   A 
_struct_mon_prot_cis.pdbx_PDB_ins_code_2    ? 
_struct_mon_prot_cis.pdbx_auth_comp_id_2    PRO 
_struct_mon_prot_cis.pdbx_auth_seq_id_2     192 
_struct_mon_prot_cis.pdbx_auth_asym_id_2    A 
_struct_mon_prot_cis.pdbx_PDB_model_num     1 
_struct_mon_prot_cis.pdbx_omega_angle       3.57 
# 
_struct_site.id                   AC1 
_struct_site.pdbx_evidence_code   Software 
_struct_site.pdbx_auth_asym_id    A 
_struct_site.pdbx_auth_comp_id    GG8 
_struct_site.pdbx_auth_seq_id     301 
_struct_site.pdbx_auth_ins_code   ? 
_struct_site.pdbx_num_residues    9 
_struct_site.details              'binding site for residue GG8 A 301' 
# 
loop_
_struct_site_gen.id 
_struct_site_gen.site_id 
_struct_site_gen.pdbx_num_res 
_struct_site_gen.label_comp_id 
_struct_site_gen.label_asym_id 
_struct_site_gen.label_seq_id 
_struct_site_gen.pdbx_auth_ins_code 
_struct_site_gen.auth_comp_id 
_struct_site_gen.auth_asym_id 
_struct_site_gen.auth_seq_id 
_struct_site_gen.label_atom_id 
_struct_site_gen.label_alt_id 
_struct_site_gen.symmetry 
_struct_site_gen.details 
1 AC1 9 PHE A 122 ? PHE A 110 . ? 1_555 ? 
2 AC1 9 TRP A 150 ? TRP A 138 . ? 1_555 ? 
3 AC1 9 TRP A 157 ? TRP A 145 . ? 1_555 ? 
4 AC1 9 THR A 161 ? THR A 149 . ? 1_555 ? 
5 AC1 9 ASN A 188 ? ASN A 176 . ? 1_555 ? 
6 AC1 9 ASN A 191 ? ASN A 179 . ? 1_555 ? 
7 AC1 9 GLU A 192 ? GLU A 180 . ? 1_555 ? 
8 AC1 9 LEU A 195 ? LEU A 183 . ? 1_555 ? 
9 AC1 9 TRP A 219 ? TRP A 207 . ? 1_555 ? 
# 
_pdbx_validate_torsion.id              1 
_pdbx_validate_torsion.PDB_model_num   1 
_pdbx_validate_torsion.auth_comp_id    THR 
_pdbx_validate_torsion.auth_asym_id    A 
_pdbx_validate_torsion.auth_seq_id     165 
_pdbx_validate_torsion.PDB_ins_code    ? 
_pdbx_validate_torsion.label_alt_id    ? 
_pdbx_validate_torsion.phi             -104.56 
_pdbx_validate_torsion.psi             -106.85 
# 
_pdbx_struct_special_symmetry.id              1 
_pdbx_struct_special_symmetry.PDB_model_num   1 
_pdbx_struct_special_symmetry.auth_asym_id    A 
_pdbx_struct_special_symmetry.auth_comp_id    HOH 
_pdbx_struct_special_symmetry.auth_seq_id     409 
_pdbx_struct_special_symmetry.PDB_ins_code    ? 
_pdbx_struct_special_symmetry.label_asym_id   C 
_pdbx_struct_special_symmetry.label_comp_id   HOH 
_pdbx_struct_special_symmetry.label_seq_id    . 
# 
loop_
_pdbx_unobs_or_zero_occ_residues.id 
_pdbx_unobs_or_zero_occ_residues.PDB_model_num 
_pdbx_unobs_or_zero_occ_residues.polymer_flag 
_pdbx_unobs_or_zero_occ_residues.occupancy_flag 
_pdbx_unobs_or_zero_occ_residues.auth_asym_id 
_pdbx_unobs_or_zero_occ_residues.auth_comp_id 
_pdbx_unobs_or_zero_occ_residues.auth_seq_id 
_pdbx_unobs_or_zero_occ_residues.PDB_ins_code 
_pdbx_unobs_or_zero_occ_residues.label_asym_id 
_pdbx_unobs_or_zero_occ_residues.label_comp_id 
_pdbx_unobs_or_zero_occ_residues.label_seq_id 
1  1 Y 1 A MET -11 ? A MET 1   
2  1 Y 1 A THR -10 ? A THR 2   
3  1 Y 1 A THR -9  ? A THR 3   
4  1 Y 1 A SER -8  ? A SER 4   
5  1 Y 1 A ALA -7  ? A ALA 5   
6  1 Y 1 A ALA -6  ? A ALA 6   
7  1 Y 1 A SER -5  ? A SER 7   
8  1 Y 1 A GLN -4  ? A GLN 8   
9  1 Y 1 A ALA -3  ? A ALA 9   
10 1 Y 1 A SER -2  ? A SER 10  
11 1 Y 1 A LEU -1  ? A LEU 11  
12 1 Y 1 A PRO 0   ? A PRO 12  
13 1 Y 1 A MET 1   ? A MET 13  
14 1 Y 1 A THR 2   ? A THR 14  
15 1 Y 1 A THR 3   ? A THR 15  
16 1 Y 1 A SER 4   ? A SER 16  
17 1 Y 1 A ALA 5   ? A ALA 17  
18 1 Y 1 A ALA 6   ? A ALA 18  
19 1 Y 1 A SER 7   ? A SER 19  
20 1 Y 1 A GLN 8   ? A GLN 20  
21 1 Y 1 A ALA 9   ? A ALA 21  
22 1 Y 1 A SER 10  ? A SER 22  
23 1 Y 1 A LEU 11  ? A LEU 23  
24 1 Y 1 A PRO 12  ? A PRO 24  
25 1 Y 1 A ARG 13  ? A ARG 25  
26 1 Y 1 A GLY 14  ? A GLY 26  
27 1 Y 1 A ARG 15  ? A ARG 27  
28 1 Y 1 A ARG 16  ? A ARG 28  
29 1 Y 1 A THR 17  ? A THR 29  
30 1 Y 1 A ALA 18  ? A ALA 30  
31 1 Y 1 A ARG 19  ? A ARG 31  
32 1 Y 1 A PRO 20  ? A PRO 32  
33 1 Y 1 A SER 21  ? A SER 33  
34 1 Y 1 A GLY 22  ? A GLY 34  
35 1 Y 1 A ASP 23  ? A ASP 35  
36 1 Y 1 A PRO 94  ? A PRO 106 
37 1 Y 1 A ALA 95  ? A ALA 107 
38 1 Y 1 A ASP 96  ? A ASP 108 
39 1 Y 1 A ASN 215 ? A ASN 227 
40 1 Y 1 A ARG 216 ? A ARG 228 
# 
loop_
_chem_comp_atom.comp_id 
_chem_comp_atom.atom_id 
_chem_comp_atom.type_symbol 
_chem_comp_atom.pdbx_aromatic_flag 
_chem_comp_atom.pdbx_stereo_config 
_chem_comp_atom.pdbx_ordinal 
ALA N    N N N 1   
ALA CA   C N S 2   
ALA C    C N N 3   
ALA O    O N N 4   
ALA CB   C N N 5   
ALA OXT  O N N 6   
ALA H    H N N 7   
ALA H2   H N N 8   
ALA HA   H N N 9   
ALA HB1  H N N 10  
ALA HB2  H N N 11  
ALA HB3  H N N 12  
ALA HXT  H N N 13  
ARG N    N N N 14  
ARG CA   C N S 15  
ARG C    C N N 16  
ARG O    O N N 17  
ARG CB   C N N 18  
ARG CG   C N N 19  
ARG CD   C N N 20  
ARG NE   N N N 21  
ARG CZ   C N N 22  
ARG NH1  N N N 23  
ARG NH2  N N N 24  
ARG OXT  O N N 25  
ARG H    H N N 26  
ARG H2   H N N 27  
ARG HA   H N N 28  
ARG HB2  H N N 29  
ARG HB3  H N N 30  
ARG HG2  H N N 31  
ARG HG3  H N N 32  
ARG HD2  H N N 33  
ARG HD3  H N N 34  
ARG HE   H N N 35  
ARG HH11 H N N 36  
ARG HH12 H N N 37  
ARG HH21 H N N 38  
ARG HH22 H N N 39  
ARG HXT  H N N 40  
ASN N    N N N 41  
ASN CA   C N S 42  
ASN C    C N N 43  
ASN O    O N N 44  
ASN CB   C N N 45  
ASN CG   C N N 46  
ASN OD1  O N N 47  
ASN ND2  N N N 48  
ASN OXT  O N N 49  
ASN H    H N N 50  
ASN H2   H N N 51  
ASN HA   H N N 52  
ASN HB2  H N N 53  
ASN HB3  H N N 54  
ASN HD21 H N N 55  
ASN HD22 H N N 56  
ASN HXT  H N N 57  
ASP N    N N N 58  
ASP CA   C N S 59  
ASP C    C N N 60  
ASP O    O N N 61  
ASP CB   C N N 62  
ASP CG   C N N 63  
ASP OD1  O N N 64  
ASP OD2  O N N 65  
ASP OXT  O N N 66  
ASP H    H N N 67  
ASP H2   H N N 68  
ASP HA   H N N 69  
ASP HB2  H N N 70  
ASP HB3  H N N 71  
ASP HD2  H N N 72  
ASP HXT  H N N 73  
GG8 C4   C Y N 74  
GG8 C5   C Y N 75  
GG8 C6   C Y N 76  
GG8 C7   C Y N 77  
GG8 C8   C Y N 78  
GG8 C9   C Y N 79  
GG8 N1   N N N 80  
GG8 C3   C N N 81  
GG8 F1   F N N 82  
GG8 C1   C N N 83  
GG8 F2   F N N 84  
GG8 F3   F N N 85  
GG8 C2   C N N 86  
GG8 S1   S N N 87  
GG8 O1   O N N 88  
GG8 O2   O N N 89  
GG8 H1   H N N 90  
GG8 H2   H N N 91  
GG8 H3   H N N 92  
GG8 H4   H N N 93  
GG8 H5   H N N 94  
GG8 H6   H N N 95  
GG8 H7   H N N 96  
GG8 H8   H N N 97  
GG8 H9   H N N 98  
GG8 H10  H N N 99  
GLN N    N N N 100 
GLN CA   C N S 101 
GLN C    C N N 102 
GLN O    O N N 103 
GLN CB   C N N 104 
GLN CG   C N N 105 
GLN CD   C N N 106 
GLN OE1  O N N 107 
GLN NE2  N N N 108 
GLN OXT  O N N 109 
GLN H    H N N 110 
GLN H2   H N N 111 
GLN HA   H N N 112 
GLN HB2  H N N 113 
GLN HB3  H N N 114 
GLN HG2  H N N 115 
GLN HG3  H N N 116 
GLN HE21 H N N 117 
GLN HE22 H N N 118 
GLN HXT  H N N 119 
GLU N    N N N 120 
GLU CA   C N S 121 
GLU C    C N N 122 
GLU O    O N N 123 
GLU CB   C N N 124 
GLU CG   C N N 125 
GLU CD   C N N 126 
GLU OE1  O N N 127 
GLU OE2  O N N 128 
GLU OXT  O N N 129 
GLU H    H N N 130 
GLU H2   H N N 131 
GLU HA   H N N 132 
GLU HB2  H N N 133 
GLU HB3  H N N 134 
GLU HG2  H N N 135 
GLU HG3  H N N 136 
GLU HE2  H N N 137 
GLU HXT  H N N 138 
GLY N    N N N 139 
GLY CA   C N N 140 
GLY C    C N N 141 
GLY O    O N N 142 
GLY OXT  O N N 143 
GLY H    H N N 144 
GLY H2   H N N 145 
GLY HA2  H N N 146 
GLY HA3  H N N 147 
GLY HXT  H N N 148 
HIS N    N N N 149 
HIS CA   C N S 150 
HIS C    C N N 151 
HIS O    O N N 152 
HIS CB   C N N 153 
HIS CG   C Y N 154 
HIS ND1  N Y N 155 
HIS CD2  C Y N 156 
HIS CE1  C Y N 157 
HIS NE2  N Y N 158 
HIS OXT  O N N 159 
HIS H    H N N 160 
HIS H2   H N N 161 
HIS HA   H N N 162 
HIS HB2  H N N 163 
HIS HB3  H N N 164 
HIS HD1  H N N 165 
HIS HD2  H N N 166 
HIS HE1  H N N 167 
HIS HE2  H N N 168 
HIS HXT  H N N 169 
HOH O    O N N 170 
HOH H1   H N N 171 
HOH H2   H N N 172 
ILE N    N N N 173 
ILE CA   C N S 174 
ILE C    C N N 175 
ILE O    O N N 176 
ILE CB   C N S 177 
ILE CG1  C N N 178 
ILE CG2  C N N 179 
ILE CD1  C N N 180 
ILE OXT  O N N 181 
ILE H    H N N 182 
ILE H2   H N N 183 
ILE HA   H N N 184 
ILE HB   H N N 185 
ILE HG12 H N N 186 
ILE HG13 H N N 187 
ILE HG21 H N N 188 
ILE HG22 H N N 189 
ILE HG23 H N N 190 
ILE HD11 H N N 191 
ILE HD12 H N N 192 
ILE HD13 H N N 193 
ILE HXT  H N N 194 
LEU N    N N N 195 
LEU CA   C N S 196 
LEU C    C N N 197 
LEU O    O N N 198 
LEU CB   C N N 199 
LEU CG   C N N 200 
LEU CD1  C N N 201 
LEU CD2  C N N 202 
LEU OXT  O N N 203 
LEU H    H N N 204 
LEU H2   H N N 205 
LEU HA   H N N 206 
LEU HB2  H N N 207 
LEU HB3  H N N 208 
LEU HG   H N N 209 
LEU HD11 H N N 210 
LEU HD12 H N N 211 
LEU HD13 H N N 212 
LEU HD21 H N N 213 
LEU HD22 H N N 214 
LEU HD23 H N N 215 
LEU HXT  H N N 216 
LYS N    N N N 217 
LYS CA   C N S 218 
LYS C    C N N 219 
LYS O    O N N 220 
LYS CB   C N N 221 
LYS CG   C N N 222 
LYS CD   C N N 223 
LYS CE   C N N 224 
LYS NZ   N N N 225 
LYS OXT  O N N 226 
LYS H    H N N 227 
LYS H2   H N N 228 
LYS HA   H N N 229 
LYS HB2  H N N 230 
LYS HB3  H N N 231 
LYS HG2  H N N 232 
LYS HG3  H N N 233 
LYS HD2  H N N 234 
LYS HD3  H N N 235 
LYS HE2  H N N 236 
LYS HE3  H N N 237 
LYS HZ1  H N N 238 
LYS HZ2  H N N 239 
LYS HZ3  H N N 240 
LYS HXT  H N N 241 
MET N    N N N 242 
MET CA   C N S 243 
MET C    C N N 244 
MET O    O N N 245 
MET CB   C N N 246 
MET CG   C N N 247 
MET SD   S N N 248 
MET CE   C N N 249 
MET OXT  O N N 250 
MET H    H N N 251 
MET H2   H N N 252 
MET HA   H N N 253 
MET HB2  H N N 254 
MET HB3  H N N 255 
MET HG2  H N N 256 
MET HG3  H N N 257 
MET HE1  H N N 258 
MET HE2  H N N 259 
MET HE3  H N N 260 
MET HXT  H N N 261 
PHE N    N N N 262 
PHE CA   C N S 263 
PHE C    C N N 264 
PHE O    O N N 265 
PHE CB   C N N 266 
PHE CG   C Y N 267 
PHE CD1  C Y N 268 
PHE CD2  C Y N 269 
PHE CE1  C Y N 270 
PHE CE2  C Y N 271 
PHE CZ   C Y N 272 
PHE OXT  O N N 273 
PHE H    H N N 274 
PHE H2   H N N 275 
PHE HA   H N N 276 
PHE HB2  H N N 277 
PHE HB3  H N N 278 
PHE HD1  H N N 279 
PHE HD2  H N N 280 
PHE HE1  H N N 281 
PHE HE2  H N N 282 
PHE HZ   H N N 283 
PHE HXT  H N N 284 
PRO N    N N N 285 
PRO CA   C N S 286 
PRO C    C N N 287 
PRO O    O N N 288 
PRO CB   C N N 289 
PRO CG   C N N 290 
PRO CD   C N N 291 
PRO OXT  O N N 292 
PRO H    H N N 293 
PRO HA   H N N 294 
PRO HB2  H N N 295 
PRO HB3  H N N 296 
PRO HG2  H N N 297 
PRO HG3  H N N 298 
PRO HD2  H N N 299 
PRO HD3  H N N 300 
PRO HXT  H N N 301 
SER N    N N N 302 
SER CA   C N S 303 
SER C    C N N 304 
SER O    O N N 305 
SER CB   C N N 306 
SER OG   O N N 307 
SER OXT  O N N 308 
SER H    H N N 309 
SER H2   H N N 310 
SER HA   H N N 311 
SER HB2  H N N 312 
SER HB3  H N N 313 
SER HG   H N N 314 
SER HXT  H N N 315 
THR N    N N N 316 
THR CA   C N S 317 
THR C    C N N 318 
THR O    O N N 319 
THR CB   C N R 320 
THR OG1  O N N 321 
THR CG2  C N N 322 
THR OXT  O N N 323 
THR H    H N N 324 
THR H2   H N N 325 
THR HA   H N N 326 
THR HB   H N N 327 
THR HG1  H N N 328 
THR HG21 H N N 329 
THR HG22 H N N 330 
THR HG23 H N N 331 
THR HXT  H N N 332 
TRP N    N N N 333 
TRP CA   C N S 334 
TRP C    C N N 335 
TRP O    O N N 336 
TRP CB   C N N 337 
TRP CG   C Y N 338 
TRP CD1  C Y N 339 
TRP CD2  C Y N 340 
TRP NE1  N Y N 341 
TRP CE2  C Y N 342 
TRP CE3  C Y N 343 
TRP CZ2  C Y N 344 
TRP CZ3  C Y N 345 
TRP CH2  C Y N 346 
TRP OXT  O N N 347 
TRP H    H N N 348 
TRP H2   H N N 349 
TRP HA   H N N 350 
TRP HB2  H N N 351 
TRP HB3  H N N 352 
TRP HD1  H N N 353 
TRP HE1  H N N 354 
TRP HE3  H N N 355 
TRP HZ2  H N N 356 
TRP HZ3  H N N 357 
TRP HH2  H N N 358 
TRP HXT  H N N 359 
TYR N    N N N 360 
TYR CA   C N S 361 
TYR C    C N N 362 
TYR O    O N N 363 
TYR CB   C N N 364 
TYR CG   C Y N 365 
TYR CD1  C Y N 366 
TYR CD2  C Y N 367 
TYR CE1  C Y N 368 
TYR CE2  C Y N 369 
TYR CZ   C Y N 370 
TYR OH   O N N 371 
TYR OXT  O N N 372 
TYR H    H N N 373 
TYR H2   H N N 374 
TYR HA   H N N 375 
TYR HB2  H N N 376 
TYR HB3  H N N 377 
TYR HD1  H N N 378 
TYR HD2  H N N 379 
TYR HE1  H N N 380 
TYR HE2  H N N 381 
TYR HH   H N N 382 
TYR HXT  H N N 383 
VAL N    N N N 384 
VAL CA   C N S 385 
VAL C    C N N 386 
VAL O    O N N 387 
VAL CB   C N N 388 
VAL CG1  C N N 389 
VAL CG2  C N N 390 
VAL OXT  O N N 391 
VAL H    H N N 392 
VAL H2   H N N 393 
VAL HA   H N N 394 
VAL HB   H N N 395 
VAL HG11 H N N 396 
VAL HG12 H N N 397 
VAL HG13 H N N 398 
VAL HG21 H N N 399 
VAL HG22 H N N 400 
VAL HG23 H N N 401 
VAL HXT  H N N 402 
# 
loop_
_chem_comp_bond.comp_id 
_chem_comp_bond.atom_id_1 
_chem_comp_bond.atom_id_2 
_chem_comp_bond.value_order 
_chem_comp_bond.pdbx_aromatic_flag 
_chem_comp_bond.pdbx_stereo_config 
_chem_comp_bond.pdbx_ordinal 
ALA N   CA   sing N N 1   
ALA N   H    sing N N 2   
ALA N   H2   sing N N 3   
ALA CA  C    sing N N 4   
ALA CA  CB   sing N N 5   
ALA CA  HA   sing N N 6   
ALA C   O    doub N N 7   
ALA C   OXT  sing N N 8   
ALA CB  HB1  sing N N 9   
ALA CB  HB2  sing N N 10  
ALA CB  HB3  sing N N 11  
ALA OXT HXT  sing N N 12  
ARG N   CA   sing N N 13  
ARG N   H    sing N N 14  
ARG N   H2   sing N N 15  
ARG CA  C    sing N N 16  
ARG CA  CB   sing N N 17  
ARG CA  HA   sing N N 18  
ARG C   O    doub N N 19  
ARG C   OXT  sing N N 20  
ARG CB  CG   sing N N 21  
ARG CB  HB2  sing N N 22  
ARG CB  HB3  sing N N 23  
ARG CG  CD   sing N N 24  
ARG CG  HG2  sing N N 25  
ARG CG  HG3  sing N N 26  
ARG CD  NE   sing N N 27  
ARG CD  HD2  sing N N 28  
ARG CD  HD3  sing N N 29  
ARG NE  CZ   sing N N 30  
ARG NE  HE   sing N N 31  
ARG CZ  NH1  sing N N 32  
ARG CZ  NH2  doub N N 33  
ARG NH1 HH11 sing N N 34  
ARG NH1 HH12 sing N N 35  
ARG NH2 HH21 sing N N 36  
ARG NH2 HH22 sing N N 37  
ARG OXT HXT  sing N N 38  
ASN N   CA   sing N N 39  
ASN N   H    sing N N 40  
ASN N   H2   sing N N 41  
ASN CA  C    sing N N 42  
ASN CA  CB   sing N N 43  
ASN CA  HA   sing N N 44  
ASN C   O    doub N N 45  
ASN C   OXT  sing N N 46  
ASN CB  CG   sing N N 47  
ASN CB  HB2  sing N N 48  
ASN CB  HB3  sing N N 49  
ASN CG  OD1  doub N N 50  
ASN CG  ND2  sing N N 51  
ASN ND2 HD21 sing N N 52  
ASN ND2 HD22 sing N N 53  
ASN OXT HXT  sing N N 54  
ASP N   CA   sing N N 55  
ASP N   H    sing N N 56  
ASP N   H2   sing N N 57  
ASP CA  C    sing N N 58  
ASP CA  CB   sing N N 59  
ASP CA  HA   sing N N 60  
ASP C   O    doub N N 61  
ASP C   OXT  sing N N 62  
ASP CB  CG   sing N N 63  
ASP CB  HB2  sing N N 64  
ASP CB  HB3  sing N N 65  
ASP CG  OD1  doub N N 66  
ASP CG  OD2  sing N N 67  
ASP OD2 HD2  sing N N 68  
ASP OXT HXT  sing N N 69  
GG8 F2  C1   sing N N 70  
GG8 O2  S1   doub N N 71  
GG8 F1  C1   sing N N 72  
GG8 C1  F3   sing N N 73  
GG8 C1  C2   sing N N 74  
GG8 S1  N1   sing N N 75  
GG8 S1  O1   doub N N 76  
GG8 S1  C4   sing N N 77  
GG8 N1  C3   sing N N 78  
GG8 C5  C4   doub Y N 79  
GG8 C5  C6   sing Y N 80  
GG8 C2  C3   sing N N 81  
GG8 C4  C9   sing Y N 82  
GG8 C6  C7   doub Y N 83  
GG8 C9  C8   doub Y N 84  
GG8 C7  C8   sing Y N 85  
GG8 C5  H1   sing N N 86  
GG8 C6  H2   sing N N 87  
GG8 C7  H3   sing N N 88  
GG8 C8  H4   sing N N 89  
GG8 C9  H5   sing N N 90  
GG8 N1  H6   sing N N 91  
GG8 C3  H7   sing N N 92  
GG8 C3  H8   sing N N 93  
GG8 C2  H9   sing N N 94  
GG8 C2  H10  sing N N 95  
GLN N   CA   sing N N 96  
GLN N   H    sing N N 97  
GLN N   H2   sing N N 98  
GLN CA  C    sing N N 99  
GLN CA  CB   sing N N 100 
GLN CA  HA   sing N N 101 
GLN C   O    doub N N 102 
GLN C   OXT  sing N N 103 
GLN CB  CG   sing N N 104 
GLN CB  HB2  sing N N 105 
GLN CB  HB3  sing N N 106 
GLN CG  CD   sing N N 107 
GLN CG  HG2  sing N N 108 
GLN CG  HG3  sing N N 109 
GLN CD  OE1  doub N N 110 
GLN CD  NE2  sing N N 111 
GLN NE2 HE21 sing N N 112 
GLN NE2 HE22 sing N N 113 
GLN OXT HXT  sing N N 114 
GLU N   CA   sing N N 115 
GLU N   H    sing N N 116 
GLU N   H2   sing N N 117 
GLU CA  C    sing N N 118 
GLU CA  CB   sing N N 119 
GLU CA  HA   sing N N 120 
GLU C   O    doub N N 121 
GLU C   OXT  sing N N 122 
GLU CB  CG   sing N N 123 
GLU CB  HB2  sing N N 124 
GLU CB  HB3  sing N N 125 
GLU CG  CD   sing N N 126 
GLU CG  HG2  sing N N 127 
GLU CG  HG3  sing N N 128 
GLU CD  OE1  doub N N 129 
GLU CD  OE2  sing N N 130 
GLU OE2 HE2  sing N N 131 
GLU OXT HXT  sing N N 132 
GLY N   CA   sing N N 133 
GLY N   H    sing N N 134 
GLY N   H2   sing N N 135 
GLY CA  C    sing N N 136 
GLY CA  HA2  sing N N 137 
GLY CA  HA3  sing N N 138 
GLY C   O    doub N N 139 
GLY C   OXT  sing N N 140 
GLY OXT HXT  sing N N 141 
HIS N   CA   sing N N 142 
HIS N   H    sing N N 143 
HIS N   H2   sing N N 144 
HIS CA  C    sing N N 145 
HIS CA  CB   sing N N 146 
HIS CA  HA   sing N N 147 
HIS C   O    doub N N 148 
HIS C   OXT  sing N N 149 
HIS CB  CG   sing N N 150 
HIS CB  HB2  sing N N 151 
HIS CB  HB3  sing N N 152 
HIS CG  ND1  sing Y N 153 
HIS CG  CD2  doub Y N 154 
HIS ND1 CE1  doub Y N 155 
HIS ND1 HD1  sing N N 156 
HIS CD2 NE2  sing Y N 157 
HIS CD2 HD2  sing N N 158 
HIS CE1 NE2  sing Y N 159 
HIS CE1 HE1  sing N N 160 
HIS NE2 HE2  sing N N 161 
HIS OXT HXT  sing N N 162 
HOH O   H1   sing N N 163 
HOH O   H2   sing N N 164 
ILE N   CA   sing N N 165 
ILE N   H    sing N N 166 
ILE N   H2   sing N N 167 
ILE CA  C    sing N N 168 
ILE CA  CB   sing N N 169 
ILE CA  HA   sing N N 170 
ILE C   O    doub N N 171 
ILE C   OXT  sing N N 172 
ILE CB  CG1  sing N N 173 
ILE CB  CG2  sing N N 174 
ILE CB  HB   sing N N 175 
ILE CG1 CD1  sing N N 176 
ILE CG1 HG12 sing N N 177 
ILE CG1 HG13 sing N N 178 
ILE CG2 HG21 sing N N 179 
ILE CG2 HG22 sing N N 180 
ILE CG2 HG23 sing N N 181 
ILE CD1 HD11 sing N N 182 
ILE CD1 HD12 sing N N 183 
ILE CD1 HD13 sing N N 184 
ILE OXT HXT  sing N N 185 
LEU N   CA   sing N N 186 
LEU N   H    sing N N 187 
LEU N   H2   sing N N 188 
LEU CA  C    sing N N 189 
LEU CA  CB   sing N N 190 
LEU CA  HA   sing N N 191 
LEU C   O    doub N N 192 
LEU C   OXT  sing N N 193 
LEU CB  CG   sing N N 194 
LEU CB  HB2  sing N N 195 
LEU CB  HB3  sing N N 196 
LEU CG  CD1  sing N N 197 
LEU CG  CD2  sing N N 198 
LEU CG  HG   sing N N 199 
LEU CD1 HD11 sing N N 200 
LEU CD1 HD12 sing N N 201 
LEU CD1 HD13 sing N N 202 
LEU CD2 HD21 sing N N 203 
LEU CD2 HD22 sing N N 204 
LEU CD2 HD23 sing N N 205 
LEU OXT HXT  sing N N 206 
LYS N   CA   sing N N 207 
LYS N   H    sing N N 208 
LYS N   H2   sing N N 209 
LYS CA  C    sing N N 210 
LYS CA  CB   sing N N 211 
LYS CA  HA   sing N N 212 
LYS C   O    doub N N 213 
LYS C   OXT  sing N N 214 
LYS CB  CG   sing N N 215 
LYS CB  HB2  sing N N 216 
LYS CB  HB3  sing N N 217 
LYS CG  CD   sing N N 218 
LYS CG  HG2  sing N N 219 
LYS CG  HG3  sing N N 220 
LYS CD  CE   sing N N 221 
LYS CD  HD2  sing N N 222 
LYS CD  HD3  sing N N 223 
LYS CE  NZ   sing N N 224 
LYS CE  HE2  sing N N 225 
LYS CE  HE3  sing N N 226 
LYS NZ  HZ1  sing N N 227 
LYS NZ  HZ2  sing N N 228 
LYS NZ  HZ3  sing N N 229 
LYS OXT HXT  sing N N 230 
MET N   CA   sing N N 231 
MET N   H    sing N N 232 
MET N   H2   sing N N 233 
MET CA  C    sing N N 234 
MET CA  CB   sing N N 235 
MET CA  HA   sing N N 236 
MET C   O    doub N N 237 
MET C   OXT  sing N N 238 
MET CB  CG   sing N N 239 
MET CB  HB2  sing N N 240 
MET CB  HB3  sing N N 241 
MET CG  SD   sing N N 242 
MET CG  HG2  sing N N 243 
MET CG  HG3  sing N N 244 
MET SD  CE   sing N N 245 
MET CE  HE1  sing N N 246 
MET CE  HE2  sing N N 247 
MET CE  HE3  sing N N 248 
MET OXT HXT  sing N N 249 
PHE N   CA   sing N N 250 
PHE N   H    sing N N 251 
PHE N   H2   sing N N 252 
PHE CA  C    sing N N 253 
PHE CA  CB   sing N N 254 
PHE CA  HA   sing N N 255 
PHE C   O    doub N N 256 
PHE C   OXT  sing N N 257 
PHE CB  CG   sing N N 258 
PHE CB  HB2  sing N N 259 
PHE CB  HB3  sing N N 260 
PHE CG  CD1  doub Y N 261 
PHE CG  CD2  sing Y N 262 
PHE CD1 CE1  sing Y N 263 
PHE CD1 HD1  sing N N 264 
PHE CD2 CE2  doub Y N 265 
PHE CD2 HD2  sing N N 266 
PHE CE1 CZ   doub Y N 267 
PHE CE1 HE1  sing N N 268 
PHE CE2 CZ   sing Y N 269 
PHE CE2 HE2  sing N N 270 
PHE CZ  HZ   sing N N 271 
PHE OXT HXT  sing N N 272 
PRO N   CA   sing N N 273 
PRO N   CD   sing N N 274 
PRO N   H    sing N N 275 
PRO CA  C    sing N N 276 
PRO CA  CB   sing N N 277 
PRO CA  HA   sing N N 278 
PRO C   O    doub N N 279 
PRO C   OXT  sing N N 280 
PRO CB  CG   sing N N 281 
PRO CB  HB2  sing N N 282 
PRO CB  HB3  sing N N 283 
PRO CG  CD   sing N N 284 
PRO CG  HG2  sing N N 285 
PRO CG  HG3  sing N N 286 
PRO CD  HD2  sing N N 287 
PRO CD  HD3  sing N N 288 
PRO OXT HXT  sing N N 289 
SER N   CA   sing N N 290 
SER N   H    sing N N 291 
SER N   H2   sing N N 292 
SER CA  C    sing N N 293 
SER CA  CB   sing N N 294 
SER CA  HA   sing N N 295 
SER C   O    doub N N 296 
SER C   OXT  sing N N 297 
SER CB  OG   sing N N 298 
SER CB  HB2  sing N N 299 
SER CB  HB3  sing N N 300 
SER OG  HG   sing N N 301 
SER OXT HXT  sing N N 302 
THR N   CA   sing N N 303 
THR N   H    sing N N 304 
THR N   H2   sing N N 305 
THR CA  C    sing N N 306 
THR CA  CB   sing N N 307 
THR CA  HA   sing N N 308 
THR C   O    doub N N 309 
THR C   OXT  sing N N 310 
THR CB  OG1  sing N N 311 
THR CB  CG2  sing N N 312 
THR CB  HB   sing N N 313 
THR OG1 HG1  sing N N 314 
THR CG2 HG21 sing N N 315 
THR CG2 HG22 sing N N 316 
THR CG2 HG23 sing N N 317 
THR OXT HXT  sing N N 318 
TRP N   CA   sing N N 319 
TRP N   H    sing N N 320 
TRP N   H2   sing N N 321 
TRP CA  C    sing N N 322 
TRP CA  CB   sing N N 323 
TRP CA  HA   sing N N 324 
TRP C   O    doub N N 325 
TRP C   OXT  sing N N 326 
TRP CB  CG   sing N N 327 
TRP CB  HB2  sing N N 328 
TRP CB  HB3  sing N N 329 
TRP CG  CD1  doub Y N 330 
TRP CG  CD2  sing Y N 331 
TRP CD1 NE1  sing Y N 332 
TRP CD1 HD1  sing N N 333 
TRP CD2 CE2  doub Y N 334 
TRP CD2 CE3  sing Y N 335 
TRP NE1 CE2  sing Y N 336 
TRP NE1 HE1  sing N N 337 
TRP CE2 CZ2  sing Y N 338 
TRP CE3 CZ3  doub Y N 339 
TRP CE3 HE3  sing N N 340 
TRP CZ2 CH2  doub Y N 341 
TRP CZ2 HZ2  sing N N 342 
TRP CZ3 CH2  sing Y N 343 
TRP CZ3 HZ3  sing N N 344 
TRP CH2 HH2  sing N N 345 
TRP OXT HXT  sing N N 346 
TYR N   CA   sing N N 347 
TYR N   H    sing N N 348 
TYR N   H2   sing N N 349 
TYR CA  C    sing N N 350 
TYR CA  CB   sing N N 351 
TYR CA  HA   sing N N 352 
TYR C   O    doub N N 353 
TYR C   OXT  sing N N 354 
TYR CB  CG   sing N N 355 
TYR CB  HB2  sing N N 356 
TYR CB  HB3  sing N N 357 
TYR CG  CD1  doub Y N 358 
TYR CG  CD2  sing Y N 359 
TYR CD1 CE1  sing Y N 360 
TYR CD1 HD1  sing N N 361 
TYR CD2 CE2  doub Y N 362 
TYR CD2 HD2  sing N N 363 
TYR CE1 CZ   doub Y N 364 
TYR CE1 HE1  sing N N 365 
TYR CE2 CZ   sing Y N 366 
TYR CE2 HE2  sing N N 367 
TYR CZ  OH   sing N N 368 
TYR OH  HH   sing N N 369 
TYR OXT HXT  sing N N 370 
VAL N   CA   sing N N 371 
VAL N   H    sing N N 372 
VAL N   H2   sing N N 373 
VAL CA  C    sing N N 374 
VAL CA  CB   sing N N 375 
VAL CA  HA   sing N N 376 
VAL C   O    doub N N 377 
VAL C   OXT  sing N N 378 
VAL CB  CG1  sing N N 379 
VAL CB  CG2  sing N N 380 
VAL CB  HB   sing N N 381 
VAL CG1 HG11 sing N N 382 
VAL CG1 HG12 sing N N 383 
VAL CG1 HG13 sing N N 384 
VAL CG2 HG21 sing N N 385 
VAL CG2 HG22 sing N N 386 
VAL CG2 HG23 sing N N 387 
VAL OXT HXT  sing N N 388 
# 
_atom_sites.entry_id                    6HO8 
_atom_sites.fract_transf_matrix[1][1]   -0.00075296 
_atom_sites.fract_transf_matrix[1][2]   0.00520920 
_atom_sites.fract_transf_matrix[1][3]   -0.00631002 
_atom_sites.fract_transf_matrix[2][1]   -0.00716695 
_atom_sites.fract_transf_matrix[2][2]   -0.00347732 
_atom_sites.fract_transf_matrix[2][3]   -0.00201547 
_atom_sites.fract_transf_matrix[3][1]   -0.01427431 
_atom_sites.fract_transf_matrix[3][2]   0.01923106 
_atom_sites.fract_transf_matrix[3][3]   0.01757940 
_atom_sites.fract_transf_vector[1]      -0.288142 
_atom_sites.fract_transf_vector[2]      0.144782 
_atom_sites.fract_transf_vector[3]      -0.241446 
# 
loop_
_atom_type.symbol 
C 
F 
N 
O 
S 
# 
loop_
_atom_site.group_PDB 
_atom_site.id 
_atom_site.type_symbol 
_atom_site.label_atom_id 
_atom_site.label_alt_id 
_atom_site.label_comp_id 
_atom_site.label_asym_id 
_atom_site.label_entity_id 
_atom_site.label_seq_id 
_atom_site.pdbx_PDB_ins_code 
_atom_site.Cartn_x 
_atom_site.Cartn_y 
_atom_site.Cartn_z 
_atom_site.occupancy 
_atom_site.B_iso_or_equiv 
_atom_site.pdbx_formal_charge 
_atom_site.auth_seq_id 
_atom_site.auth_comp_id 
_atom_site.auth_asym_id 
_atom_site.auth_atom_id 
_atom_site.pdbx_PDB_model_num 
ATOM   1    N N   . ASP A 1 36  ? 4.346   -14.758 18.497  1.00 58.45 ? 24  ASP A N   1 
ATOM   2    C CA  . ASP A 1 36  ? 4.706   -16.152 18.947  1.00 58.46 ? 24  ASP A CA  1 
ATOM   3    C C   . ASP A 1 36  ? 3.891   -17.153 18.112  1.00 50.59 ? 24  ASP A C   1 
ATOM   4    O O   . ASP A 1 36  ? 4.207   -17.358 16.924  1.00 48.80 ? 24  ASP A O   1 
ATOM   5    C CB  . ASP A 1 36  ? 4.494   -16.290 20.461  1.00 68.02 ? 24  ASP A CB  1 
ATOM   6    C CG  . ASP A 1 36  ? 3.200   -15.661 20.966  1.00 73.28 ? 24  ASP A CG  1 
ATOM   7    O OD1 . ASP A 1 36  ? 2.886   -14.540 20.505  1.00 70.98 ? 24  ASP A OD1 1 
ATOM   8    O OD2 . ASP A 1 36  ? 2.497   -16.308 21.793  1.00 70.84 ? 24  ASP A OD2 1 
ATOM   9    N N   . ARG A 1 37  ? 2.829   -17.722 18.678  1.00 44.52 ? 25  ARG A N   1 
ATOM   10   C CA  . ARG A 1 37  ? 1.772   -18.385 17.884  1.00 47.22 ? 25  ARG A CA  1 
ATOM   11   C C   . ARG A 1 37  ? 1.128   -17.327 16.979  1.00 41.99 ? 25  ARG A C   1 
ATOM   12   O O   . ARG A 1 37  ? 0.768   -17.655 15.836  1.00 35.10 ? 25  ARG A O   1 
ATOM   13   C CB  . ARG A 1 37  ? 0.815   -19.114 18.828  1.00 50.74 ? 25  ARG A CB  1 
ATOM   14   C CG  . ARG A 1 37  ? 1.494   -20.299 19.499  1.00 55.83 ? 25  ARG A CG  1 
ATOM   15   C CD  . ARG A 1 37  ? 0.555   -21.307 20.125  1.00 62.56 ? 25  ARG A CD  1 
ATOM   16   N NE  . ARG A 1 37  ? 0.265   -21.036 21.525  1.00 64.74 ? 25  ARG A NE  1 
ATOM   17   C CZ  . ARG A 1 37  ? -0.348  -21.876 22.347  1.00 64.23 ? 25  ARG A CZ  1 
ATOM   18   N NH1 . ARG A 1 37  ? -0.739  -23.071 21.933  1.00 67.81 ? 25  ARG A NH1 1 
ATOM   19   N NH2 . ARG A 1 37  ? -0.562  -21.511 23.596  1.00 70.42 ? 25  ARG A NH2 1 
ATOM   20   N N   . GLU A 1 38  ? 1.032   -16.084 17.440  1.00 42.82 ? 26  GLU A N   1 
ATOM   21   C CA  . GLU A 1 38  ? 0.421   -15.009 16.614  1.00 43.03 ? 26  GLU A CA  1 
ATOM   22   C C   . GLU A 1 38  ? 1.232   -14.818 15.326  1.00 39.70 ? 26  GLU A C   1 
ATOM   23   O O   . GLU A 1 38  ? 0.629   -14.840 14.247  1.00 36.64 ? 26  GLU A O   1 
ATOM   24   C CB  . GLU A 1 38  ? 0.318   -13.709 17.392  1.00 44.56 ? 26  GLU A CB  1 
ATOM   25   C CG  . GLU A 1 38  ? -0.654  -12.771 16.729  1.00 50.64 ? 26  GLU A CG  1 
ATOM   26   C CD  . GLU A 1 38  ? -0.894  -11.483 17.479  1.00 56.58 ? 26  GLU A CD  1 
ATOM   27   O OE1 . GLU A 1 38  ? -1.409  -11.557 18.600  1.00 55.56 ? 26  GLU A OE1 1 
ATOM   28   O OE2 . GLU A 1 38  ? -0.575  -10.424 16.922  1.00 61.67 ? 26  GLU A OE2 1 
ATOM   29   N N   . LEU A 1 39  ? 2.547   -14.620 15.439  1.00 40.64 ? 27  LEU A N   1 
ATOM   30   C CA  . LEU A 1 39  ? 3.456   -14.426 14.279  1.00 41.78 ? 27  LEU A CA  1 
ATOM   31   C C   . LEU A 1 39  ? 3.382   -15.639 13.344  1.00 39.33 ? 27  LEU A C   1 
ATOM   32   O O   . LEU A 1 39  ? 3.389   -15.460 12.098  1.00 32.70 ? 27  LEU A O   1 
ATOM   33   C CB  . LEU A 1 39  ? 4.874   -14.197 14.797  1.00 45.34 ? 27  LEU A CB  1 
ATOM   34   C CG  . LEU A 1 39  ? 5.087   -12.855 15.492  1.00 49.40 ? 27  LEU A CG  1 
ATOM   35   C CD1 . LEU A 1 39  ? 6.521   -12.744 15.992  1.00 52.57 ? 27  LEU A CD1 1 
ATOM   36   C CD2 . LEU A 1 39  ? 4.751   -11.689 14.560  1.00 51.15 ? 27  LEU A CD2 1 
ATOM   37   N N   . ALA A 1 40  ? 3.279   -16.843 13.905  1.00 39.00 ? 28  ALA A N   1 
ATOM   38   C CA  . ALA A 1 40  ? 3.170   -18.100 13.135  1.00 37.43 ? 28  ALA A CA  1 
ATOM   39   C C   . ALA A 1 40  ? 1.877   -18.067 12.325  1.00 33.11 ? 28  ALA A C   1 
ATOM   40   O O   . ALA A 1 40  ? 1.877   -18.537 11.186  1.00 38.60 ? 28  ALA A O   1 
ATOM   41   C CB  . ALA A 1 40  ? 3.210   -19.300 14.052  1.00 41.10 ? 28  ALA A CB  1 
ATOM   42   N N   . ILE A 1 41  ? 0.777   -17.614 12.925  1.00 29.09 ? 29  ILE A N   1 
ATOM   43   C CA  . ILE A 1 41  ? -0.540  -17.575 12.224  1.00 27.91 ? 29  ILE A CA  1 
ATOM   44   C C   . ILE A 1 41  ? -0.410  -16.579 11.051  1.00 25.26 ? 29  ILE A C   1 
ATOM   45   O O   . ILE A 1 41  ? -0.800  -16.925 9.939   1.00 28.53 ? 29  ILE A O   1 
ATOM   46   C CB  . ILE A 1 41  ? -1.667  -17.193 13.201  1.00 27.78 ? 29  ILE A CB  1 
ATOM   47   C CG1 . ILE A 1 41  ? -1.944  -18.330 14.200  1.00 29.82 ? 29  ILE A CG1 1 
ATOM   48   C CG2 . ILE A 1 41  ? -2.926  -16.768 12.437  1.00 27.12 ? 29  ILE A CG2 1 
ATOM   49   C CD1 . ILE A 1 41  ? -2.932  -17.966 15.290  1.00 27.97 ? 29  ILE A CD1 1 
ATOM   50   N N   . LEU A 1 42  ? 0.138   -15.399 11.322  1.00 28.20 ? 30  LEU A N   1 
ATOM   51   C CA  . LEU A 1 42  ? 0.278   -14.289 10.335  1.00 30.80 ? 30  LEU A CA  1 
ATOM   52   C C   . LEU A 1 42  ? 1.153   -14.775 9.162   1.00 32.35 ? 30  LEU A C   1 
ATOM   53   O O   . LEU A 1 42  ? 0.691   -14.658 8.000   1.00 32.63 ? 30  LEU A O   1 
ATOM   54   C CB  . LEU A 1 42  ? 0.867   -13.066 11.044  1.00 29.98 ? 30  LEU A CB  1 
ATOM   55   C CG  . LEU A 1 42  ? -0.088  -12.336 11.983  1.00 31.62 ? 30  LEU A CG  1 
ATOM   56   C CD1 . LEU A 1 42  ? 0.658   -11.321 12.831  1.00 33.81 ? 30  LEU A CD1 1 
ATOM   57   C CD2 . LEU A 1 42  ? -1.222  -11.663 11.213  1.00 32.44 ? 30  LEU A CD2 1 
ATOM   58   N N   . ALA A 1 43  ? 2.315   -15.383 9.461   1.00 30.95 ? 31  ALA A N   1 
ATOM   59   C CA  . ALA A 1 43  ? 3.262   -15.945 8.470   1.00 32.44 ? 31  ALA A CA  1 
ATOM   60   C C   . ALA A 1 43  ? 2.599   -17.046 7.634   1.00 32.50 ? 31  ALA A C   1 
ATOM   61   O O   . ALA A 1 43  ? 2.707   -17.023 6.384   1.00 27.12 ? 31  ALA A O   1 
ATOM   62   C CB  . ALA A 1 43  ? 4.492   -16.456 9.171   1.00 36.99 ? 31  ALA A CB  1 
ATOM   63   N N   . THR A 1 44  ? 1.846   -17.947 8.259   1.00 30.31 ? 32  THR A N   1 
ATOM   64   C CA  . THR A 1 44  ? 1.101   -19.015 7.536   1.00 32.64 ? 32  THR A CA  1 
ATOM   65   C C   . THR A 1 44  ? 0.107   -18.365 6.592   1.00 32.27 ? 32  THR A C   1 
ATOM   66   O O   . THR A 1 44  ? 0.028   -18.805 5.428   1.00 35.68 ? 32  THR A O   1 
ATOM   67   C CB  . THR A 1 44  ? 0.336   -19.967 8.465   1.00 33.38 ? 32  THR A CB  1 
ATOM   68   O OG1 . THR A 1 44  ? 1.279   -20.583 9.347   1.00 34.59 ? 32  THR A OG1 1 
ATOM   69   C CG2 . THR A 1 44  ? -0.448  -21.025 7.727   1.00 35.09 ? 32  THR A CG2 1 
ATOM   70   N N   . ALA A 1 45  ? -0.689  -17.416 7.087   1.00 34.17 ? 33  ALA A N   1 
ATOM   71   C CA  . ALA A 1 45  ? -1.691  -16.707 6.263   1.00 30.37 ? 33  ALA A CA  1 
ATOM   72   C C   . ALA A 1 45  ? -0.992  -16.030 5.049   1.00 29.21 ? 33  ALA A C   1 
ATOM   73   O O   . ALA A 1 45  ? -1.485  -16.140 3.930   1.00 27.92 ? 33  ALA A O   1 
ATOM   74   C CB  . ALA A 1 45  ? -2.424  -15.730 7.130   1.00 31.14 ? 33  ALA A CB  1 
ATOM   75   N N   . GLU A 1 46  ? 0.135   -15.359 5.246   1.00 29.95 ? 34  GLU A N   1 
ATOM   76   C CA  . GLU A 1 46  ? 0.787   -14.637 4.123   1.00 32.28 ? 34  GLU A CA  1 
ATOM   77   C C   . GLU A 1 46  ? 1.285   -15.682 3.105   1.00 35.50 ? 34  GLU A C   1 
ATOM   78   O O   . GLU A 1 46  ? 1.057   -15.489 1.902   1.00 32.33 ? 34  GLU A O   1 
ATOM   79   C CB  . GLU A 1 46  ? 1.899   -13.718 4.609   1.00 34.19 ? 34  GLU A CB  1 
ATOM   80   C CG  . GLU A 1 46  ? 2.528   -12.945 3.453   1.00 37.20 ? 34  GLU A CG  1 
ATOM   81   C CD  . GLU A 1 46  ? 3.305   -11.713 3.866   1.00 41.54 ? 34  GLU A CD  1 
ATOM   82   O OE1 . GLU A 1 46  ? 3.743   -11.678 5.009   1.00 37.79 ? 34  GLU A OE1 1 
ATOM   83   O OE2 . GLU A 1 46  ? 3.455   -10.794 3.041   1.00 39.13 ? 34  GLU A OE2 1 
ATOM   84   N N   . ASN A 1 47  ? 1.835   -16.801 3.585   1.00 36.30 ? 35  ASN A N   1 
ATOM   85   C CA  . ASN A 1 47  ? 2.225   -17.968 2.748   1.00 40.56 ? 35  ASN A CA  1 
ATOM   86   C C   . ASN A 1 47  ? 1.055   -18.500 1.939   1.00 38.03 ? 35  ASN A C   1 
ATOM   87   O O   . ASN A 1 47  ? 1.194   -18.606 0.708   1.00 39.63 ? 35  ASN A O   1 
ATOM   88   C CB  . ASN A 1 47  ? 2.788   -19.121 3.569   1.00 48.18 ? 35  ASN A CB  1 
ATOM   89   C CG  . ASN A 1 47  ? 4.288   -19.056 3.565   1.00 53.11 ? 35  ASN A CG  1 
ATOM   90   O OD1 . ASN A 1 47  ? 4.918   -19.753 2.772   1.00 75.38 ? 35  ASN A OD1 1 
ATOM   91   N ND2 . ASN A 1 47  ? 4.846   -18.160 4.358   1.00 54.18 ? 35  ASN A ND2 1 
ATOM   92   N N   . LEU A 1 48  ? -0.053  -18.841 2.585   1.00 36.72 ? 36  LEU A N   1 
ATOM   93   C CA  . LEU A 1 48  ? -1.193  -19.451 1.859   1.00 38.53 ? 36  LEU A CA  1 
ATOM   94   C C   . LEU A 1 48  ? -1.790  -18.447 0.871   1.00 39.38 ? 36  LEU A C   1 
ATOM   95   O O   . LEU A 1 48  ? -2.392  -18.892 -0.110  1.00 42.38 ? 36  LEU A O   1 
ATOM   96   C CB  . LEU A 1 48  ? -2.243  -19.941 2.855   1.00 43.41 ? 36  LEU A CB  1 
ATOM   97   C CG  . LEU A 1 48  ? -1.760  -21.034 3.816   1.00 46.35 ? 36  LEU A CG  1 
ATOM   98   C CD1 . LEU A 1 48  ? -2.918  -21.565 4.636   1.00 48.11 ? 36  LEU A CD1 1 
ATOM   99   C CD2 . LEU A 1 48  ? -1.069  -22.160 3.073   1.00 44.08 ? 36  LEU A CD2 1 
ATOM   100  N N   . LEU A 1 49  ? -1.691  -17.147 1.148   1.00 38.52 ? 37  LEU A N   1 
ATOM   101  C CA  . LEU A 1 49  ? -2.293  -16.112 0.272   1.00 37.38 ? 37  LEU A CA  1 
ATOM   102  C C   . LEU A 1 49  ? -1.493  -15.989 -1.026  1.00 35.76 ? 37  LEU A C   1 
ATOM   103  O O   . LEU A 1 49  ? -2.052  -15.427 -1.962  1.00 35.63 ? 37  LEU A O   1 
ATOM   104  C CB  . LEU A 1 49  ? -2.386  -14.783 1.020   1.00 38.43 ? 37  LEU A CB  1 
ATOM   105  C CG  . LEU A 1 49  ? -3.575  -14.721 1.983   1.00 35.13 ? 37  LEU A CG  1 
ATOM   106  C CD1 . LEU A 1 49  ? -3.464  -13.533 2.911   1.00 31.11 ? 37  LEU A CD1 1 
ATOM   107  C CD2 . LEU A 1 49  ? -4.902  -14.728 1.229   1.00 36.55 ? 37  LEU A CD2 1 
ATOM   108  N N   . GLU A 1 50  ? -0.250  -16.474 -1.075  1.00 37.54 ? 38  GLU A N   1 
ATOM   109  C CA  . GLU A 1 50  ? 0.542   -16.511 -2.333  1.00 45.34 ? 38  GLU A CA  1 
ATOM   110  C C   . GLU A 1 50  ? -0.018  -17.602 -3.251  1.00 48.77 ? 38  GLU A C   1 
ATOM   111  O O   . GLU A 1 50  ? 0.177   -17.469 -4.437  1.00 51.29 ? 38  GLU A O   1 
ATOM   112  C CB  . GLU A 1 50  ? 2.031   -16.685 -2.050  1.00 48.97 ? 38  GLU A CB  1 
ATOM   113  C CG  . GLU A 1 50  ? 2.731   -15.364 -1.767  1.00 55.52 ? 38  GLU A CG  1 
ATOM   114  C CD  . GLU A 1 50  ? 3.643   -15.381 -0.563  1.00 62.30 ? 38  GLU A CD  1 
ATOM   115  O OE1 . GLU A 1 50  ? 4.507   -16.273 -0.505  1.00 63.73 ? 38  GLU A OE1 1 
ATOM   116  O OE2 . GLU A 1 50  ? 3.457   -14.520 0.331   1.00 66.94 ? 38  GLU A OE2 1 
ATOM   117  N N   . ASP A 1 51  ? -0.762  -18.584 -2.725  1.00 57.07 ? 39  ASP A N   1 
ATOM   118  C CA  . ASP A 1 51  ? -1.272  -19.759 -3.486  1.00 53.06 ? 39  ASP A CA  1 
ATOM   119  C C   . ASP A 1 51  ? -2.762  -19.631 -3.807  1.00 48.89 ? 39  ASP A C   1 
ATOM   120  O O   . ASP A 1 51  ? -3.165  -20.193 -4.807  1.00 49.97 ? 39  ASP A O   1 
ATOM   121  C CB  . ASP A 1 51  ? -1.013  -21.067 -2.737  1.00 60.70 ? 39  ASP A CB  1 
ATOM   122  C CG  . ASP A 1 51  ? 0.332   -21.668 -3.102  1.00 71.84 ? 39  ASP A CG  1 
ATOM   123  O OD1 . ASP A 1 51  ? 1.120   -20.977 -3.784  1.00 76.47 ? 39  ASP A OD1 1 
ATOM   124  O OD2 . ASP A 1 51  ? 0.577   -22.826 -2.716  1.00 84.73 ? 39  ASP A OD2 1 
ATOM   125  N N   . ARG A 1 52  ? -3.565  -18.947 -2.998  1.00 46.81 ? 40  ARG A N   1 
ATOM   126  C CA  . ARG A 1 52  ? -5.029  -18.892 -3.234  1.00 46.35 ? 40  ARG A CA  1 
ATOM   127  C C   . ARG A 1 52  ? -5.649  -17.751 -2.451  1.00 42.54 ? 40  ARG A C   1 
ATOM   128  O O   . ARG A 1 52  ? -5.024  -17.209 -1.533  1.00 42.08 ? 40  ARG A O   1 
ATOM   129  C CB  . ARG A 1 52  ? -5.676  -20.219 -2.829  1.00 55.14 ? 40  ARG A CB  1 
ATOM   130  C CG  . ARG A 1 52  ? -5.160  -20.822 -1.531  1.00 55.71 ? 40  ARG A CG  1 
ATOM   131  C CD  . ARG A 1 52  ? -5.840  -22.176 -1.383  1.00 59.67 ? 40  ARG A CD  1 
ATOM   132  N NE  . ARG A 1 52  ? -5.917  -22.653 -0.015  1.00 57.92 ? 40  ARG A NE  1 
ATOM   133  C CZ  . ARG A 1 52  ? -4.927  -23.240 0.646   1.00 58.13 ? 40  ARG A CZ  1 
ATOM   134  N NH1 . ARG A 1 52  ? -3.749  -23.429 0.076   1.00 58.07 ? 40  ARG A NH1 1 
ATOM   135  N NH2 . ARG A 1 52  ? -5.127  -23.623 1.891   1.00 53.76 ? 40  ARG A NH2 1 
ATOM   136  N N   . PRO A 1 53  ? -6.899  -17.377 -2.796  1.00 40.91 ? 41  PRO A N   1 
ATOM   137  C CA  . PRO A 1 53  ? -7.598  -16.297 -2.104  1.00 42.28 ? 41  PRO A CA  1 
ATOM   138  C C   . PRO A 1 53  ? -8.025  -16.692 -0.680  1.00 45.28 ? 41  PRO A C   1 
ATOM   139  O O   . PRO A 1 53  ? -8.103  -17.898 -0.402  1.00 42.69 ? 41  PRO A O   1 
ATOM   140  C CB  . PRO A 1 53  ? -8.838  -16.011 -2.969  1.00 46.08 ? 41  PRO A CB  1 
ATOM   141  C CG  . PRO A 1 53  ? -9.026  -17.253 -3.817  1.00 45.66 ? 41  PRO A CG  1 
ATOM   142  C CD  . PRO A 1 53  ? -7.690  -17.963 -3.892  1.00 42.98 ? 41  PRO A CD  1 
ATOM   143  N N   . LEU A 1 54  ? -8.287  -15.680 0.158   1.00 42.58 ? 42  LEU A N   1 
ATOM   144  C CA  . LEU A 1 54  ? -8.736  -15.829 1.567   1.00 48.28 ? 42  LEU A CA  1 
ATOM   145  C C   . LEU A 1 54  ? -9.940  -16.783 1.629   1.00 51.20 ? 42  LEU A C   1 
ATOM   146  O O   . LEU A 1 54  ? -9.935  -17.654 2.505   1.00 52.72 ? 42  LEU A O   1 
ATOM   147  C CB  . LEU A 1 54  ? -9.123  -14.473 2.159   1.00 45.89 ? 42  LEU A CB  1 
ATOM   148  C CG  . LEU A 1 54  ? -9.337  -14.519 3.672   1.00 44.02 ? 42  LEU A CG  1 
ATOM   149  C CD1 . LEU A 1 54  ? -8.029  -14.871 4.396   1.00 45.16 ? 42  LEU A CD1 1 
ATOM   150  C CD2 . LEU A 1 54  ? -9.913  -13.218 4.188   1.00 45.28 ? 42  LEU A CD2 1 
ATOM   151  N N   . ALA A 1 55  ? -10.913 -16.608 0.727   1.00 53.69 ? 43  ALA A N   1 
ATOM   152  C CA  . ALA A 1 55  ? -12.093 -17.488 0.521   1.00 52.26 ? 43  ALA A CA  1 
ATOM   153  C C   . ALA A 1 55  ? -11.711 -18.975 0.426   1.00 53.76 ? 43  ALA A C   1 
ATOM   154  O O   . ALA A 1 55  ? -12.537 -19.794 0.817   1.00 60.52 ? 43  ALA A O   1 
ATOM   155  C CB  . ALA A 1 55  ? -12.834 -17.061 -0.721  1.00 49.70 ? 43  ALA A CB  1 
ATOM   156  N N   . ASP A 1 56  ? -10.543 -19.336 -0.109  1.00 52.77 ? 44  ASP A N   1 
ATOM   157  C CA  . ASP A 1 56  ? -10.129 -20.759 -0.244  1.00 50.21 ? 44  ASP A CA  1 
ATOM   158  C C   . ASP A 1 56  ? -9.191  -21.154 0.884   1.00 51.26 ? 44  ASP A C   1 
ATOM   159  O O   . ASP A 1 56  ? -8.602  -22.253 0.783   1.00 45.61 ? 44  ASP A O   1 
ATOM   160  C CB  . ASP A 1 56  ? -9.380  -21.049 -1.541  1.00 55.45 ? 44  ASP A CB  1 
ATOM   161  C CG  . ASP A 1 56  ? -10.226 -20.905 -2.786  1.00 59.87 ? 44  ASP A CG  1 
ATOM   162  O OD1 . ASP A 1 56  ? -11.328 -20.317 -2.684  1.00 65.01 ? 44  ASP A OD1 1 
ATOM   163  O OD2 . ASP A 1 56  ? -9.770  -21.386 -3.846  1.00 63.74 ? 44  ASP A OD2 1 
ATOM   164  N N   . ILE A 1 57  ? -9.028  -20.295 1.895   1.00 46.70 ? 45  ILE A N   1 
ATOM   165  C CA  . ILE A 1 57  ? -8.234  -20.624 3.111   1.00 45.34 ? 45  ILE A CA  1 
ATOM   166  C C   . ILE A 1 57  ? -9.207  -20.713 4.296   1.00 46.17 ? 45  ILE A C   1 
ATOM   167  O O   . ILE A 1 57  ? -10.059 -19.803 4.466   1.00 49.13 ? 45  ILE A O   1 
ATOM   168  C CB  . ILE A 1 57  ? -7.103  -19.595 3.318   1.00 44.16 ? 45  ILE A CB  1 
ATOM   169  C CG1 . ILE A 1 57  ? -6.198  -19.496 2.082   1.00 42.21 ? 45  ILE A CG1 1 
ATOM   170  C CG2 . ILE A 1 57  ? -6.301  -19.925 4.563   1.00 45.99 ? 45  ILE A CG2 1 
ATOM   171  C CD1 . ILE A 1 57  ? -5.233  -18.328 2.105   1.00 39.69 ? 45  ILE A CD1 1 
ATOM   172  N N   . SER A 1 58  ? -9.118  -21.794 5.068   1.00 47.02 ? 46  SER A N   1 
ATOM   173  C CA  . SER A 1 58  ? -9.999  -22.050 6.242   1.00 48.70 ? 46  SER A CA  1 
ATOM   174  C C   . SER A 1 58  ? -9.216  -21.749 7.521   1.00 44.68 ? 46  SER A C   1 
ATOM   175  O O   . SER A 1 58  ? -7.966  -21.817 7.491   1.00 40.13 ? 46  SER A O   1 
ATOM   176  C CB  . SER A 1 58  ? -10.521 -23.476 6.236   1.00 43.86 ? 46  SER A CB  1 
ATOM   177  O OG  . SER A 1 58  ? -9.454  -24.374 6.494   1.00 44.75 ? 46  SER A OG  1 
ATOM   178  N N   . VAL A 1 59  ? -9.920  -21.499 8.626   1.00 47.76 ? 47  VAL A N   1 
ATOM   179  C CA  . VAL A 1 59  ? -9.276  -21.339 9.966   1.00 46.16 ? 47  VAL A CA  1 
ATOM   180  C C   . VAL A 1 59  ? -8.427  -22.591 10.244  1.00 43.84 ? 47  VAL A C   1 
ATOM   181  O O   . VAL A 1 59  ? -7.290  -22.471 10.760  1.00 44.13 ? 47  VAL A O   1 
ATOM   182  C CB  . VAL A 1 59  ? -10.338 -21.057 11.048  1.00 45.86 ? 47  VAL A CB  1 
ATOM   183  C CG1 . VAL A 1 59  ? -9.769  -21.189 12.451  1.00 47.30 ? 47  VAL A CG1 1 
ATOM   184  C CG2 . VAL A 1 59  ? -10.966 -19.685 10.859  1.00 46.40 ? 47  VAL A CG2 1 
ATOM   185  N N   . ASP A 1 60  ? -8.924  -23.768 9.852   1.00 49.96 ? 48  ASP A N   1 
ATOM   186  C CA  . ASP A 1 60  ? -8.214  -25.060 10.067  1.00 48.32 ? 48  ASP A CA  1 
ATOM   187  C C   . ASP A 1 60  ? -6.875  -25.026 9.314   1.00 45.64 ? 48  ASP A C   1 
ATOM   188  O O   . ASP A 1 60  ? -5.818  -25.416 9.898   1.00 42.05 ? 48  ASP A O   1 
ATOM   189  C CB  . ASP A 1 60  ? -9.143  -26.240 9.742   1.00 51.14 ? 48  ASP A CB  1 
ATOM   190  C CG  . ASP A 1 60  ? -10.346 -26.370 10.691  1.00 53.46 ? 48  ASP A CG  1 
ATOM   191  O OD1 . ASP A 1 60  ? -10.197 -26.159 11.930  1.00 48.44 ? 48  ASP A OD1 1 
ATOM   192  O OD2 . ASP A 1 60  ? -11.440 -26.672 10.200  1.00 58.84 ? 48  ASP A OD2 1 
ATOM   193  N N   . ASP A 1 61  ? -6.887  -24.532 8.073   1.00 50.49 ? 49  ASP A N   1 
ATOM   194  C CA  . ASP A 1 61  ? -5.640  -24.270 7.301   1.00 47.78 ? 49  ASP A CA  1 
ATOM   195  C C   . ASP A 1 61  ? -4.691  -23.382 8.117   1.00 40.27 ? 49  ASP A C   1 
ATOM   196  O O   . ASP A 1 61  ? -3.518  -23.752 8.312   1.00 41.80 ? 49  ASP A O   1 
ATOM   197  C CB  . ASP A 1 61  ? -5.950  -23.602 5.962   1.00 52.91 ? 49  ASP A CB  1 
ATOM   198  C CG  . ASP A 1 61  ? -6.692  -24.469 4.970   1.00 55.60 ? 49  ASP A CG  1 
ATOM   199  O OD1 . ASP A 1 61  ? -6.431  -25.687 4.943   1.00 55.62 ? 49  ASP A OD1 1 
ATOM   200  O OD2 . ASP A 1 61  ? -7.514  -23.902 4.218   1.00 59.65 ? 49  ASP A OD2 1 
ATOM   201  N N   . LEU A 1 62  ? -5.148  -22.231 8.607   1.00 40.67 ? 50  LEU A N   1 
ATOM   202  C CA  . LEU A 1 62  ? -4.240  -21.315 9.362   1.00 37.45 ? 50  LEU A CA  1 
ATOM   203  C C   . LEU A 1 62  ? -3.730  -21.999 10.629  1.00 37.63 ? 50  LEU A C   1 
ATOM   204  O O   . LEU A 1 62  ? -2.512  -21.898 10.930  1.00 37.01 ? 50  LEU A O   1 
ATOM   205  C CB  . LEU A 1 62  ? -4.989  -20.018 9.655   1.00 39.08 ? 50  LEU A CB  1 
ATOM   206  C CG  . LEU A 1 62  ? -5.424  -19.281 8.388   1.00 39.18 ? 50  LEU A CG  1 
ATOM   207  C CD1 . LEU A 1 62  ? -6.428  -18.200 8.728   1.00 38.80 ? 50  LEU A CD1 1 
ATOM   208  C CD2 . LEU A 1 62  ? -4.206  -18.735 7.647   1.00 38.55 ? 50  LEU A CD2 1 
ATOM   209  N N   . ALA A 1 63  ? -4.617  -22.708 11.340  1.00 43.71 ? 51  ALA A N   1 
ATOM   210  C CA  . ALA A 1 63  ? -4.253  -23.435 12.584  1.00 40.84 ? 51  ALA A CA  1 
ATOM   211  C C   . ALA A 1 63  ? -3.149  -24.443 12.261  1.00 35.56 ? 51  ALA A C   1 
ATOM   212  O O   . ALA A 1 63  ? -2.107  -24.444 12.929  1.00 33.13 ? 51  ALA A O   1 
ATOM   213  C CB  . ALA A 1 63  ? -5.481  -24.111 13.165  1.00 39.22 ? 51  ALA A CB  1 
ATOM   214  N N   . LYS A 1 64  ? -3.410  -25.312 11.287  1.00 44.05 ? 52  LYS A N   1 
ATOM   215  C CA  . LYS A 1 64  ? -2.488  -26.425 10.919  1.00 47.12 ? 52  LYS A CA  1 
ATOM   216  C C   . LYS A 1 64  ? -1.115  -25.818 10.638  1.00 46.05 ? 52  LYS A C   1 
ATOM   217  O O   . LYS A 1 64  ? -0.153  -26.100 11.373  1.00 41.56 ? 52  LYS A O   1 
ATOM   218  C CB  . LYS A 1 64  ? -3.084  -27.146 9.710   1.00 53.99 ? 52  LYS A CB  1 
ATOM   219  C CG  . LYS A 1 64  ? -2.636  -28.584 9.476   1.00 56.85 ? 52  LYS A CG  1 
ATOM   220  C CD  . LYS A 1 64  ? -3.589  -29.341 8.548   1.00 62.74 ? 52  LYS A CD  1 
ATOM   221  C CE  . LYS A 1 64  ? -5.049  -28.977 8.762   1.00 66.21 ? 52  LYS A CE  1 
ATOM   222  N NZ  . LYS A 1 64  ? -5.977  -29.865 8.030   1.00 69.29 ? 52  LYS A NZ  1 
ATOM   223  N N   . GLY A 1 65  ? -1.064  -24.890 9.673   1.00 50.44 ? 53  GLY A N   1 
ATOM   224  C CA  . GLY A 1 65  ? 0.181   -24.195 9.300   1.00 43.72 ? 53  GLY A CA  1 
ATOM   225  C C   . GLY A 1 65  ? 0.885   -23.613 10.502  1.00 39.31 ? 53  GLY A C   1 
ATOM   226  O O   . GLY A 1 65  ? 2.123   -23.613 10.518  1.00 42.29 ? 53  GLY A O   1 
ATOM   227  N N   . ALA A 1 66  ? 0.153   -23.123 11.497  1.00 39.77 ? 54  ALA A N   1 
ATOM   228  C CA  . ALA A 1 66  ? 0.776   -22.454 12.669  1.00 40.84 ? 54  ALA A CA  1 
ATOM   229  C C   . ALA A 1 66  ? 1.084   -23.478 13.756  1.00 36.45 ? 54  ALA A C   1 
ATOM   230  O O   . ALA A 1 66  ? 1.693   -23.086 14.753  1.00 40.09 ? 54  ALA A O   1 
ATOM   231  C CB  . ALA A 1 66  ? -0.106  -21.343 13.192  1.00 44.41 ? 54  ALA A CB  1 
ATOM   232  N N   . GLY A 1 67  ? 0.718   -24.742 13.551  1.00 42.62 ? 55  GLY A N   1 
ATOM   233  C CA  . GLY A 1 67  ? 0.998   -25.827 14.526  1.00 45.77 ? 55  GLY A CA  1 
ATOM   234  C C   . GLY A 1 67  ? 0.170   -25.685 15.799  1.00 40.23 ? 55  GLY A C   1 
ATOM   235  O O   . GLY A 1 67  ? 0.719   -25.903 16.901  1.00 40.04 ? 55  GLY A O   1 
ATOM   236  N N   . ILE A 1 68  ? -1.097  -25.281 15.669  1.00 38.21 ? 56  ILE A N   1 
ATOM   237  C CA  . ILE A 1 68  ? -2.015  -25.033 16.825  1.00 38.34 ? 56  ILE A CA  1 
ATOM   238  C C   . ILE A 1 68  ? -3.362  -25.632 16.480  1.00 34.68 ? 56  ILE A C   1 
ATOM   239  O O   . ILE A 1 68  ? -3.596  -25.876 15.288  1.00 34.34 ? 56  ILE A O   1 
ATOM   240  C CB  . ILE A 1 68  ? -2.140  -23.532 17.169  1.00 38.53 ? 56  ILE A CB  1 
ATOM   241  C CG1 . ILE A 1 68  ? -2.729  -22.730 16.003  1.00 41.64 ? 56  ILE A CG1 1 
ATOM   242  C CG2 . ILE A 1 68  ? -0.808  -22.980 17.634  1.00 42.49 ? 56  ILE A CG2 1 
ATOM   243  C CD1 . ILE A 1 68  ? -2.962  -21.253 16.302  1.00 44.12 ? 56  ILE A CD1 1 
ATOM   244  N N   . SER A 1 69  ? -4.246  -25.778 17.475  1.00 35.50 ? 57  SER A N   1 
ATOM   245  C CA  . SER A 1 69  ? -5.644  -26.240 17.250  1.00 32.32 ? 57  SER A CA  1 
ATOM   246  C C   . SER A 1 69  ? -6.485  -25.070 16.743  1.00 31.30 ? 57  SER A C   1 
ATOM   247  O O   . SER A 1 69  ? -6.060  -23.913 16.898  1.00 29.35 ? 57  SER A O   1 
ATOM   248  C CB  . SER A 1 69  ? -6.237  -26.839 18.518  1.00 32.04 ? 57  SER A CB  1 
ATOM   249  O OG  . SER A 1 69  ? -6.432  -25.830 19.512  1.00 31.58 ? 57  SER A OG  1 
ATOM   250  N N   . ARG A 1 70  ? -7.658  -25.372 16.198  1.00 28.82 ? 58  ARG A N   1 
ATOM   251  C CA  . ARG A 1 70  ? -8.704  -24.402 15.813  1.00 35.29 ? 58  ARG A CA  1 
ATOM   252  C C   . ARG A 1 70  ? -9.096  -23.540 17.016  1.00 37.40 ? 58  ARG A C   1 
ATOM   253  O O   . ARG A 1 70  ? -9.047  -22.300 16.914  1.00 30.40 ? 58  ARG A O   1 
ATOM   254  C CB  . ARG A 1 70  ? -9.850  -25.166 15.151  1.00 40.72 ? 58  ARG A CB  1 
ATOM   255  C CG  . ARG A 1 70  ? -11.126 -24.367 14.955  1.00 50.09 ? 58  ARG A CG  1 
ATOM   256  C CD  . ARG A 1 70  ? -12.274 -25.255 14.506  1.00 55.48 ? 58  ARG A CD  1 
ATOM   257  N NE  . ARG A 1 70  ? -13.341 -24.433 13.963  1.00 64.13 ? 58  ARG A NE  1 
ATOM   258  C CZ  . ARG A 1 70  ? -13.333 -23.863 12.751  1.00 72.06 ? 58  ARG A CZ  1 
ATOM   259  N NH1 . ARG A 1 70  ? -14.354 -23.115 12.362  1.00 72.42 ? 58  ARG A NH1 1 
ATOM   260  N NH2 . ARG A 1 70  ? -12.309 -24.034 11.933  1.00 71.09 ? 58  ARG A NH2 1 
ATOM   261  N N   . PRO A 1 71  ? -9.483  -24.115 18.196  1.00 27.83 ? 59  PRO A N   1 
ATOM   262  C CA  . PRO A 1 71  ? -9.869  -23.272 19.320  1.00 26.74 ? 59  PRO A CA  1 
ATOM   263  C C   . PRO A 1 71  ? -8.709  -22.369 19.768  1.00 23.41 ? 59  PRO A C   1 
ATOM   264  O O   . PRO A 1 71  ? -8.958  -21.230 20.118  1.00 24.83 ? 59  PRO A O   1 
ATOM   265  C CB  . PRO A 1 71  ? -10.356 -24.285 20.388  1.00 25.75 ? 59  PRO A CB  1 
ATOM   266  C CG  . PRO A 1 71  ? -9.687  -25.553 19.992  1.00 27.12 ? 59  PRO A CG  1 
ATOM   267  C CD  . PRO A 1 71  ? -9.682  -25.548 18.468  1.00 28.60 ? 59  PRO A CD  1 
ATOM   268  N N   . THR A 1 72  ? -7.482  -22.867 19.728  1.00 22.85 ? 60  THR A N   1 
ATOM   269  C CA  . THR A 1 72  ? -6.290  -22.043 20.088  1.00 27.61 ? 60  THR A CA  1 
ATOM   270  C C   . THR A 1 72  ? -6.146  -20.866 19.094  1.00 27.51 ? 60  THR A C   1 
ATOM   271  O O   . THR A 1 72  ? -5.860  -19.730 19.560  1.00 31.27 ? 60  THR A O   1 
ATOM   272  C CB  . THR A 1 72  ? -5.030  -22.902 20.223  1.00 27.81 ? 60  THR A CB  1 
ATOM   273  O OG1 . THR A 1 72  ? -5.135  -23.799 21.339  1.00 25.38 ? 60  THR A OG1 1 
ATOM   274  C CG2 . THR A 1 72  ? -3.808  -22.033 20.422  1.00 28.02 ? 60  THR A CG2 1 
ATOM   275  N N   . PHE A 1 73  ? -6.398  -21.090 17.805  1.00 26.89 ? 61  PHE A N   1 
ATOM   276  C CA  . PHE A 1 73  ? -6.410  -20.017 16.769  1.00 29.03 ? 61  PHE A CA  1 
ATOM   277  C C   . PHE A 1 73  ? -7.368  -18.900 17.204  1.00 36.96 ? 61  PHE A C   1 
ATOM   278  O O   . PHE A 1 73  ? -6.952  -17.725 17.229  1.00 31.84 ? 61  PHE A O   1 
ATOM   279  C CB  . PHE A 1 73  ? -6.850  -20.521 15.394  1.00 31.14 ? 61  PHE A CB  1 
ATOM   280  C CG  . PHE A 1 73  ? -7.175  -19.422 14.402  1.00 31.56 ? 61  PHE A CG  1 
ATOM   281  C CD1 . PHE A 1 73  ? -8.411  -18.773 14.412  1.00 33.65 ? 61  PHE A CD1 1 
ATOM   282  C CD2 . PHE A 1 73  ? -6.243  -19.029 13.452  1.00 35.03 ? 61  PHE A CD2 1 
ATOM   283  C CE1 . PHE A 1 73  ? -8.696  -17.759 13.502  1.00 36.86 ? 61  PHE A CE1 1 
ATOM   284  C CE2 . PHE A 1 73  ? -6.539  -18.034 12.523  1.00 33.15 ? 61  PHE A CE2 1 
ATOM   285  C CZ  . PHE A 1 73  ? -7.753  -17.390 12.554  1.00 34.13 ? 61  PHE A CZ  1 
ATOM   286  N N   . TYR A 1 74  ? -8.592  -19.266 17.616  1.00 34.52 ? 62  TYR A N   1 
ATOM   287  C CA  . TYR A 1 74  ? -9.653  -18.297 17.980  1.00 37.40 ? 62  TYR A CA  1 
ATOM   288  C C   . TYR A 1 74  ? -9.297  -17.551 19.244  1.00 34.73 ? 62  TYR A C   1 
ATOM   289  O O   . TYR A 1 74  ? -9.920  -16.565 19.474  1.00 34.92 ? 62  TYR A O   1 
ATOM   290  C CB  . TYR A 1 74  ? -11.012 -18.947 18.184  1.00 35.99 ? 62  TYR A CB  1 
ATOM   291  C CG  . TYR A 1 74  ? -11.670 -19.272 16.886  1.00 40.62 ? 62  TYR A CG  1 
ATOM   292  C CD1 . TYR A 1 74  ? -11.989 -18.258 15.993  1.00 36.20 ? 62  TYR A CD1 1 
ATOM   293  C CD2 . TYR A 1 74  ? -11.950 -20.585 16.551  1.00 42.19 ? 62  TYR A CD2 1 
ATOM   294  C CE1 . TYR A 1 74  ? -12.593 -18.549 14.787  1.00 37.91 ? 62  TYR A CE1 1 
ATOM   295  C CE2 . TYR A 1 74  ? -12.556 -20.881 15.345  1.00 46.08 ? 62  TYR A CE2 1 
ATOM   296  C CZ  . TYR A 1 74  ? -12.887 -19.857 14.475  1.00 37.63 ? 62  TYR A CZ  1 
ATOM   297  O OH  . TYR A 1 74  ? -13.480 -20.178 13.298  1.00 44.07 ? 62  TYR A OH  1 
ATOM   298  N N   . PHE A 1 75  ? -8.328  -18.012 20.015  1.00 35.07 ? 63  PHE A N   1 
ATOM   299  C CA  . PHE A 1 75  ? -7.810  -17.218 21.136  1.00 34.70 ? 63  PHE A CA  1 
ATOM   300  C C   . PHE A 1 75  ? -7.092  -15.965 20.608  1.00 42.40 ? 63  PHE A C   1 
ATOM   301  O O   . PHE A 1 75  ? -7.174  -14.915 21.298  1.00 39.14 ? 63  PHE A O   1 
ATOM   302  C CB  . PHE A 1 75  ? -6.862  -18.049 21.986  1.00 36.02 ? 63  PHE A CB  1 
ATOM   303  C CG  . PHE A 1 75  ? -6.327  -17.284 23.153  1.00 36.72 ? 63  PHE A CG  1 
ATOM   304  C CD1 . PHE A 1 75  ? -7.149  -16.990 24.233  1.00 42.40 ? 63  PHE A CD1 1 
ATOM   305  C CD2 . PHE A 1 75  ? -5.023  -16.815 23.149  1.00 40.46 ? 63  PHE A CD2 1 
ATOM   306  C CE1 . PHE A 1 75  ? -6.662  -16.271 25.309  1.00 39.25 ? 63  PHE A CE1 1 
ATOM   307  C CE2 . PHE A 1 75  ? -4.533  -16.093 24.226  1.00 40.54 ? 63  PHE A CE2 1 
ATOM   308  C CZ  . PHE A 1 75  ? -5.355  -15.815 25.298  1.00 40.30 ? 63  PHE A CZ  1 
ATOM   309  N N   . TYR A 1 76  ? -6.357  -16.086 19.489  1.00 37.53 ? 64  TYR A N   1 
ATOM   310  C CA  . TYR A 1 76  ? -5.510  -14.996 18.917  1.00 36.17 ? 64  TYR A CA  1 
ATOM   311  C C   . TYR A 1 76  ? -6.319  -14.111 17.970  1.00 34.65 ? 64  TYR A C   1 
ATOM   312  O O   . TYR A 1 76  ? -6.024  -12.920 17.925  1.00 36.90 ? 64  TYR A O   1 
ATOM   313  C CB  . TYR A 1 76  ? -4.282  -15.585 18.211  1.00 33.53 ? 64  TYR A CB  1 
ATOM   314  C CG  . TYR A 1 76  ? -3.351  -16.234 19.184  1.00 30.28 ? 64  TYR A CG  1 
ATOM   315  C CD1 . TYR A 1 76  ? -2.484  -15.470 19.936  1.00 36.36 ? 64  TYR A CD1 1 
ATOM   316  C CD2 . TYR A 1 76  ? -3.398  -17.595 19.426  1.00 31.83 ? 64  TYR A CD2 1 
ATOM   317  C CE1 . TYR A 1 76  ? -1.648  -16.040 20.886  1.00 39.14 ? 64  TYR A CE1 1 
ATOM   318  C CE2 . TYR A 1 76  ? -2.582  -18.183 20.383  1.00 34.13 ? 64  TYR A CE2 1 
ATOM   319  C CZ  . TYR A 1 76  ? -1.704  -17.403 21.114  1.00 36.90 ? 64  TYR A CZ  1 
ATOM   320  O OH  . TYR A 1 76  ? -0.876  -17.973 22.032  1.00 37.60 ? 64  TYR A OH  1 
ATOM   321  N N   . PHE A 1 77  ? -7.223  -14.676 17.175  1.00 33.05 ? 65  PHE A N   1 
ATOM   322  C CA  . PHE A 1 77  ? -8.000  -13.913 16.174  1.00 34.18 ? 65  PHE A CA  1 
ATOM   323  C C   . PHE A 1 77  ? -9.445  -14.382 16.159  1.00 38.26 ? 65  PHE A C   1 
ATOM   324  O O   . PHE A 1 77  ? -9.722  -15.592 16.167  1.00 37.59 ? 65  PHE A O   1 
ATOM   325  C CB  . PHE A 1 77  ? -7.438  -14.083 14.751  1.00 31.28 ? 65  PHE A CB  1 
ATOM   326  C CG  . PHE A 1 77  ? -6.058  -13.512 14.591  1.00 30.99 ? 65  PHE A CG  1 
ATOM   327  C CD1 . PHE A 1 77  ? -5.876  -12.187 14.199  1.00 31.69 ? 65  PHE A CD1 1 
ATOM   328  C CD2 . PHE A 1 77  ? -4.944  -14.311 14.784  1.00 29.69 ? 65  PHE A CD2 1 
ATOM   329  C CE1 . PHE A 1 77  ? -4.600  -11.662 14.045  1.00 31.35 ? 65  PHE A CE1 1 
ATOM   330  C CE2 . PHE A 1 77  ? -3.668  -13.786 14.637  1.00 31.62 ? 65  PHE A CE2 1 
ATOM   331  C CZ  . PHE A 1 77  ? -3.499  -12.464 14.272  1.00 34.43 ? 65  PHE A CZ  1 
ATOM   332  N N   . PRO A 1 78  ? -10.397 -13.421 16.048  1.00 40.56 ? 66  PRO A N   1 
ATOM   333  C CA  . PRO A 1 78  ? -11.810 -13.764 15.938  1.00 39.37 ? 66  PRO A CA  1 
ATOM   334  C C   . PRO A 1 78  ? -12.163 -14.474 14.641  1.00 40.72 ? 66  PRO A C   1 
ATOM   335  O O   . PRO A 1 78  ? -13.154 -15.112 14.682  1.00 40.36 ? 66  PRO A O   1 
ATOM   336  C CB  . PRO A 1 78  ? -12.549 -12.418 16.068  1.00 41.92 ? 66  PRO A CB  1 
ATOM   337  C CG  . PRO A 1 78  ? -11.495 -11.370 15.729  1.00 41.53 ? 66  PRO A CG  1 
ATOM   338  C CD  . PRO A 1 78  ? -10.168 -11.966 16.137  1.00 40.98 ? 66  PRO A CD  1 
ATOM   339  N N   . SER A 1 79  ? -11.374 -14.336 13.557  1.00 41.68 ? 67  SER A N   1 
ATOM   340  C CA  . SER A 1 79  ? -11.699 -14.834 12.185  1.00 39.94 ? 67  SER A CA  1 
ATOM   341  C C   . SER A 1 79  ? -10.479 -14.795 11.242  1.00 38.25 ? 67  SER A C   1 
ATOM   342  O O   . SER A 1 79  ? -9.520  -14.046 11.519  1.00 33.34 ? 67  SER A O   1 
ATOM   343  C CB  . SER A 1 79  ? -12.785 -13.993 11.582  1.00 41.28 ? 67  SER A CB  1 
ATOM   344  O OG  . SER A 1 79  ? -12.366 -12.642 11.552  1.00 40.92 ? 67  SER A OG  1 
ATOM   345  N N   . LYS A 1 80  ? -10.559 -15.486 10.113  1.00 37.00 ? 68  LYS A N   1 
ATOM   346  C CA  . LYS A 1 80  ? -9.500  -15.418 9.067   1.00 39.46 ? 68  LYS A CA  1 
ATOM   347  C C   . LYS A 1 80  ? -9.458  -13.983 8.516   1.00 42.81 ? 68  LYS A C   1 
ATOM   348  O O   . LYS A 1 80  ? -8.325  -13.503 8.259   1.00 37.04 ? 68  LYS A O   1 
ATOM   349  C CB  . LYS A 1 80  ? -9.702  -16.477 7.984   1.00 40.01 ? 68  LYS A CB  1 
ATOM   350  C CG  . LYS A 1 80  ? -11.011 -16.389 7.221   1.00 43.55 ? 68  LYS A CG  1 
ATOM   351  C CD  . LYS A 1 80  ? -11.123 -17.459 6.169   1.00 44.87 ? 68  LYS A CD  1 
ATOM   352  C CE  . LYS A 1 80  ? -12.297 -17.259 5.235   1.00 48.65 ? 68  LYS A CE  1 
ATOM   353  N NZ  . LYS A 1 80  ? -12.319 -18.301 4.184   1.00 49.44 ? 68  LYS A NZ  1 
ATOM   354  N N   . GLU A 1 81  ? -10.619 -13.303 8.464   1.00 39.58 ? 69  GLU A N   1 
ATOM   355  C CA  . GLU A 1 81  ? -10.770 -11.897 7.998   1.00 37.60 ? 69  GLU A CA  1 
ATOM   356  C C   . GLU A 1 81  ? -9.949  -11.003 8.914   1.00 39.10 ? 69  GLU A C   1 
ATOM   357  O O   . GLU A 1 81  ? -9.240  -10.158 8.396   1.00 34.67 ? 69  GLU A O   1 
ATOM   358  C CB  . GLU A 1 81  ? -12.228 -11.443 7.963   1.00 39.05 ? 69  GLU A CB  1 
ATOM   359  C CG  . GLU A 1 81  ? -13.015 -12.115 6.852   1.00 41.44 ? 69  GLU A CG  1 
ATOM   360  C CD  . GLU A 1 81  ? -13.547 -13.523 7.092   1.00 44.82 ? 69  GLU A CD  1 
ATOM   361  O OE1 . GLU A 1 81  ? -13.527 -14.001 8.255   1.00 40.17 ? 69  GLU A OE1 1 
ATOM   362  O OE2 . GLU A 1 81  ? -13.982 -14.139 6.109   1.00 42.61 ? 69  GLU A OE2 1 
ATOM   363  N N   . ALA A 1 82  ? -9.940  -11.242 10.230  1.00 33.40 ? 70  ALA A N   1 
ATOM   364  C CA  . ALA A 1 82  ? -9.140  -10.420 11.167  1.00 29.83 ? 70  ALA A CA  1 
ATOM   365  C C   . ALA A 1 82  ? -7.644  -10.682 10.939  1.00 27.95 ? 70  ALA A C   1 
ATOM   366  O O   . ALA A 1 82  ? -6.811  -9.788  11.266  1.00 30.53 ? 70  ALA A O   1 
ATOM   367  C CB  . ALA A 1 82  ? -9.537  -10.675 12.612  1.00 30.98 ? 70  ALA A CB  1 
ATOM   368  N N   . VAL A 1 83  ? -7.279  -11.887 10.500  1.00 26.37 ? 71  VAL A N   1 
ATOM   369  C CA  . VAL A 1 83  ? -5.860  -12.208 10.194  1.00 28.01 ? 71  VAL A CA  1 
ATOM   370  C C   . VAL A 1 83  ? -5.434  -11.298 9.015   1.00 26.58 ? 71  VAL A C   1 
ATOM   371  O O   . VAL A 1 83  ? -4.378  -10.684 9.113   1.00 24.94 ? 71  VAL A O   1 
ATOM   372  C CB  . VAL A 1 83  ? -5.620  -13.707 9.917   1.00 29.98 ? 71  VAL A CB  1 
ATOM   373  C CG1 . VAL A 1 83  ? -4.159  -13.971 9.581   1.00 29.51 ? 71  VAL A CG1 1 
ATOM   374  C CG2 . VAL A 1 83  ? -6.025  -14.564 11.131  1.00 30.35 ? 71  VAL A CG2 1 
ATOM   375  N N   . LEU A 1 84  ? -6.206  -11.263 7.946   1.00 26.89 ? 72  LEU A N   1 
ATOM   376  C CA  . LEU A 1 84  ? -5.885  -10.385 6.768   1.00 31.48 ? 72  LEU A CA  1 
ATOM   377  C C   . LEU A 1 84  ? -5.778  -8.919  7.190   1.00 31.57 ? 72  LEU A C   1 
ATOM   378  O O   . LEU A 1 84  ? -4.846  -8.212  6.725   1.00 33.54 ? 72  LEU A O   1 
ATOM   379  C CB  . LEU A 1 84  ? -6.960  -10.544 5.704   1.00 31.55 ? 72  LEU A CB  1 
ATOM   380  C CG  . LEU A 1 84  ? -6.790  -9.682  4.443   1.00 32.75 ? 72  LEU A CG  1 
ATOM   381  C CD1 . LEU A 1 84  ? -5.364  -9.778  3.906   1.00 31.78 ? 72  LEU A CD1 1 
ATOM   382  C CD2 . LEU A 1 84  ? -7.805  -10.111 3.396   1.00 35.05 ? 72  LEU A CD2 1 
ATOM   383  N N   . LEU A 1 85  ? -6.690  -8.459  8.043   1.00 32.21 ? 73  LEU A N   1 
ATOM   384  C CA  . LEU A 1 85  ? -6.716  -7.048  8.488   1.00 31.00 ? 73  LEU A CA  1 
ATOM   385  C C   . LEU A 1 85  ? -5.420  -6.764  9.228   1.00 32.10 ? 73  LEU A C   1 
ATOM   386  O O   . LEU A 1 85  ? -4.828  -5.670  9.005   1.00 27.64 ? 73  LEU A O   1 
ATOM   387  C CB  . LEU A 1 85  ? -7.965  -6.757  9.335   1.00 33.65 ? 73  LEU A CB  1 
ATOM   388  C CG  . LEU A 1 85  ? -7.987  -5.376  9.995   1.00 35.66 ? 73  LEU A CG  1 
ATOM   389  C CD1 . LEU A 1 85  ? -8.099  -4.282  8.928   1.00 34.03 ? 73  LEU A CD1 1 
ATOM   390  C CD2 . LEU A 1 85  ? -9.133  -5.264  11.008  1.00 35.97 ? 73  LEU A CD2 1 
ATOM   391  N N   . THR A 1 86  ? -4.955  -7.699  10.068  1.00 28.01 ? 74  THR A N   1 
ATOM   392  C CA  . THR A 1 86  ? -3.682  -7.474  10.773  1.00 27.47 ? 74  THR A CA  1 
ATOM   393  C C   . THR A 1 86  ? -2.524  -7.445  9.777   1.00 26.07 ? 74  THR A C   1 
ATOM   394  O O   . THR A 1 86  ? -1.619  -6.645  9.973   1.00 25.87 ? 74  THR A O   1 
ATOM   395  C CB  . THR A 1 86  ? -3.392  -8.541  11.830  1.00 29.39 ? 74  THR A CB  1 
ATOM   396  O OG1 . THR A 1 86  ? -4.558  -8.532  12.644  1.00 32.68 ? 74  THR A OG1 1 
ATOM   397  C CG2 . THR A 1 86  ? -2.151  -8.221  12.619  1.00 28.13 ? 74  THR A CG2 1 
ATOM   398  N N   . LEU A 1 87  ? -2.471  -8.381  8.840   1.00 26.49 ? 75  LEU A N   1 
ATOM   399  C CA  . LEU A 1 87  ? -1.362  -8.390  7.849   1.00 28.93 ? 75  LEU A CA  1 
ATOM   400  C C   . LEU A 1 87  ? -1.381  -7.060  7.094   1.00 24.48 ? 75  LEU A C   1 
ATOM   401  O O   . LEU A 1 87  ? -0.298  -6.464  6.914   1.00 25.33 ? 75  LEU A O   1 
ATOM   402  C CB  . LEU A 1 87  ? -1.554  -9.521  6.851   1.00 25.18 ? 75  LEU A CB  1 
ATOM   403  C CG  . LEU A 1 87  ? -1.283  -10.918 7.388   1.00 27.03 ? 75  LEU A CG  1 
ATOM   404  C CD1 . LEU A 1 87  ? -1.798  -11.934 6.401   1.00 31.10 ? 75  LEU A CD1 1 
ATOM   405  C CD2 . LEU A 1 87  ? 0.187   -11.111 7.654   1.00 27.87 ? 75  LEU A CD2 1 
ATOM   406  N N   . LEU A 1 88  ? -2.564  -6.621  6.675   1.00 23.54 ? 76  LEU A N   1 
ATOM   407  C CA  . LEU A 1 88  ? -2.631  -5.376  5.856   1.00 25.18 ? 76  LEU A CA  1 
ATOM   408  C C   . LEU A 1 88  ? -2.155  -4.201  6.701   1.00 25.21 ? 76  LEU A C   1 
ATOM   409  O O   . LEU A 1 88  ? -1.360  -3.398  6.216   1.00 26.83 ? 76  LEU A O   1 
ATOM   410  C CB  . LEU A 1 88  ? -4.037  -5.135  5.347   1.00 27.50 ? 76  LEU A CB  1 
ATOM   411  C CG  . LEU A 1 88  ? -4.147  -3.870  4.493   1.00 27.59 ? 76  LEU A CG  1 
ATOM   412  C CD1 . LEU A 1 88  ? -3.215  -3.969  3.292   1.00 28.26 ? 76  LEU A CD1 1 
ATOM   413  C CD2 . LEU A 1 88  ? -5.587  -3.674  4.062   1.00 28.11 ? 76  LEU A CD2 1 
ATOM   414  N N   . ASP A 1 89  ? -2.592  -4.146  7.951   1.00 26.55 ? 77  ASP A N   1 
ATOM   415  C CA  . ASP A 1 89  ? -2.235  -3.085  8.923   1.00 26.98 ? 77  ASP A CA  1 
ATOM   416  C C   . ASP A 1 89  ? -0.710  -3.042  9.078   1.00 26.61 ? 77  ASP A C   1 
ATOM   417  O O   . ASP A 1 89  ? -0.143  -1.945  9.089   1.00 28.03 ? 77  ASP A O   1 
ATOM   418  C CB  . ASP A 1 89  ? -2.940  -3.342  10.259  1.00 31.09 ? 77  ASP A CB  1 
ATOM   419  C CG  . ASP A 1 89  ? -2.603  -2.280  11.266  1.00 34.13 ? 77  ASP A CG  1 
ATOM   420  O OD1 . ASP A 1 89  ? -1.552  -2.404  11.884  1.00 44.33 ? 77  ASP A OD1 1 
ATOM   421  O OD2 . ASP A 1 89  ? -3.323  -1.293  11.324  1.00 39.34 ? 77  ASP A OD2 1 
ATOM   422  N N   . ARG A 1 90  ? -0.038  -4.186  9.192   1.00 26.64 ? 78  ARG A N   1 
ATOM   423  C CA  . ARG A 1 90  ? 1.455   -4.211  9.317   1.00 27.57 ? 78  ARG A CA  1 
ATOM   424  C C   . ARG A 1 90  ? 2.132   -3.683  8.039   1.00 23.63 ? 78  ARG A C   1 
ATOM   425  O O   . ARG A 1 90  ? 3.085   -2.897  8.117   1.00 23.29 ? 78  ARG A O   1 
ATOM   426  C CB  . ARG A 1 90  ? 1.908   -5.641  9.606   1.00 33.49 ? 78  ARG A CB  1 
ATOM   427  C CG  . ARG A 1 90  ? 1.429   -6.151  10.960  1.00 42.36 ? 78  ARG A CG  1 
ATOM   428  C CD  . ARG A 1 90  ? 1.469   -7.680  11.061  1.00 50.42 ? 78  ARG A CD  1 
ATOM   429  N NE  . ARG A 1 90  ? 2.812   -8.209  10.797  1.00 56.15 ? 78  ARG A NE  1 
ATOM   430  C CZ  . ARG A 1 90  ? 3.764   -8.389  11.712  1.00 57.83 ? 78  ARG A CZ  1 
ATOM   431  N NH1 . ARG A 1 90  ? 4.945   -8.852  11.345  1.00 60.13 ? 78  ARG A NH1 1 
ATOM   432  N NH2 . ARG A 1 90  ? 3.541   -8.115  12.985  1.00 57.54 ? 78  ARG A NH2 1 
ATOM   433  N N   . VAL A 1 91  ? 1.647   -4.070  6.876   1.00 23.94 ? 79  VAL A N   1 
ATOM   434  C CA  . VAL A 1 91  ? 2.277   -3.661  5.572   1.00 25.76 ? 79  VAL A CA  1 
ATOM   435  C C   . VAL A 1 91  ? 2.080   -2.144  5.401   1.00 25.64 ? 79  VAL A C   1 
ATOM   436  O O   . VAL A 1 91  ? 3.046   -1.425  5.045   1.00 27.77 ? 79  VAL A O   1 
ATOM   437  C CB  . VAL A 1 91  ? 1.695   -4.471  4.395   1.00 25.32 ? 79  VAL A CB  1 
ATOM   438  C CG1 . VAL A 1 91  ? 2.131   -3.918  3.040   1.00 28.62 ? 79  VAL A CG1 1 
ATOM   439  C CG2 . VAL A 1 91  ? 2.047   -5.948  4.483   1.00 26.71 ? 79  VAL A CG2 1 
ATOM   440  N N   . VAL A 1 92  ? 0.870   -1.649  5.667   1.00 24.86 ? 80  VAL A N   1 
ATOM   441  C CA  . VAL A 1 92  ? 0.498   -0.206  5.529   1.00 24.39 ? 80  VAL A CA  1 
ATOM   442  C C   . VAL A 1 92  ? 1.335   0.628   6.498   1.00 25.64 ? 80  VAL A C   1 
ATOM   443  O O   . VAL A 1 92  ? 1.935   1.643   6.115   1.00 22.18 ? 80  VAL A O   1 
ATOM   444  C CB  . VAL A 1 92  ? -1.018  -0.127  5.741   1.00 27.97 ? 80  VAL A CB  1 
ATOM   445  C CG1 . VAL A 1 92  ? -1.487  1.188   6.279   1.00 30.74 ? 80  VAL A CG1 1 
ATOM   446  C CG2 . VAL A 1 92  ? -1.749  -0.520  4.475   1.00 28.01 ? 80  VAL A CG2 1 
ATOM   447  N N   . ASN A 1 93  ? 1.465   0.158   7.733   1.00 26.52 ? 81  ASN A N   1 
ATOM   448  C CA  . ASN A 1 93  ? 2.271   0.871   8.753   1.00 25.82 ? 81  ASN A CA  1 
ATOM   449  C C   . ASN A 1 93  ? 3.748   0.829   8.365   1.00 24.59 ? 81  ASN A C   1 
ATOM   450  O O   . ASN A 1 93  ? 4.449   1.832   8.617   1.00 28.03 ? 81  ASN A O   1 
ATOM   451  C CB  . ASN A 1 93  ? 1.957   0.338   10.161  1.00 28.52 ? 81  ASN A CB  1 
ATOM   452  C CG  . ASN A 1 93  ? 0.741   1.053   10.724  1.00 31.90 ? 81  ASN A CG  1 
ATOM   453  O OD1 . ASN A 1 93  ? 0.839   2.227   11.112  1.00 35.17 ? 81  ASN A OD1 1 
ATOM   454  N ND2 . ASN A 1 93  ? -0.413  0.406   10.674  1.00 31.23 ? 81  ASN A ND2 1 
ATOM   455  N N   . GLN A 1 94  ? 4.227   -0.258  7.777   1.00 27.12 ? 82  GLN A N   1 
ATOM   456  C CA  . GLN A 1 94  ? 5.638   -0.352  7.307   1.00 27.26 ? 82  GLN A CA  1 
ATOM   457  C C   . GLN A 1 94  ? 5.882   0.696   6.212   1.00 27.55 ? 82  GLN A C   1 
ATOM   458  O O   . GLN A 1 94  ? 6.897   1.385   6.259   1.00 23.10 ? 82  GLN A O   1 
ATOM   459  C CB  . GLN A 1 94  ? 5.921   -1.782  6.851   1.00 31.99 ? 82  GLN A CB  1 
ATOM   460  C CG  . GLN A 1 94  ? 7.305   -2.017  6.257   1.00 36.25 ? 82  GLN A CG  1 
ATOM   461  C CD  . GLN A 1 94  ? 7.416   -3.437  5.729   1.00 44.80 ? 82  GLN A CD  1 
ATOM   462  O OE1 . GLN A 1 94  ? 6.828   -4.380  6.268   1.00 50.53 ? 82  GLN A OE1 1 
ATOM   463  N NE2 . GLN A 1 94  ? 8.162   -3.603  4.649   1.00 46.84 ? 82  GLN A NE2 1 
ATOM   464  N N   . ALA A 1 95  ? 4.990   0.824   5.224   1.00 22.96 ? 83  ALA A N   1 
ATOM   465  C CA  . ALA A 1 95  ? 5.145   1.872   4.181   1.00 21.74 ? 83  ALA A CA  1 
ATOM   466  C C   . ALA A 1 95  ? 5.143   3.238   4.871   1.00 20.42 ? 83  ALA A C   1 
ATOM   467  O O   . ALA A 1 95  ? 5.963   4.090   4.496   1.00 23.89 ? 83  ALA A O   1 
ATOM   468  C CB  . ALA A 1 95  ? 4.036   1.748   3.159   1.00 21.11 ? 83  ALA A CB  1 
ATOM   469  N N   . ASP A 1 96  ? 4.220   3.444   5.824   1.00 23.32 ? 84  ASP A N   1 
ATOM   470  C CA  . ASP A 1 96  ? 3.973   4.770   6.427   1.00 23.01 ? 84  ASP A CA  1 
ATOM   471  C C   . ASP A 1 96  ? 5.214   5.186   7.235   1.00 26.45 ? 84  ASP A C   1 
ATOM   472  O O   . ASP A 1 96  ? 5.689   6.352   7.050   1.00 21.90 ? 84  ASP A O   1 
ATOM   473  C CB  . ASP A 1 96  ? 2.703   4.799   7.290   1.00 26.98 ? 84  ASP A CB  1 
ATOM   474  C CG  . ASP A 1 96  ? 2.352   6.225   7.655   1.00 29.61 ? 84  ASP A CG  1 
ATOM   475  O OD1 . ASP A 1 96  ? 2.138   7.043   6.718   1.00 25.31 ? 84  ASP A OD1 1 
ATOM   476  O OD2 . ASP A 1 96  ? 2.410   6.532   8.848   1.00 27.18 ? 84  ASP A OD2 1 
ATOM   477  N N   . MET A 1 97  ? 5.763   4.252   8.020   1.00 24.28 ? 85  MET A N   1 
ATOM   478  C CA  . MET A 1 97  ? 7.013   4.445   8.815   1.00 30.25 ? 85  MET A CA  1 
ATOM   479  C C   . MET A 1 97  ? 8.206   4.725   7.888   1.00 26.74 ? 85  MET A C   1 
ATOM   480  O O   . MET A 1 97  ? 9.002   5.630   8.178   1.00 27.72 ? 85  MET A O   1 
ATOM   481  C CB  . MET A 1 97  ? 7.284   3.214   9.686   1.00 32.37 ? 85  MET A CB  1 
ATOM   482  C CG  . MET A 1 97  ? 6.262   3.054   10.797  1.00 40.41 ? 85  MET A CG  1 
ATOM   483  S SD  . MET A 1 97  ? 6.631   1.649   11.938  1.00 57.51 ? 85  MET A SD  1 
ATOM   484  C CE  . MET A 1 97  ? 6.170   0.196   10.979  1.00 53.03 ? 85  MET A CE  1 
ATOM   485  N N   . ALA A 1 98  ? 8.321   4.034   6.756   1.00 26.24 ? 86  ALA A N   1 
ATOM   486  C CA  . ALA A 1 98  ? 9.424   4.303   5.813   1.00 25.05 ? 86  ALA A CA  1 
ATOM   487  C C   . ALA A 1 98  ? 9.237   5.690   5.210   1.00 26.33 ? 86  ALA A C   1 
ATOM   488  O O   . ALA A 1 98  ? 10.231  6.395   5.025   1.00 23.83 ? 86  ALA A O   1 
ATOM   489  C CB  . ALA A 1 98  ? 9.520   3.238   4.764   1.00 26.31 ? 86  ALA A CB  1 
ATOM   490  N N   . LEU A 1 99  ? 8.003   6.088   4.904   1.00 26.01 ? 87  LEU A N   1 
ATOM   491  C CA  . LEU A 1 99  ? 7.768   7.469   4.389   1.00 27.16 ? 87  LEU A CA  1 
ATOM   492  C C   . LEU A 1 99  ? 8.146   8.527   5.448   1.00 28.53 ? 87  LEU A C   1 
ATOM   493  O O   . LEU A 1 99  ? 8.830   9.505   5.089   1.00 28.79 ? 87  LEU A O   1 
ATOM   494  C CB  . LEU A 1 99  ? 6.315   7.596   3.933   1.00 25.63 ? 87  LEU A CB  1 
ATOM   495  C CG  . LEU A 1 99  ? 5.994   8.925   3.261   1.00 28.09 ? 87  LEU A CG  1 
ATOM   496  C CD1 . LEU A 1 99  ? 6.802   9.108   1.978   1.00 30.39 ? 87  LEU A CD1 1 
ATOM   497  C CD2 . LEU A 1 99  ? 4.506   8.970   2.979   1.00 26.87 ? 87  LEU A CD2 1 
ATOM   498  N N   . GLN A 1 100 ? 7.760   8.342   6.708   1.00 27.38 ? 88  GLN A N   1 
ATOM   499  C CA  . GLN A 1 100 ? 8.145   9.250   7.833   1.00 33.30 ? 88  GLN A CA  1 
ATOM   500  C C   . GLN A 1 100 ? 9.671   9.366   7.907   1.00 30.59 ? 88  GLN A C   1 
ATOM   501  O O   . GLN A 1 100 ? 10.140  10.509  8.103   1.00 31.34 ? 88  GLN A O   1 
ATOM   502  C CB  . GLN A 1 100 ? 7.601   8.766   9.185   1.00 34.83 ? 88  GLN A CB  1 
ATOM   503  C CG  . GLN A 1 100 ? 6.090   8.889   9.285   1.00 44.17 ? 88  GLN A CG  1 
ATOM   504  C CD  . GLN A 1 100 ? 5.568   8.301   10.568  1.00 54.52 ? 88  GLN A CD  1 
ATOM   505  O OE1 . GLN A 1 100 ? 4.711   7.416   10.551  1.00 62.06 ? 88  GLN A OE1 1 
ATOM   506  N NE2 . GLN A 1 100 ? 6.126   8.764   11.682  1.00 47.00 ? 88  GLN A NE2 1 
ATOM   507  N N   . THR A 1 101 ? 10.406  8.262   7.716   1.00 32.22 ? 89  THR A N   1 
ATOM   508  C CA  . THR A 1 101 ? 11.897  8.233   7.823   1.00 32.92 ? 89  THR A CA  1 
ATOM   509  C C   . THR A 1 101 ? 12.498  9.101   6.730   1.00 37.91 ? 89  THR A C   1 
ATOM   510  O O   . THR A 1 101 ? 13.390  9.930   7.004   1.00 33.85 ? 89  THR A O   1 
ATOM   511  C CB  . THR A 1 101 ? 12.442  6.812   7.700   1.00 36.31 ? 89  THR A CB  1 
ATOM   512  O OG1 . THR A 1 101 ? 11.993  6.161   8.884   1.00 35.87 ? 89  THR A OG1 1 
ATOM   513  C CG2 . THR A 1 101 ? 13.950  6.749   7.610   1.00 37.28 ? 89  THR A CG2 1 
ATOM   514  N N   . LEU A 1 102 ? 11.973  8.928   5.523   1.00 38.07 ? 90  LEU A N   1 
ATOM   515  C CA  . LEU A 1 102 ? 12.314  9.758   4.348   1.00 37.00 ? 90  LEU A CA  1 
ATOM   516  C C   . LEU A 1 102 ? 12.056  11.237  4.650   1.00 37.20 ? 90  LEU A C   1 
ATOM   517  O O   . LEU A 1 102 ? 12.942  12.057  4.387   1.00 34.31 ? 90  LEU A O   1 
ATOM   518  C CB  . LEU A 1 102 ? 11.460  9.268   3.180   1.00 39.17 ? 90  LEU A CB  1 
ATOM   519  C CG  . LEU A 1 102 ? 12.170  9.153   1.843   1.00 44.49 ? 90  LEU A CG  1 
ATOM   520  C CD1 . LEU A 1 102 ? 13.567  8.596   1.998   1.00 43.52 ? 90  LEU A CD1 1 
ATOM   521  C CD2 . LEU A 1 102 ? 11.349  8.278   0.909   1.00 42.72 ? 90  LEU A CD2 1 
ATOM   522  N N   . ALA A 1 103 ? 10.868  11.571  5.159   1.00 36.43 ? 91  ALA A N   1 
ATOM   523  C CA  . ALA A 1 103 ? 10.433  12.958  5.418   1.00 40.56 ? 91  ALA A CA  1 
ATOM   524  C C   . ALA A 1 103 ? 11.346  13.613  6.470   1.00 46.63 ? 91  ALA A C   1 
ATOM   525  O O   . ALA A 1 103 ? 11.630  14.802  6.336   1.00 43.27 ? 91  ALA A O   1 
ATOM   526  C CB  . ALA A 1 103 ? 8.995   12.968  5.865   1.00 36.96 ? 91  ALA A CB  1 
ATOM   527  N N   . GLU A 1 104 ? 11.765  12.866  7.487   1.00 45.31 ? 92  GLU A N   1 
ATOM   528  C CA  . GLU A 1 104 ? 12.618  13.377  8.592   1.00 50.80 ? 92  GLU A CA  1 
ATOM   529  C C   . GLU A 1 104 ? 14.061  13.561  8.120   1.00 52.76 ? 92  GLU A C   1 
ATOM   530  O O   . GLU A 1 104 ? 14.841  14.091  8.890   1.00 54.08 ? 92  GLU A O   1 
ATOM   531  C CB  . GLU A 1 104 ? 12.572  12.414  9.773   1.00 50.13 ? 92  GLU A CB  1 
ATOM   532  C CG  . GLU A 1 104 ? 11.233  12.436  10.481  1.00 54.56 ? 92  GLU A CG  1 
ATOM   533  C CD  . GLU A 1 104 ? 11.044  11.316  11.482  1.00 55.77 ? 92  GLU A CD  1 
ATOM   534  O OE1 . GLU A 1 104 ? 12.026  10.614  11.771  1.00 56.01 ? 92  GLU A OE1 1 
ATOM   535  O OE2 . GLU A 1 104 ? 9.911   11.135  11.942  1.00 63.18 ? 92  GLU A OE2 1 
ATOM   536  N N   . ASN A 1 105 ? 14.404  13.130  6.910   1.00 60.27 ? 93  ASN A N   1 
ATOM   537  C CA  . ASN A 1 105 ? 15.782  13.241  6.362   1.00 62.83 ? 93  ASN A CA  1 
ATOM   538  C C   . ASN A 1 105 ? 15.770  14.226  5.181   1.00 57.48 ? 93  ASN A C   1 
ATOM   539  O O   . ASN A 1 105 ? 15.824  13.739  4.042   1.00 67.67 ? 93  ASN A O   1 
ATOM   540  C CB  . ASN A 1 105 ? 16.316  11.822  6.144   1.00 57.74 ? 93  ASN A CB  1 
ATOM   541  C CG  . ASN A 1 105 ? 16.620  11.153  7.472   1.00 56.04 ? 93  ASN A CG  1 
ATOM   542  O OD1 . ASN A 1 105 ? 17.702  11.332  8.009   1.00 67.05 ? 93  ASN A OD1 1 
ATOM   543  N ND2 . ASN A 1 105 ? 15.670  10.452  8.063   1.00 53.79 ? 93  ASN A ND2 1 
ATOM   544  N N   . THR A 1 109 ? 19.470  15.836  -3.291  1.00 63.55 ? 97  THR A N   1 
ATOM   545  C CA  . THR A 1 109 ? 19.049  15.255  -4.596  1.00 54.92 ? 97  THR A CA  1 
ATOM   546  C C   . THR A 1 109 ? 18.076  16.216  -5.322  1.00 51.72 ? 97  THR A C   1 
ATOM   547  O O   . THR A 1 109 ? 17.525  17.129  -4.683  1.00 57.62 ? 97  THR A O   1 
ATOM   548  C CB  . THR A 1 109 ? 18.535  13.830  -4.359  1.00 56.85 ? 97  THR A CB  1 
ATOM   549  O OG1 . THR A 1 109 ? 18.788  13.087  -5.554  1.00 59.97 ? 97  THR A OG1 1 
ATOM   550  C CG2 . THR A 1 109 ? 17.080  13.780  -3.947  1.00 51.27 ? 97  THR A CG2 1 
ATOM   551  N N   . ASP A 1 110 ? 17.890  16.040  -6.632  1.00 41.12 ? 98  ASP A N   1 
ATOM   552  C CA  . ASP A 1 110 ? 17.006  16.899  -7.445  1.00 38.09 ? 98  ASP A CA  1 
ATOM   553  C C   . ASP A 1 110 ? 15.543  16.502  -7.165  1.00 35.74 ? 98  ASP A C   1 
ATOM   554  O O   . ASP A 1 110 ? 15.308  15.513  -6.442  1.00 30.24 ? 98  ASP A O   1 
ATOM   555  C CB  . ASP A 1 110 ? 17.428  16.840  -8.912  1.00 38.96 ? 98  ASP A CB  1 
ATOM   556  C CG  . ASP A 1 110 ? 17.342  15.486  -9.599  1.00 41.62 ? 98  ASP A CG  1 
ATOM   557  O OD1 . ASP A 1 110 ? 16.585  14.613  -9.146  1.00 38.90 ? 98  ASP A OD1 1 
ATOM   558  O OD2 . ASP A 1 110 ? 18.040  15.328  -10.611 1.00 50.39 ? 98  ASP A OD2 1 
ATOM   559  N N   . ARG A 1 111 ? 14.598  17.272  -7.686  1.00 33.36 ? 99  ARG A N   1 
ATOM   560  C CA  . ARG A 1 111 ? 13.145  17.096  -7.412  1.00 35.77 ? 99  ARG A CA  1 
ATOM   561  C C   . ARG A 1 111 ? 12.671  15.763  -8.010  1.00 32.68 ? 99  ARG A C   1 
ATOM   562  O O   . ARG A 1 111 ? 11.830  15.101  -7.357  1.00 35.81 ? 99  ARG A O   1 
ATOM   563  C CB  . ARG A 1 111 ? 12.379  18.322  -7.917  1.00 37.23 ? 99  ARG A CB  1 
ATOM   564  C CG  . ARG A 1 111 ? 12.393  18.445  -9.425  1.00 39.65 ? 99  ARG A CG  1 
ATOM   565  C CD  . ARG A 1 111 ? 12.317  19.865  -9.960  1.00 42.42 ? 99  ARG A CD  1 
ATOM   566  N NE  . ARG A 1 111 ? 11.960  19.725  -11.354 1.00 41.77 ? 99  ARG A NE  1 
ATOM   567  C CZ  . ARG A 1 111 ? 11.584  20.716  -12.151 1.00 45.75 ? 99  ARG A CZ  1 
ATOM   568  N NH1 . ARG A 1 111 ? 11.549  21.951  -11.688 1.00 42.95 ? 99  ARG A NH1 1 
ATOM   569  N NH2 . ARG A 1 111 ? 11.261  20.457  -13.410 1.00 47.22 ? 99  ARG A NH2 1 
ATOM   570  N N   . GLU A 1 112 ? 13.207  15.345  -9.162  1.00 27.87 ? 100 GLU A N   1 
ATOM   571  C CA  . GLU A 1 112 ? 12.765  14.071  -9.774  1.00 31.46 ? 100 GLU A CA  1 
ATOM   572  C C   . GLU A 1 112 ? 13.164  12.924  -8.842  1.00 32.83 ? 100 GLU A C   1 
ATOM   573  O O   . GLU A 1 112 ? 12.352  12.068  -8.516  1.00 24.36 ? 100 GLU A O   1 
ATOM   574  C CB  . GLU A 1 112 ? 13.348  13.893  -11.162 1.00 34.75 ? 100 GLU A CB  1 
ATOM   575  C CG  . GLU A 1 112 ? 13.184  12.472  -11.639 1.00 42.52 ? 100 GLU A CG  1 
ATOM   576  C CD  . GLU A 1 112 ? 13.374  12.266  -13.121 1.00 50.38 ? 100 GLU A CD  1 
ATOM   577  O OE1 . GLU A 1 112 ? 13.622  13.263  -13.831 1.00 59.60 ? 100 GLU A OE1 1 
ATOM   578  O OE2 . GLU A 1 112 ? 13.278  11.102  -13.554 1.00 56.33 ? 100 GLU A OE2 1 
ATOM   579  N N   . ASN A 1 113 ? 14.387  12.939  -8.342  1.00 28.67 ? 101 ASN A N   1 
ATOM   580  C CA  . ASN A 1 113 ? 14.842  11.860  -7.428  1.00 31.79 ? 101 ASN A CA  1 
ATOM   581  C C   . ASN A 1 113 ? 14.097  11.906  -6.082  1.00 25.48 ? 101 ASN A C   1 
ATOM   582  O O   . ASN A 1 113 ? 13.842  10.801  -5.477  1.00 28.50 ? 101 ASN A O   1 
ATOM   583  C CB  . ASN A 1 113 ? 16.359  11.953  -7.249  1.00 38.35 ? 101 ASN A CB  1 
ATOM   584  C CG  . ASN A 1 113 ? 16.975  10.580  -7.259  1.00 44.18 ? 101 ASN A CG  1 
ATOM   585  O OD1 . ASN A 1 113 ? 16.904  9.862   -8.264  1.00 43.46 ? 101 ASN A OD1 1 
ATOM   586  N ND2 . ASN A 1 113 ? 17.566  10.234  -6.127  1.00 52.60 ? 101 ASN A ND2 1 
ATOM   587  N N   . MET A 1 114 ? 13.770  13.097  -5.580  1.00 24.81 ? 102 MET A N   1 
ATOM   588  C CA  . MET A 1 114 ? 12.986  13.258  -4.324  1.00 25.05 ? 102 MET A CA  1 
ATOM   589  C C   . MET A 1 114 ? 11.649  12.513  -4.478  1.00 24.62 ? 102 MET A C   1 
ATOM   590  O O   . MET A 1 114 ? 11.288  11.728  -3.595  1.00 22.83 ? 102 MET A O   1 
ATOM   591  C CB  . MET A 1 114 ? 12.703  14.730  -4.010  1.00 32.24 ? 102 MET A CB  1 
ATOM   592  C CG  . MET A 1 114 ? 11.656  14.954  -2.915  1.00 37.50 ? 102 MET A CG  1 
ATOM   593  S SD  . MET A 1 114 ? 11.344  16.715  -2.513  1.00 45.11 ? 102 MET A SD  1 
ATOM   594  C CE  . MET A 1 114 ? 10.128  17.152  -3.758  1.00 38.75 ? 102 MET A CE  1 
ATOM   595  N N   . TRP A 1 115 ? 10.920  12.736  -5.561  1.00 25.56 ? 103 TRP A N   1 
ATOM   596  C CA  . TRP A 1 115 ? 9.603   12.063  -5.745  1.00 23.16 ? 103 TRP A CA  1 
ATOM   597  C C   . TRP A 1 115 ? 9.810   10.568  -5.978  1.00 22.74 ? 103 TRP A C   1 
ATOM   598  O O   . TRP A 1 115 ? 9.010   9.783   -5.428  1.00 23.57 ? 103 TRP A O   1 
ATOM   599  C CB  . TRP A 1 115 ? 8.805   12.736  -6.862  1.00 23.19 ? 103 TRP A CB  1 
ATOM   600  C CG  . TRP A 1 115 ? 8.309   14.087  -6.457  1.00 23.26 ? 103 TRP A CG  1 
ATOM   601  C CD1 . TRP A 1 115 ? 8.714   15.290  -6.951  1.00 25.29 ? 103 TRP A CD1 1 
ATOM   602  C CD2 . TRP A 1 115 ? 7.305   14.391  -5.468  1.00 23.13 ? 103 TRP A CD2 1 
ATOM   603  N NE1 . TRP A 1 115 ? 8.053   16.318  -6.334  1.00 22.83 ? 103 TRP A NE1 1 
ATOM   604  C CE2 . TRP A 1 115 ? 7.166   15.800  -5.436  1.00 25.29 ? 103 TRP A CE2 1 
ATOM   605  C CE3 . TRP A 1 115 ? 6.502   13.625  -4.616  1.00 25.42 ? 103 TRP A CE3 1 
ATOM   606  C CZ2 . TRP A 1 115 ? 6.266   16.454  -4.597  1.00 26.07 ? 103 TRP A CZ2 1 
ATOM   607  C CZ3 . TRP A 1 115 ? 5.631   14.277  -3.762  1.00 24.08 ? 103 TRP A CZ3 1 
ATOM   608  C CH2 . TRP A 1 115 ? 5.508   15.665  -3.765  1.00 27.60 ? 103 TRP A CH2 1 
ATOM   609  N N   . ARG A 1 116 ? 10.828  10.182  -6.749  1.00 20.65 ? 104 ARG A N   1 
ATOM   610  C CA  . ARG A 1 116 ? 11.124  8.772   -7.073  1.00 22.44 ? 104 ARG A CA  1 
ATOM   611  C C   . ARG A 1 116 ? 11.385  8.029   -5.757  1.00 21.14 ? 104 ARG A C   1 
ATOM   612  O O   . ARG A 1 116 ? 10.858  6.938   -5.544  1.00 19.21 ? 104 ARG A O   1 
ATOM   613  C CB  . ARG A 1 116 ? 12.320  8.675   -8.031  1.00 26.30 ? 104 ARG A CB  1 
ATOM   614  C CG  . ARG A 1 116 ? 12.769  7.257   -8.355  1.00 27.33 ? 104 ARG A CG  1 
ATOM   615  C CD  . ARG A 1 116 ? 13.911  7.176   -9.358  1.00 30.30 ? 104 ARG A CD  1 
ATOM   616  N NE  . ARG A 1 116 ? 13.615  7.929   -10.576 1.00 34.73 ? 104 ARG A NE  1 
ATOM   617  C CZ  . ARG A 1 116 ? 12.975  7.446   -11.640 1.00 36.41 ? 104 ARG A CZ  1 
ATOM   618  N NH1 . ARG A 1 116 ? 12.579  6.181   -11.688 1.00 39.81 ? 104 ARG A NH1 1 
ATOM   619  N NH2 . ARG A 1 116 ? 12.750  8.237   -12.676 1.00 35.70 ? 104 ARG A NH2 1 
ATOM   620  N N   . THR A 1 117 ? 12.198  8.605   -4.877  1.00 20.82 ? 105 THR A N   1 
ATOM   621  C CA  . THR A 1 117 ? 12.527  7.955   -3.584  1.00 20.26 ? 105 THR A CA  1 
ATOM   622  C C   . THR A 1 117 ? 11.248  7.757   -2.766  1.00 20.51 ? 105 THR A C   1 
ATOM   623  O O   . THR A 1 117 ? 11.116  6.689   -2.114  1.00 22.81 ? 105 THR A O   1 
ATOM   624  C CB  . THR A 1 117 ? 13.635  8.737   -2.850  1.00 24.21 ? 105 THR A CB  1 
ATOM   625  O OG1 . THR A 1 117 ? 14.759  8.844   -3.717  1.00 22.65 ? 105 THR A OG1 1 
ATOM   626  C CG2 . THR A 1 117 ? 14.100  7.997   -1.616  1.00 27.91 ? 105 THR A CG2 1 
ATOM   627  N N   . GLY A 1 118 ? 10.322  8.724   -2.760  1.00 20.24 ? 106 GLY A N   1 
ATOM   628  C CA  . GLY A 1 118 ? 9.052   8.613   -2.028  1.00 21.71 ? 106 GLY A CA  1 
ATOM   629  C C   . GLY A 1 118 ? 8.103   7.589   -2.654  1.00 20.91 ? 106 GLY A C   1 
ATOM   630  O O   . GLY A 1 118 ? 7.617   6.689   -1.925  1.00 20.25 ? 106 GLY A O   1 
ATOM   631  N N   . ILE A 1 119 ? 7.838   7.667   -3.961  1.00 19.83 ? 107 ILE A N   1 
ATOM   632  C CA  . ILE A 1 119 ? 7.032   6.595   -4.640  1.00 20.71 ? 107 ILE A CA  1 
ATOM   633  C C   . ILE A 1 119 ? 7.655   5.211   -4.406  1.00 19.77 ? 107 ILE A C   1 
ATOM   634  O O   . ILE A 1 119 ? 6.931   4.219   -4.201  1.00 18.00 ? 107 ILE A O   1 
ATOM   635  C CB  . ILE A 1 119 ? 6.873   6.905   -6.135  1.00 19.41 ? 107 ILE A CB  1 
ATOM   636  C CG1 . ILE A 1 119 ? 6.189   8.273   -6.317  1.00 20.05 ? 107 ILE A CG1 1 
ATOM   637  C CG2 . ILE A 1 119 ? 6.150   5.742   -6.780  1.00 18.17 ? 107 ILE A CG2 1 
ATOM   638  C CD1 . ILE A 1 119 ? 6.127   8.777   -7.743  1.00 22.78 ? 107 ILE A CD1 1 
ATOM   639  N N   . ASN A 1 120 ? 8.990   5.108   -4.470  1.00 20.85 ? 108 ASN A N   1 
ATOM   640  C CA  . ASN A 1 120 ? 9.699   3.824   -4.290  1.00 20.78 ? 108 ASN A CA  1 
ATOM   641  C C   . ASN A 1 120 ? 9.374   3.166   -2.938  1.00 18.98 ? 108 ASN A C   1 
ATOM   642  O O   . ASN A 1 120 ? 9.426   1.914   -2.896  1.00 21.01 ? 108 ASN A O   1 
ATOM   643  C CB  . ASN A 1 120 ? 11.226  3.988   -4.433  1.00 23.33 ? 108 ASN A CB  1 
ATOM   644  C CG  . ASN A 1 120 ? 11.911  2.647   -4.495  1.00 22.91 ? 108 ASN A CG  1 
ATOM   645  O OD1 . ASN A 1 120 ? 11.649  1.870   -5.418  1.00 21.70 ? 108 ASN A OD1 1 
ATOM   646  N ND2 . ASN A 1 120 ? 12.838  2.390   -3.569  1.00 23.74 ? 108 ASN A ND2 1 
ATOM   647  N N   . VAL A 1 121 ? 9.159   3.930   -1.863  1.00 21.01 ? 109 VAL A N   1 
ATOM   648  C CA  . VAL A 1 121 ? 8.720   3.354   -0.545  1.00 23.21 ? 109 VAL A CA  1 
ATOM   649  C C   . VAL A 1 121 ? 7.539   2.409   -0.810  1.00 20.77 ? 109 VAL A C   1 
ATOM   650  O O   . VAL A 1 121 ? 7.477   1.281   -0.258  1.00 18.45 ? 109 VAL A O   1 
ATOM   651  C CB  . VAL A 1 121 ? 8.357   4.461   0.471   1.00 29.99 ? 109 VAL A CB  1 
ATOM   652  C CG1 . VAL A 1 121 ? 7.587   3.935   1.684   1.00 32.28 ? 109 VAL A CG1 1 
ATOM   653  C CG2 . VAL A 1 121 ? 9.601   5.214   0.925   1.00 31.10 ? 109 VAL A CG2 1 
ATOM   654  N N   . PHE A 1 122 ? 6.588   2.835   -1.641  1.00 20.54 ? 110 PHE A N   1 
ATOM   655  C CA  . PHE A 1 122 ? 5.296   2.125   -1.847  1.00 19.68 ? 110 PHE A CA  1 
ATOM   656  C C   . PHE A 1 122 ? 5.504   0.948   -2.793  1.00 20.53 ? 110 PHE A C   1 
ATOM   657  O O   . PHE A 1 122 ? 4.993   -0.172  -2.528  1.00 19.84 ? 110 PHE A O   1 
ATOM   658  C CB  . PHE A 1 122 ? 4.238   3.132   -2.336  1.00 20.92 ? 110 PHE A CB  1 
ATOM   659  C CG  . PHE A 1 122 ? 3.835   4.073   -1.235  1.00 22.89 ? 110 PHE A CG  1 
ATOM   660  C CD1 . PHE A 1 122 ? 2.881   3.704   -0.303  1.00 22.92 ? 110 PHE A CD1 1 
ATOM   661  C CD2 . PHE A 1 122 ? 4.480   5.296   -1.077  1.00 24.71 ? 110 PHE A CD2 1 
ATOM   662  C CE1 . PHE A 1 122 ? 2.585   4.527   0.783   1.00 23.06 ? 110 PHE A CE1 1 
ATOM   663  C CE2 . PHE A 1 122 ? 4.177   6.124   -0.002  1.00 27.04 ? 110 PHE A CE2 1 
ATOM   664  C CZ  . PHE A 1 122 ? 3.199   5.751   0.915   1.00 25.15 ? 110 PHE A CZ  1 
ATOM   665  N N   . PHE A 1 123 ? 6.277   1.171   -3.862  1.00 20.27 ? 111 PHE A N   1 
ATOM   666  C CA  . PHE A 1 123 ? 6.690   0.135   -4.837  1.00 21.92 ? 111 PHE A CA  1 
ATOM   667  C C   . PHE A 1 123 ? 7.405   -1.022  -4.123  1.00 20.59 ? 111 PHE A C   1 
ATOM   668  O O   . PHE A 1 123 ? 7.016   -2.151  -4.320  1.00 18.46 ? 111 PHE A O   1 
ATOM   669  C CB  . PHE A 1 123 ? 7.622   0.760   -5.872  1.00 23.38 ? 111 PHE A CB  1 
ATOM   670  C CG  . PHE A 1 123 ? 8.165   -0.171  -6.920  1.00 26.60 ? 111 PHE A CG  1 
ATOM   671  C CD1 . PHE A 1 123 ? 7.341   -0.693  -7.903  1.00 25.31 ? 111 PHE A CD1 1 
ATOM   672  C CD2 . PHE A 1 123 ? 9.513   -0.506  -6.958  1.00 27.97 ? 111 PHE A CD2 1 
ATOM   673  C CE1 . PHE A 1 123 ? 7.849   -1.522  -8.885  1.00 24.90 ? 111 PHE A CE1 1 
ATOM   674  C CE2 . PHE A 1 123 ? 10.018  -1.352  -7.938  1.00 26.69 ? 111 PHE A CE2 1 
ATOM   675  C CZ  . PHE A 1 123 ? 9.183   -1.868  -8.899  1.00 24.76 ? 111 PHE A CZ  1 
ATOM   676  N N   . GLU A 1 124 ? 8.423   -0.723  -3.305  1.00 21.89 ? 112 GLU A N   1 
ATOM   677  C CA  . GLU A 1 124 ? 9.189   -1.777  -2.589  1.00 23.24 ? 112 GLU A CA  1 
ATOM   678  C C   . GLU A 1 124 ? 8.351   -2.405  -1.481  1.00 23.85 ? 112 GLU A C   1 
ATOM   679  O O   . GLU A 1 124 ? 8.359   -3.663  -1.367  1.00 26.34 ? 112 GLU A O   1 
ATOM   680  C CB  . GLU A 1 124 ? 10.450  -1.185  -1.957  1.00 26.49 ? 112 GLU A CB  1 
ATOM   681  C CG  . GLU A 1 124 ? 11.545  -0.985  -2.965  1.00 29.31 ? 112 GLU A CG  1 
ATOM   682  C CD  . GLU A 1 124 ? 12.018  -2.269  -3.621  1.00 35.21 ? 112 GLU A CD  1 
ATOM   683  O OE1 . GLU A 1 124 ? 12.041  -3.312  -2.919  1.00 34.64 ? 112 GLU A OE1 1 
ATOM   684  O OE2 . GLU A 1 124 ? 12.350  -2.223  -4.833  1.00 36.92 ? 112 GLU A OE2 1 
ATOM   685  N N   . THR A 1 125 ? 7.635   -1.605  -0.695  1.00 21.62 ? 113 THR A N   1 
ATOM   686  C CA  . THR A 1 125 ? 6.940   -2.146  0.492   1.00 23.63 ? 113 THR A CA  1 
ATOM   687  C C   . THR A 1 125 ? 5.823   -3.041  -0.025  1.00 24.91 ? 113 THR A C   1 
ATOM   688  O O   . THR A 1 125 ? 5.733   -4.219  0.415   1.00 23.69 ? 113 THR A O   1 
ATOM   689  C CB  . THR A 1 125 ? 6.374   -1.092  1.454   1.00 25.90 ? 113 THR A CB  1 
ATOM   690  O OG1 . THR A 1 125 ? 7.435   -0.243  1.874   1.00 23.00 ? 113 THR A OG1 1 
ATOM   691  C CG2 . THR A 1 125 ? 5.672   -1.697  2.656   1.00 29.68 ? 113 THR A CG2 1 
ATOM   692  N N   . PHE A 1 126 ? 4.968   -2.524  -0.910  1.00 23.10 ? 114 PHE A N   1 
ATOM   693  C CA  . PHE A 1 126 ? 3.781   -3.312  -1.353  1.00 23.94 ? 114 PHE A CA  1 
ATOM   694  C C   . PHE A 1 126 ? 4.244   -4.431  -2.290  1.00 24.72 ? 114 PHE A C   1 
ATOM   695  O O   . PHE A 1 126 ? 3.674   -5.582  -2.272  1.00 21.17 ? 114 PHE A O   1 
ATOM   696  C CB  . PHE A 1 126 ? 2.727   -2.360  -1.921  1.00 25.82 ? 114 PHE A CB  1 
ATOM   697  C CG  . PHE A 1 126 ? 1.987   -1.625  -0.841  1.00 29.35 ? 114 PHE A CG  1 
ATOM   698  C CD1 . PHE A 1 126 ? 1.034   -2.295  -0.082  1.00 36.58 ? 114 PHE A CD1 1 
ATOM   699  C CD2 . PHE A 1 126 ? 2.165   -0.282  -0.621  1.00 32.67 ? 114 PHE A CD2 1 
ATOM   700  C CE1 . PHE A 1 126 ? 0.325   -1.633  0.912   1.00 38.54 ? 114 PHE A CE1 1 
ATOM   701  C CE2 . PHE A 1 126 ? 1.472   0.376   0.397   1.00 36.13 ? 114 PHE A CE2 1 
ATOM   702  C CZ  . PHE A 1 126 ? 0.560   -0.294  1.160   1.00 36.84 ? 114 PHE A CZ  1 
ATOM   703  N N   . GLY A 1 127 ? 5.275   -4.118  -3.088  1.00 25.88 ? 115 GLY A N   1 
ATOM   704  C CA  . GLY A 1 127 ? 5.900   -5.046  -4.052  1.00 26.92 ? 115 GLY A CA  1 
ATOM   705  C C   . GLY A 1 127 ? 6.530   -6.255  -3.371  1.00 26.49 ? 115 GLY A C   1 
ATOM   706  O O   . GLY A 1 127 ? 6.579   -7.296  -3.980  1.00 25.10 ? 115 GLY A O   1 
ATOM   707  N N   . SER A 1 128 ? 6.942   -6.107  -2.123  1.00 27.54 ? 116 SER A N   1 
ATOM   708  C CA  . SER A 1 128 ? 7.501   -7.174  -1.261  1.00 29.12 ? 116 SER A CA  1 
ATOM   709  C C   . SER A 1 128 ? 6.414   -7.989  -0.570  1.00 28.17 ? 116 SER A C   1 
ATOM   710  O O   . SER A 1 128 ? 6.777   -9.014  0.042   1.00 28.30 ? 116 SER A O   1 
ATOM   711  C CB  . SER A 1 128 ? 8.425   -6.573  -0.262  1.00 29.73 ? 116 SER A CB  1 
ATOM   712  O OG  . SER A 1 128 ? 9.581   -6.208  -0.987  1.00 28.47 ? 116 SER A OG  1 
ATOM   713  N N   . HIS A 1 129 ? 5.166   -7.534  -0.606  1.00 25.29 ? 117 HIS A N   1 
ATOM   714  C CA  . HIS A 1 129 ? 4.024   -8.225  0.041   1.00 27.86 ? 117 HIS A CA  1 
ATOM   715  C C   . HIS A 1 129 ? 2.844   -8.247  -0.935  1.00 28.15 ? 117 HIS A C   1 
ATOM   716  O O   . HIS A 1 129 ? 1.772   -7.744  -0.566  1.00 27.40 ? 117 HIS A O   1 
ATOM   717  C CB  . HIS A 1 129 ? 3.673   -7.568  1.383   1.00 27.67 ? 117 HIS A CB  1 
ATOM   718  C CG  . HIS A 1 129 ? 4.779   -7.618  2.369   1.00 30.59 ? 117 HIS A CG  1 
ATOM   719  N ND1 . HIS A 1 129 ? 5.703   -6.583  2.507   1.00 33.22 ? 117 HIS A ND1 1 
ATOM   720  C CD2 . HIS A 1 129 ? 5.151   -8.582  3.235   1.00 28.66 ? 117 HIS A CD2 1 
ATOM   721  C CE1 . HIS A 1 129 ? 6.613   -6.929  3.409   1.00 31.22 ? 117 HIS A CE1 1 
ATOM   722  N NE2 . HIS A 1 129 ? 6.284   -8.140  3.872   1.00 31.89 ? 117 HIS A NE2 1 
ATOM   723  N N   . LYS A 1 130 ? 3.036   -8.815  -2.131  1.00 29.02 ? 118 LYS A N   1 
ATOM   724  C CA  . LYS A 1 130 ? 2.023   -8.760  -3.224  1.00 30.54 ? 118 LYS A CA  1 
ATOM   725  C C   . LYS A 1 130 ? 0.753   -9.509  -2.824  1.00 28.59 ? 118 LYS A C   1 
ATOM   726  O O   . LYS A 1 130 ? -0.335  -9.032  -3.137  1.00 24.80 ? 118 LYS A O   1 
ATOM   727  C CB  . LYS A 1 130 ? 2.562   -9.361  -4.516  1.00 30.74 ? 118 LYS A CB  1 
ATOM   728  C CG  . LYS A 1 130 ? 3.564   -8.493  -5.247  1.00 32.25 ? 118 LYS A CG  1 
ATOM   729  C CD  . LYS A 1 130 ? 4.156   -9.237  -6.411  1.00 33.34 ? 118 LYS A CD  1 
ATOM   730  C CE  . LYS A 1 130 ? 4.853   -8.333  -7.385  1.00 36.15 ? 118 LYS A CE  1 
ATOM   731  N NZ  . LYS A 1 130 ? 6.186   -7.976  -6.883  1.00 36.12 ? 118 LYS A NZ  1 
ATOM   732  N N   . ALA A 1 131 ? 0.875   -10.673 -2.186  1.00 29.98 ? 119 ALA A N   1 
ATOM   733  C CA  . ALA A 1 131 ? -0.315  -11.486 -1.841  1.00 28.73 ? 119 ALA A CA  1 
ATOM   734  C C   . ALA A 1 131 ? -1.167  -10.731 -0.813  1.00 24.36 ? 119 ALA A C   1 
ATOM   735  O O   . ALA A 1 131 ? -2.400  -10.693 -0.970  1.00 27.83 ? 119 ALA A O   1 
ATOM   736  C CB  . ALA A 1 131 ? 0.097   -12.847 -1.337  1.00 32.16 ? 119 ALA A CB  1 
ATOM   737  N N   . VAL A 1 132 ? -0.553  -10.140 0.199   1.00 25.62 ? 120 VAL A N   1 
ATOM   738  C CA  . VAL A 1 132 ? -1.295  -9.332  1.204   1.00 26.20 ? 120 VAL A CA  1 
ATOM   739  C C   . VAL A 1 132 ? -1.906  -8.110  0.509   1.00 28.46 ? 120 VAL A C   1 
ATOM   740  O O   . VAL A 1 132 ? -3.073  -7.818  0.754   1.00 29.05 ? 120 VAL A O   1 
ATOM   741  C CB  . VAL A 1 132 ? -0.397  -8.930  2.376   1.00 27.85 ? 120 VAL A CB  1 
ATOM   742  C CG1 . VAL A 1 132 ? -1.066  -7.887  3.266   1.00 27.69 ? 120 VAL A CG1 1 
ATOM   743  C CG2 . VAL A 1 132 ? 0.011   -10.171 3.169   1.00 30.96 ? 120 VAL A CG2 1 
ATOM   744  N N   . THR A 1 133 ? -1.146  -7.418  -0.343  1.00 28.92 ? 121 THR A N   1 
ATOM   745  C CA  . THR A 1 133 ? -1.651  -6.250  -1.127  1.00 26.17 ? 121 THR A CA  1 
ATOM   746  C C   . THR A 1 133 ? -2.900  -6.642  -1.910  1.00 26.17 ? 121 THR A C   1 
ATOM   747  O O   . THR A 1 133 ? -3.935  -5.989  -1.725  1.00 29.27 ? 121 THR A O   1 
ATOM   748  C CB  . THR A 1 133 ? -0.602  -5.753  -2.122  1.00 25.17 ? 121 THR A CB  1 
ATOM   749  O OG1 . THR A 1 133 ? 0.510   -5.330  -1.350  1.00 23.73 ? 121 THR A OG1 1 
ATOM   750  C CG2 . THR A 1 133 ? -1.092  -4.596  -2.960  1.00 28.89 ? 121 THR A CG2 1 
ATOM   751  N N   . ARG A 1 134 ? -2.792  -7.693  -2.719  1.00 25.90 ? 122 ARG A N   1 
ATOM   752  C CA  . ARG A 1 134 ? -3.889  -8.190  -3.585  1.00 30.01 ? 122 ARG A CA  1 
ATOM   753  C C   . ARG A 1 134 ? -5.076  -8.575  -2.686  1.00 30.18 ? 122 ARG A C   1 
ATOM   754  O O   . ARG A 1 134 ? -6.137  -8.058  -2.879  1.00 26.07 ? 122 ARG A O   1 
ATOM   755  C CB  . ARG A 1 134 ? -3.355  -9.352  -4.428  1.00 35.21 ? 122 ARG A CB  1 
ATOM   756  C CG  . ARG A 1 134 ? -4.392  -10.080 -5.273  1.00 44.28 ? 122 ARG A CG  1 
ATOM   757  C CD  . ARG A 1 134 ? -4.055  -11.569 -5.414  1.00 53.11 ? 122 ARG A CD  1 
ATOM   758  N NE  . ARG A 1 134 ? -4.547  -12.351 -4.266  1.00 61.21 ? 122 ARG A NE  1 
ATOM   759  C CZ  . ARG A 1 134 ? -3.893  -13.344 -3.644  1.00 59.53 ? 122 ARG A CZ  1 
ATOM   760  N NH1 . ARG A 1 134 ? -4.457  -13.969 -2.620  1.00 53.86 ? 122 ARG A NH1 1 
ATOM   761  N NH2 . ARG A 1 134 ? -2.681  -13.711 -4.038  1.00 58.40 ? 122 ARG A NH2 1 
ATOM   762  N N   . ALA A 1 135 ? -4.904  -9.398  -1.646  1.00 29.33 ? 123 ALA A N   1 
ATOM   763  C CA  . ALA A 1 135 ? -6.069  -9.806  -0.820  1.00 27.62 ? 123 ALA A CA  1 
ATOM   764  C C   . ALA A 1 135 ? -6.628  -8.595  -0.061  1.00 27.49 ? 123 ALA A C   1 
ATOM   765  O O   . ALA A 1 135 ? -7.881  -8.446  0.084   1.00 29.61 ? 123 ALA A O   1 
ATOM   766  C CB  . ALA A 1 135 ? -5.636  -10.928 0.096   1.00 31.69 ? 123 ALA A CB  1 
ATOM   767  N N   . GLY A 1 136 ? -5.766  -7.703  0.421   1.00 26.21 ? 124 GLY A N   1 
ATOM   768  C CA  . GLY A 1 136 ? -6.216  -6.531  1.193   1.00 26.84 ? 124 GLY A CA  1 
ATOM   769  C C   . GLY A 1 136 ? -7.066  -5.629  0.329   1.00 28.90 ? 124 GLY A C   1 
ATOM   770  O O   . GLY A 1 136 ? -8.127  -5.167  0.749   1.00 29.45 ? 124 GLY A O   1 
ATOM   771  N N   . GLN A 1 137 ? -6.614  -5.379  -0.894  1.00 27.81 ? 125 GLN A N   1 
ATOM   772  C CA  . GLN A 1 137 ? -7.383  -4.511  -1.806  1.00 29.05 ? 125 GLN A CA  1 
ATOM   773  C C   . GLN A 1 137 ? -8.731  -5.179  -2.063  1.00 27.84 ? 125 GLN A C   1 
ATOM   774  O O   . GLN A 1 137 ? -9.712  -4.467  -2.055  1.00 27.94 ? 125 GLN A O   1 
ATOM   775  C CB  . GLN A 1 137 ? -6.581  -4.261  -3.082  1.00 31.16 ? 125 GLN A CB  1 
ATOM   776  C CG  . GLN A 1 137 ? -5.364  -3.370  -2.837  1.00 33.27 ? 125 GLN A CG  1 
ATOM   777  C CD  . GLN A 1 137 ? -5.714  -2.074  -2.141  1.00 31.91 ? 125 GLN A CD  1 
ATOM   778  O OE1 . GLN A 1 137 ? -6.553  -1.337  -2.605  1.00 31.13 ? 125 GLN A OE1 1 
ATOM   779  N NE2 . GLN A 1 137 ? -5.117  -1.811  -0.980  1.00 32.88 ? 125 GLN A NE2 1 
ATOM   780  N N   . ALA A 1 138 ? -8.784  -6.485  -2.294  1.00 29.18 ? 126 ALA A N   1 
ATOM   781  C CA  . ALA A 1 138 ? -10.074 -7.163  -2.602  1.00 31.61 ? 126 ALA A CA  1 
ATOM   782  C C   . ALA A 1 138 ? -11.002 -7.077  -1.388  1.00 33.38 ? 126 ALA A C   1 
ATOM   783  O O   . ALA A 1 138 ? -12.215 -6.790  -1.560  1.00 34.90 ? 126 ALA A O   1 
ATOM   784  C CB  . ALA A 1 138 ? -9.837  -8.593  -3.009  1.00 34.35 ? 126 ALA A CB  1 
ATOM   785  N N   . ALA A 1 139 ? -10.450 -7.228  -0.176  1.00 32.31 ? 127 ALA A N   1 
ATOM   786  C CA  . ALA A 1 139 ? -11.259 -7.181  1.065   1.00 31.14 ? 127 ALA A CA  1 
ATOM   787  C C   . ALA A 1 139 ? -11.871 -5.793  1.266   1.00 33.14 ? 127 ALA A C   1 
ATOM   788  O O   . ALA A 1 139 ? -12.814 -5.709  2.044   1.00 28.53 ? 127 ALA A O   1 
ATOM   789  C CB  . ALA A 1 139 ? -10.442 -7.617  2.249   1.00 30.44 ? 127 ALA A CB  1 
ATOM   790  N N   . ARG A 1 140 ? -11.402 -4.721  0.594   1.00 30.07 ? 128 ARG A N   1 
ATOM   791  C CA  . ARG A 1 140 ? -12.045 -3.384  0.732   1.00 29.65 ? 128 ARG A CA  1 
ATOM   792  C C   . ARG A 1 140 ? -13.541 -3.458  0.414   1.00 30.69 ? 128 ARG A C   1 
ATOM   793  O O   . ARG A 1 140 ? -14.312 -2.699  1.023   1.00 33.94 ? 128 ARG A O   1 
ATOM   794  C CB  . ARG A 1 140 ? -11.392 -2.326  -0.154  1.00 27.75 ? 128 ARG A CB  1 
ATOM   795  C CG  . ARG A 1 140 ? -10.013 -1.947  0.368   1.00 26.95 ? 128 ARG A CG  1 
ATOM   796  C CD  . ARG A 1 140 ? -9.241  -1.192  -0.679  1.00 27.79 ? 128 ARG A CD  1 
ATOM   797  N NE  . ARG A 1 140 ? -9.925  0.054   -0.912  1.00 27.92 ? 128 ARG A NE  1 
ATOM   798  C CZ  . ARG A 1 140 ? -9.597  0.951   -1.839  1.00 31.60 ? 128 ARG A CZ  1 
ATOM   799  N NH1 . ARG A 1 140 ? -8.609  0.716   -2.681  1.00 26.70 ? 128 ARG A NH1 1 
ATOM   800  N NH2 . ARG A 1 140 ? -10.290 2.073   -1.913  1.00 30.99 ? 128 ARG A NH2 1 
ATOM   801  N N   . ALA A 1 141 ? -13.927 -4.331  -0.497  1.00 34.02 ? 129 ALA A N   1 
ATOM   802  C CA  . ALA A 1 141 ? -15.324 -4.470  -0.969  1.00 36.30 ? 129 ALA A CA  1 
ATOM   803  C C   . ALA A 1 141 ? -16.204 -5.088  0.134   1.00 39.38 ? 129 ALA A C   1 
ATOM   804  O O   . ALA A 1 141 ? -17.391 -4.785  0.144   1.00 42.80 ? 129 ALA A O   1 
ATOM   805  C CB  . ALA A 1 141 ? -15.351 -5.272  -2.257  1.00 32.59 ? 129 ALA A CB  1 
ATOM   806  N N   . THR A 1 142 ? -15.661 -5.892  1.054   1.00 41.75 ? 130 THR A N   1 
ATOM   807  C CA  . THR A 1 142 ? -16.474 -6.778  1.940   1.00 40.87 ? 130 THR A CA  1 
ATOM   808  C C   . THR A 1 142 ? -16.170 -6.542  3.422   1.00 44.12 ? 130 THR A C   1 
ATOM   809  O O   . THR A 1 142 ? -16.882 -7.122  4.246   1.00 43.92 ? 130 THR A O   1 
ATOM   810  C CB  . THR A 1 142 ? -16.252 -8.241  1.564   1.00 39.53 ? 130 THR A CB  1 
ATOM   811  O OG1 . THR A 1 142 ? -14.861 -8.513  1.714   1.00 38.86 ? 130 THR A OG1 1 
ATOM   812  C CG2 . THR A 1 142 ? -16.651 -8.536  0.136   1.00 40.36 ? 130 THR A CG2 1 
ATOM   813  N N   . SER A 1 143 ? -15.143 -5.766  3.763   1.00 36.52 ? 131 SER A N   1 
ATOM   814  C CA  . SER A 1 143 ? -14.785 -5.469  5.164   1.00 36.33 ? 131 SER A CA  1 
ATOM   815  C C   . SER A 1 143 ? -14.717 -3.965  5.368   1.00 39.75 ? 131 SER A C   1 
ATOM   816  O O   . SER A 1 143 ? -13.863 -3.315  4.712   1.00 35.69 ? 131 SER A O   1 
ATOM   817  C CB  . SER A 1 143 ? -13.515 -6.135  5.534   1.00 35.96 ? 131 SER A CB  1 
ATOM   818  O OG  . SER A 1 143 ? -12.933 -5.447  6.608   1.00 34.06 ? 131 SER A OG  1 
ATOM   819  N N   . VAL A 1 144 ? -15.595 -3.430  6.232   1.00 38.89 ? 132 VAL A N   1 
ATOM   820  C CA  . VAL A 1 144 ? -15.620 -1.990  6.592   1.00 39.94 ? 132 VAL A CA  1 
ATOM   821  C C   . VAL A 1 144 ? -14.274 -1.661  7.231   1.00 35.07 ? 132 VAL A C   1 
ATOM   822  O O   . VAL A 1 144 ? -13.777 -0.531  7.051   1.00 31.03 ? 132 VAL A O   1 
ATOM   823  C CB  . VAL A 1 144 ? -16.772 -1.637  7.555   1.00 44.06 ? 132 VAL A CB  1 
ATOM   824  C CG1 . VAL A 1 144 ? -16.648 -0.212  8.077   1.00 46.72 ? 132 VAL A CG1 1 
ATOM   825  C CG2 . VAL A 1 144 ? -18.122 -1.849  6.910   1.00 45.61 ? 132 VAL A CG2 1 
ATOM   826  N N   . GLU A 1 145 ? -13.747 -2.554  8.062   1.00 32.09 ? 133 GLU A N   1 
ATOM   827  C CA  . GLU A 1 145 ? -12.474 -2.256  8.764   1.00 33.04 ? 133 GLU A CA  1 
ATOM   828  C C   . GLU A 1 145 ? -11.339 -2.131  7.732   1.00 28.51 ? 133 GLU A C   1 
ATOM   829  O O   . GLU A 1 145 ? -10.467 -1.255  7.921   1.00 28.09 ? 133 GLU A O   1 
ATOM   830  C CB  . GLU A 1 145 ? -12.142 -3.331  9.787   1.00 37.97 ? 133 GLU A CB  1 
ATOM   831  C CG  . GLU A 1 145 ? -12.824 -3.119  11.114  1.00 49.70 ? 133 GLU A CG  1 
ATOM   832  C CD  . GLU A 1 145 ? -13.213 -4.444  11.736  1.00 58.32 ? 133 GLU A CD  1 
ATOM   833  O OE1 . GLU A 1 145 ? -14.294 -4.955  11.379  1.00 69.06 ? 133 GLU A OE1 1 
ATOM   834  O OE2 . GLU A 1 145 ? -12.406 -4.977  12.525  1.00 66.14 ? 133 GLU A OE2 1 
ATOM   835  N N   . VAL A 1 146 ? -11.304 -3.002  6.717   1.00 30.13 ? 134 VAL A N   1 
ATOM   836  C CA  . VAL A 1 146 ? -10.216 -2.933  5.684   1.00 29.29 ? 134 VAL A CA  1 
ATOM   837  C C   . VAL A 1 146 ? -10.410 -1.654  4.857   1.00 27.18 ? 134 VAL A C   1 
ATOM   838  O O   . VAL A 1 146 ? -9.413  -0.948  4.656   1.00 25.64 ? 134 VAL A O   1 
ATOM   839  C CB  . VAL A 1 146 ? -10.138 -4.195  4.805   1.00 28.70 ? 134 VAL A CB  1 
ATOM   840  C CG1 . VAL A 1 146 ? -9.278  -3.972  3.570   1.00 28.67 ? 134 VAL A CG1 1 
ATOM   841  C CG2 . VAL A 1 146 ? -9.632  -5.403  5.586   1.00 30.05 ? 134 VAL A CG2 1 
ATOM   842  N N   . ALA A 1 147 ? -11.635 -1.352  4.394   1.00 26.89 ? 135 ALA A N   1 
ATOM   843  C CA  . ALA A 1 147 ? -11.959 -0.085  3.676   1.00 27.77 ? 135 ALA A CA  1 
ATOM   844  C C   . ALA A 1 147 ? -11.543 1.121   4.523   1.00 28.52 ? 135 ALA A C   1 
ATOM   845  O O   . ALA A 1 147 ? -10.939 2.082   3.990   1.00 25.87 ? 135 ALA A O   1 
ATOM   846  C CB  . ALA A 1 147 ? -13.433 -0.032  3.308   1.00 28.62 ? 135 ALA A CB  1 
ATOM   847  N N   . GLU A 1 148 ? -11.804 1.128   5.829   1.00 26.31 ? 136 GLU A N   1 
ATOM   848  C CA  . GLU A 1 148 ? -11.504 2.326   6.651   1.00 27.71 ? 136 GLU A CA  1 
ATOM   849  C C   . GLU A 1 148 ? -10.003 2.445   6.909   1.00 24.30 ? 136 GLU A C   1 
ATOM   850  O O   . GLU A 1 148 ? -9.518  3.589   6.989   1.00 21.91 ? 136 GLU A O   1 
ATOM   851  C CB  . GLU A 1 148 ? -12.280 2.282   7.975   1.00 35.31 ? 136 GLU A CB  1 
ATOM   852  C CG  . GLU A 1 148 ? -13.777 2.478   7.728   1.00 39.78 ? 136 GLU A CG  1 
ATOM   853  C CD  . GLU A 1 148 ? -14.611 2.512   8.997   1.00 49.29 ? 136 GLU A CD  1 
ATOM   854  O OE1 . GLU A 1 148 ? -14.082 2.103   10.062  1.00 47.01 ? 136 GLU A OE1 1 
ATOM   855  O OE2 . GLU A 1 148 ? -15.784 2.947   8.915   1.00 58.76 ? 136 GLU A OE2 1 
ATOM   856  N N   . LEU A 1 149 ? -9.300  1.328   7.047   1.00 23.59 ? 137 LEU A N   1 
ATOM   857  C CA  . LEU A 1 149 ? -7.815  1.340   7.211   1.00 25.91 ? 137 LEU A CA  1 
ATOM   858  C C   . LEU A 1 149 ? -7.188  1.941   5.942   1.00 22.63 ? 137 LEU A C   1 
ATOM   859  O O   . LEU A 1 149 ? -6.324  2.833   6.037   1.00 24.17 ? 137 LEU A O   1 
ATOM   860  C CB  . LEU A 1 149 ? -7.332  -0.098  7.430   1.00 26.91 ? 137 LEU A CB  1 
ATOM   861  C CG  . LEU A 1 149 ? -5.823  -0.302  7.398   1.00 28.38 ? 137 LEU A CG  1 
ATOM   862  C CD1 . LEU A 1 149 ? -5.115  0.483   8.494   1.00 32.43 ? 137 LEU A CD1 1 
ATOM   863  C CD2 . LEU A 1 149 ? -5.499  -1.785  7.506   1.00 32.99 ? 137 LEU A CD2 1 
ATOM   864  N N   . TRP A 1 150 ? -7.573  1.425   4.789   1.00 23.13 ? 138 TRP A N   1 
ATOM   865  C CA  . TRP A 1 150 ? -7.016  1.889   3.495   1.00 23.86 ? 138 TRP A CA  1 
ATOM   866  C C   . TRP A 1 150 ? -7.328  3.379   3.357   1.00 21.08 ? 138 TRP A C   1 
ATOM   867  O O   . TRP A 1 150 ? -6.418  4.186   3.133   1.00 22.27 ? 138 TRP A O   1 
ATOM   868  C CB  . TRP A 1 150 ? -7.537  1.073   2.304   1.00 21.47 ? 138 TRP A CB  1 
ATOM   869  C CG  . TRP A 1 150 ? -6.757  1.462   1.092   1.00 23.03 ? 138 TRP A CG  1 
ATOM   870  C CD1 . TRP A 1 150 ? -7.143  2.303   0.087   1.00 23.00 ? 138 TRP A CD1 1 
ATOM   871  C CD2 . TRP A 1 150 ? -5.369  1.173   0.866   1.00 21.57 ? 138 TRP A CD2 1 
ATOM   872  N NE1 . TRP A 1 150 ? -6.130  2.421   -0.834  1.00 24.54 ? 138 TRP A NE1 1 
ATOM   873  C CE2 . TRP A 1 150 ? -5.015  1.780   -0.361  1.00 23.83 ? 138 TRP A CE2 1 
ATOM   874  C CE3 . TRP A 1 150 ? -4.416  0.409   1.544   1.00 22.88 ? 138 TRP A CE3 1 
ATOM   875  C CZ2 . TRP A 1 150 ? -3.721  1.696   -0.883  1.00 24.07 ? 138 TRP A CZ2 1 
ATOM   876  C CZ3 . TRP A 1 150 ? -3.149  0.291   1.015   1.00 23.67 ? 138 TRP A CZ3 1 
ATOM   877  C CH2 . TRP A 1 150 ? -2.809  0.928   -0.188  1.00 24.31 ? 138 TRP A CH2 1 
ATOM   878  N N   . SER A 1 151 ? -8.581  3.765   3.571   1.00 23.45 ? 139 SER A N   1 
ATOM   879  C CA  . SER A 1 151 ? -9.037  5.178   3.484   1.00 23.00 ? 139 SER A CA  1 
ATOM   880  C C   . SER A 1 151 ? -8.256  6.105   4.442   1.00 23.76 ? 139 SER A C   1 
ATOM   881  O O   . SER A 1 151 ? -7.831  7.208   4.034   1.00 21.22 ? 139 SER A O   1 
ATOM   882  C CB  . SER A 1 151 ? -10.546 5.246   3.665   1.00 25.61 ? 139 SER A CB  1 
ATOM   883  O OG  . SER A 1 151 ? -10.920 6.594   3.868   1.00 30.60 ? 139 SER A OG  1 
ATOM   884  N N   . THR A 1 152 ? -8.041  5.715   5.702   1.00 22.62 ? 140 THR A N   1 
ATOM   885  C CA  . THR A 1 152 ? -7.271  6.521   6.678   1.00 22.71 ? 140 THR A CA  1 
ATOM   886  C C   . THR A 1 152 ? -5.874  6.785   6.130   1.00 20.10 ? 140 THR A C   1 
ATOM   887  O O   . THR A 1 152 ? -5.427  7.979   6.154   1.00 23.78 ? 140 THR A O   1 
ATOM   888  C CB  . THR A 1 152 ? -7.158  5.822   8.046   1.00 25.91 ? 140 THR A CB  1 
ATOM   889  O OG1 . THR A 1 152 ? -8.503  5.545   8.400   1.00 30.08 ? 140 THR A OG1 1 
ATOM   890  C CG2 . THR A 1 152 ? -6.555  6.685   9.117   1.00 28.74 ? 140 THR A CG2 1 
ATOM   891  N N   . PHE A 1 153 ? -5.160  5.744   5.688   1.00 20.23 ? 141 PHE A N   1 
ATOM   892  C CA  . PHE A 1 153 ? -3.754  5.932   5.239   1.00 20.90 ? 141 PHE A CA  1 
ATOM   893  C C   . PHE A 1 153 ? -3.692  6.709   3.929   1.00 19.68 ? 141 PHE A C   1 
ATOM   894  O O   . PHE A 1 153 ? -2.781  7.516   3.802   1.00 17.72 ? 141 PHE A O   1 
ATOM   895  C CB  . PHE A 1 153 ? -2.980  4.620   5.189   1.00 24.07 ? 141 PHE A CB  1 
ATOM   896  C CG  . PHE A 1 153 ? -2.481  4.289   6.576   1.00 24.30 ? 141 PHE A CG  1 
ATOM   897  C CD1 . PHE A 1 153 ? -1.282  4.805   7.041   1.00 25.97 ? 141 PHE A CD1 1 
ATOM   898  C CD2 . PHE A 1 153 ? -3.314  3.623   7.468   1.00 27.33 ? 141 PHE A CD2 1 
ATOM   899  C CE1 . PHE A 1 153 ? -0.858  4.527   8.338   1.00 29.95 ? 141 PHE A CE1 1 
ATOM   900  C CE2 . PHE A 1 153 ? -2.906  3.376   8.778   1.00 28.03 ? 141 PHE A CE2 1 
ATOM   901  C CZ  . PHE A 1 153 ? -1.675  3.814   9.199   1.00 27.63 ? 141 PHE A CZ  1 
ATOM   902  N N   . MET A 1 154 ? -4.621  6.476   3.021   1.00 20.44 ? 142 MET A N   1 
ATOM   903  C CA  . MET A 1 154 ? -4.680  7.246   1.738   1.00 19.70 ? 142 MET A CA  1 
ATOM   904  C C   . MET A 1 154 ? -4.840  8.747   2.059   1.00 21.40 ? 142 MET A C   1 
ATOM   905  O O   . MET A 1 154 ? -4.124  9.603   1.434   1.00 21.61 ? 142 MET A O   1 
ATOM   906  C CB  . MET A 1 154 ? -5.829  6.723   0.867   1.00 18.79 ? 142 MET A CB  1 
ATOM   907  C CG  . MET A 1 154 ? -5.507  5.427   0.125   1.00 19.78 ? 142 MET A CG  1 
ATOM   908  S SD  . MET A 1 154 ? -4.034  5.480   -1.003  1.00 21.58 ? 142 MET A SD  1 
ATOM   909  C CE  . MET A 1 154 ? -4.765  6.425   -2.350  1.00 21.90 ? 142 MET A CE  1 
ATOM   910  N N   . GLN A 1 155 ? -5.721  9.100   3.006   1.00 20.47 ? 143 GLN A N   1 
ATOM   911  C CA  . GLN A 1 155 ? -5.917  10.510  3.412   1.00 23.41 ? 143 GLN A CA  1 
ATOM   912  C C   . GLN A 1 155 ? -4.589  11.057  3.949   1.00 21.62 ? 143 GLN A C   1 
ATOM   913  O O   . GLN A 1 155 ? -4.218  12.155  3.602   1.00 19.99 ? 143 GLN A O   1 
ATOM   914  C CB  . GLN A 1 155 ? -7.003  10.659  4.473   1.00 25.24 ? 143 GLN A CB  1 
ATOM   915  C CG  . GLN A 1 155 ? -8.402  10.405  3.944   1.00 29.77 ? 143 GLN A CG  1 
ATOM   916  C CD  . GLN A 1 155 ? -9.396  10.394  5.089   1.00 35.68 ? 143 GLN A CD  1 
ATOM   917  O OE1 . GLN A 1 155 ? -9.460  11.328  5.869   1.00 43.46 ? 143 GLN A OE1 1 
ATOM   918  N NE2 . GLN A 1 155 ? -10.161 9.322   5.222   1.00 37.77 ? 143 GLN A NE2 1 
ATOM   919  N N   . LYS A 1 156 ? -3.920  10.318  4.813   1.00 20.19 ? 144 LYS A N   1 
ATOM   920  C CA  . LYS A 1 156 ? -2.612  10.752  5.342   1.00 23.18 ? 144 LYS A CA  1 
ATOM   921  C C   . LYS A 1 156 ? -1.596  10.971  4.201   1.00 20.73 ? 144 LYS A C   1 
ATOM   922  O O   . LYS A 1 156 ? -0.866  12.000  4.215   1.00 19.12 ? 144 LYS A O   1 
ATOM   923  C CB  . LYS A 1 156 ? -2.158  9.696   6.344   1.00 26.43 ? 144 LYS A CB  1 
ATOM   924  C CG  . LYS A 1 156 ? -0.831  10.010  6.991   1.00 34.19 ? 144 LYS A CG  1 
ATOM   925  C CD  . LYS A 1 156 ? -0.510  9.144   8.202   1.00 35.49 ? 144 LYS A CD  1 
ATOM   926  C CE  . LYS A 1 156 ? 0.636   9.767   8.974   1.00 37.74 ? 144 LYS A CE  1 
ATOM   927  N NZ  . LYS A 1 156 ? 1.332   8.767   9.806   1.00 40.40 ? 144 LYS A NZ  1 
ATOM   928  N N   . TRP A 1 157 ? -1.499  10.045  3.246   1.00 20.12 ? 145 TRP A N   1 
ATOM   929  C CA  . TRP A 1 157 ? -0.434  10.083  2.193   1.00 21.09 ? 145 TRP A CA  1 
ATOM   930  C C   . TRP A 1 157 ? -0.734  11.214  1.204   1.00 19.80 ? 145 TRP A C   1 
ATOM   931  O O   . TRP A 1 157 ? 0.198   11.877  0.715   1.00 16.86 ? 145 TRP A O   1 
ATOM   932  C CB  . TRP A 1 157 ? -0.331  8.720   1.517   1.00 22.32 ? 145 TRP A CB  1 
ATOM   933  C CG  . TRP A 1 157 ? 0.129   7.666   2.477   1.00 21.31 ? 145 TRP A CG  1 
ATOM   934  C CD1 . TRP A 1 157 ? 1.002   7.830   3.527   1.00 22.81 ? 145 TRP A CD1 1 
ATOM   935  C CD2 . TRP A 1 157 ? -0.175  6.268   2.417   1.00 20.08 ? 145 TRP A CD2 1 
ATOM   936  N NE1 . TRP A 1 157 ? 1.207   6.628   4.151   1.00 22.19 ? 145 TRP A NE1 1 
ATOM   937  C CE2 . TRP A 1 157 ? 0.494   5.658   3.508   1.00 20.70 ? 145 TRP A CE2 1 
ATOM   938  C CE3 . TRP A 1 157 ? -1.016  5.477   1.625   1.00 21.61 ? 145 TRP A CE3 1 
ATOM   939  C CZ2 . TRP A 1 157 ? 0.398   4.291   3.761   1.00 21.13 ? 145 TRP A CZ2 1 
ATOM   940  C CZ3 . TRP A 1 157 ? -1.116  4.130   1.890   1.00 23.15 ? 145 TRP A CZ3 1 
ATOM   941  C CH2 . TRP A 1 157 ? -0.391  3.541   2.917   1.00 22.84 ? 145 TRP A CH2 1 
ATOM   942  N N   . ILE A 1 158 ? -2.021  11.417  0.918   1.00 17.97 ? 146 ILE A N   1 
ATOM   943  C CA  . ILE A 1 158 ? -2.488  12.569  0.076   1.00 17.63 ? 146 ILE A CA  1 
ATOM   944  C C   . ILE A 1 158 ? -2.190  13.892  0.814   1.00 17.59 ? 146 ILE A C   1 
ATOM   945  O O   . ILE A 1 158 ? -1.622  14.786  0.219   1.00 18.13 ? 146 ILE A O   1 
ATOM   946  C CB  . ILE A 1 158 ? -3.985  12.407  -0.218  1.00 17.34 ? 146 ILE A CB  1 
ATOM   947  C CG1 . ILE A 1 158 ? -4.162  11.274  -1.232  1.00 15.99 ? 146 ILE A CG1 1 
ATOM   948  C CG2 . ILE A 1 158 ? -4.592  13.744  -0.685  1.00 19.78 ? 146 ILE A CG2 1 
ATOM   949  C CD1 . ILE A 1 158 ? -5.577  10.771  -1.389  1.00 17.57 ? 146 ILE A CD1 1 
ATOM   950  N N   . ALA A 1 159 ? -2.498  14.001  2.106   1.00 18.72 ? 147 ALA A N   1 
ATOM   951  C CA  . ALA A 1 159 ? -2.241  15.257  2.866   1.00 19.14 ? 147 ALA A CA  1 
ATOM   952  C C   . ALA A 1 159 ? -0.727  15.521  2.820   1.00 20.33 ? 147 ALA A C   1 
ATOM   953  O O   . ALA A 1 159 ? -0.285  16.701  2.644   1.00 19.31 ? 147 ALA A O   1 
ATOM   954  C CB  . ALA A 1 159 ? -2.796  15.159  4.286   1.00 18.43 ? 147 ALA A CB  1 
ATOM   955  N N   . TYR A 1 160 ? 0.088   14.482  2.983   1.00 19.96 ? 148 TYR A N   1 
ATOM   956  C CA  . TYR A 1 160 ? 1.571   14.660  2.925   1.00 21.92 ? 148 TYR A CA  1 
ATOM   957  C C   . TYR A 1 160 ? 2.026   15.101  1.518   1.00 21.76 ? 148 TYR A C   1 
ATOM   958  O O   . TYR A 1 160 ? 2.786   16.058  1.340   1.00 18.99 ? 148 TYR A O   1 
ATOM   959  C CB  . TYR A 1 160 ? 2.277   13.392  3.399   1.00 25.15 ? 148 TYR A CB  1 
ATOM   960  C CG  . TYR A 1 160 ? 3.762   13.513  3.285   1.00 25.25 ? 148 TYR A CG  1 
ATOM   961  C CD1 . TYR A 1 160 ? 4.471   14.323  4.158   1.00 28.41 ? 148 TYR A CD1 1 
ATOM   962  C CD2 . TYR A 1 160 ? 4.443   12.926  2.242   1.00 28.82 ? 148 TYR A CD2 1 
ATOM   963  C CE1 . TYR A 1 160 ? 5.835   14.498  4.029   1.00 26.22 ? 148 TYR A CE1 1 
ATOM   964  C CE2 . TYR A 1 160 ? 5.813   13.084  2.103   1.00 31.18 ? 148 TYR A CE2 1 
ATOM   965  C CZ  . TYR A 1 160 ? 6.510   13.868  3.005   1.00 31.21 ? 148 TYR A CZ  1 
ATOM   966  O OH  . TYR A 1 160 ? 7.859   14.027  2.843   1.00 35.65 ? 148 TYR A OH  1 
ATOM   967  N N   . THR A 1 161 ? 1.520   14.466  0.475   1.00 18.49 ? 149 THR A N   1 
ATOM   968  C CA  . THR A 1 161 ? 1.865   14.837  -0.926  1.00 18.99 ? 149 THR A CA  1 
ATOM   969  C C   . THR A 1 161 ? 1.500   16.309  -1.164  1.00 19.35 ? 149 THR A C   1 
ATOM   970  O O   . THR A 1 161 ? 2.317   17.059  -1.778  1.00 22.12 ? 149 THR A O   1 
ATOM   971  C CB  . THR A 1 161 ? 1.095   13.961  -1.937  1.00 17.02 ? 149 THR A CB  1 
ATOM   972  O OG1 . THR A 1 161 ? 1.349   12.570  -1.694  1.00 18.77 ? 149 THR A OG1 1 
ATOM   973  C CG2 . THR A 1 161 ? 1.436   14.347  -3.349  1.00 16.16 ? 149 THR A CG2 1 
ATOM   974  N N   . ALA A 1 162 ? 0.314   16.727  -0.714  1.00 20.80 ? 150 ALA A N   1 
ATOM   975  C CA  . ALA A 1 162 ? -0.169  18.120  -0.930  1.00 19.67 ? 150 ALA A CA  1 
ATOM   976  C C   . ALA A 1 162 ? 0.747   19.110  -0.170  1.00 21.71 ? 150 ALA A C   1 
ATOM   977  O O   . ALA A 1 162 ? 1.023   20.205  -0.688  1.00 20.54 ? 150 ALA A O   1 
ATOM   978  C CB  . ALA A 1 162 ? -1.601  18.219  -0.492  1.00 20.25 ? 150 ALA A CB  1 
ATOM   979  N N   . ALA A 1 163 ? 1.125   18.770  1.065   1.00 22.34 ? 151 ALA A N   1 
ATOM   980  C CA  . ALA A 1 163 ? 2.049   19.591  1.902   1.00 24.69 ? 151 ALA A CA  1 
ATOM   981  C C   . ALA A 1 163 ? 3.360   19.784  1.151   1.00 23.53 ? 151 ALA A C   1 
ATOM   982  O O   . ALA A 1 163 ? 3.896   20.924  1.154   1.00 27.84 ? 151 ALA A O   1 
ATOM   983  C CB  . ALA A 1 163 ? 2.272   18.963  3.264   1.00 24.09 ? 151 ALA A CB  1 
ATOM   984  N N   . VAL A 1 164 ? 3.871   18.737  0.503   1.00 24.71 ? 152 VAL A N   1 
ATOM   985  C CA  . VAL A 1 164 ? 5.178   18.832  -0.215  1.00 24.87 ? 152 VAL A CA  1 
ATOM   986  C C   . VAL A 1 164 ? 4.989   19.698  -1.465  1.00 26.53 ? 152 VAL A C   1 
ATOM   987  O O   . VAL A 1 164 ? 5.799   20.616  -1.705  1.00 21.98 ? 152 VAL A O   1 
ATOM   988  C CB  . VAL A 1 164 ? 5.803   17.445  -0.489  1.00 29.03 ? 152 VAL A CB  1 
ATOM   989  C CG1 . VAL A 1 164 ? 7.080   17.551  -1.293  1.00 28.62 ? 152 VAL A CG1 1 
ATOM   990  C CG2 . VAL A 1 164 ? 6.085   16.693  0.809   1.00 27.94 ? 152 VAL A CG2 1 
ATOM   991  N N   . ILE A 1 165 ? 3.914   19.500  -2.219  1.00 21.88 ? 153 ILE A N   1 
ATOM   992  C CA  . ILE A 1 165 ? 3.627   20.362  -3.400  1.00 23.01 ? 153 ILE A CA  1 
ATOM   993  C C   . ILE A 1 165 ? 3.536   21.844  -2.940  1.00 24.26 ? 153 ILE A C   1 
ATOM   994  O O   . ILE A 1 165 ? 4.088   22.686  -3.625  1.00 25.76 ? 153 ILE A O   1 
ATOM   995  C CB  . ILE A 1 165 ? 2.348   19.864  -4.107  1.00 21.44 ? 153 ILE A CB  1 
ATOM   996  C CG1 . ILE A 1 165 ? 2.559   18.481  -4.763  1.00 20.25 ? 153 ILE A CG1 1 
ATOM   997  C CG2 . ILE A 1 165 ? 1.854   20.921  -5.082  1.00 22.88 ? 153 ILE A CG2 1 
ATOM   998  C CD1 . ILE A 1 165 ? 1.285   17.782  -5.198  1.00 20.41 ? 153 ILE A CD1 1 
ATOM   999  N N   . ASP A 1 166 ? 2.804   22.155  -1.873  1.00 26.43 ? 154 ASP A N   1 
ATOM   1000 C CA  . ASP A 1 166 ? 2.661   23.539  -1.340  1.00 28.92 ? 154 ASP A CA  1 
ATOM   1001 C C   . ASP A 1 166 ? 4.029   24.135  -0.965  1.00 29.84 ? 154 ASP A C   1 
ATOM   1002 O O   . ASP A 1 166 ? 4.250   25.281  -1.293  1.00 31.85 ? 154 ASP A O   1 
ATOM   1003 C CB  . ASP A 1 166 ? 1.725   23.576  -0.142  1.00 30.74 ? 154 ASP A CB  1 
ATOM   1004 C CG  . ASP A 1 166 ? 0.271   23.568  -0.539  1.00 31.26 ? 154 ASP A CG  1 
ATOM   1005 O OD1 . ASP A 1 166 ? -0.052  24.042  -1.648  1.00 35.10 ? 154 ASP A OD1 1 
ATOM   1006 O OD2 . ASP A 1 166 ? -0.508  23.047  0.238   1.00 36.07 ? 154 ASP A OD2 1 
ATOM   1007 N N   . ALA A 1 167 ? 4.891   23.372  -0.306  1.00 31.30 ? 155 ALA A N   1 
ATOM   1008 C CA  . ALA A 1 167 ? 6.281   23.766  0.046   1.00 32.61 ? 155 ALA A CA  1 
ATOM   1009 C C   . ALA A 1 167 ? 7.067   24.036  -1.243  1.00 32.28 ? 155 ALA A C   1 
ATOM   1010 O O   . ALA A 1 167 ? 7.788   25.013  -1.298  1.00 33.76 ? 155 ALA A O   1 
ATOM   1011 C CB  . ALA A 1 167 ? 6.921   22.675  0.884   1.00 32.35 ? 155 ALA A CB  1 
ATOM   1012 N N   . GLU A 1 168 ? 6.859   23.260  -2.295  1.00 26.93 ? 156 GLU A N   1 
ATOM   1013 C CA  . GLU A 1 168 ? 7.543   23.450  -3.593  1.00 26.98 ? 156 GLU A CA  1 
ATOM   1014 C C   . GLU A 1 168 ? 7.013   24.728  -4.234  1.00 30.72 ? 156 GLU A C   1 
ATOM   1015 O O   . GLU A 1 168 ? 7.798   25.456  -4.923  1.00 31.84 ? 156 GLU A O   1 
ATOM   1016 C CB  . GLU A 1 168 ? 7.384   22.224  -4.500  1.00 28.99 ? 156 GLU A CB  1 
ATOM   1017 C CG  . GLU A 1 168 ? 8.119   20.987  -4.005  1.00 29.71 ? 156 GLU A CG  1 
ATOM   1018 C CD  . GLU A 1 168 ? 9.628   21.095  -4.182  1.00 30.88 ? 156 GLU A CD  1 
ATOM   1019 O OE1 . GLU A 1 168 ? 10.160  20.758  -5.266  1.00 29.02 ? 156 GLU A OE1 1 
ATOM   1020 O OE2 . GLU A 1 168 ? 10.231  21.657  -3.282  1.00 29.41 ? 156 GLU A OE2 1 
ATOM   1021 N N   . ARG A 1 169 ? 5.724   24.997  -4.069  1.00 27.55 ? 157 ARG A N   1 
ATOM   1022 C CA  . ARG A 1 169 ? 5.110   26.238  -4.589  1.00 28.49 ? 157 ARG A CA  1 
ATOM   1023 C C   . ARG A 1 169 ? 5.622   27.460  -3.786  1.00 29.60 ? 157 ARG A C   1 
ATOM   1024 O O   . ARG A 1 169 ? 5.941   28.469  -4.404  1.00 31.24 ? 157 ARG A O   1 
ATOM   1025 C CB  . ARG A 1 169 ? 3.596   26.077  -4.540  1.00 26.97 ? 157 ARG A CB  1 
ATOM   1026 C CG  . ARG A 1 169 ? 3.075   25.060  -5.550  1.00 23.38 ? 157 ARG A CG  1 
ATOM   1027 C CD  . ARG A 1 169 ? 1.575   24.901  -5.392  1.00 22.95 ? 157 ARG A CD  1 
ATOM   1028 N NE  . ARG A 1 169 ? 1.133   24.044  -6.484  1.00 22.55 ? 157 ARG A NE  1 
ATOM   1029 C CZ  . ARG A 1 169 ? -0.138  23.826  -6.828  1.00 23.60 ? 157 ARG A CZ  1 
ATOM   1030 N NH1 . ARG A 1 169 ? -0.410  23.036  -7.856  1.00 23.21 ? 157 ARG A NH1 1 
ATOM   1031 N NH2 . ARG A 1 169 ? -1.124  24.333  -6.112  1.00 23.09 ? 157 ARG A NH2 1 
ATOM   1032 N N   . ASP A 1 170 ? 5.710   27.349  -2.470  1.00 31.38 ? 158 ASP A N   1 
ATOM   1033 C CA  . ASP A 1 170 ? 6.181   28.423  -1.549  1.00 36.34 ? 158 ASP A CA  1 
ATOM   1034 C C   . ASP A 1 170 ? 7.625   28.797  -1.882  1.00 38.07 ? 158 ASP A C   1 
ATOM   1035 O O   . ASP A 1 170 ? 7.901   29.994  -1.912  1.00 43.50 ? 158 ASP A O   1 
ATOM   1036 C CB  . ASP A 1 170 ? 6.023   28.005  -0.088  1.00 35.40 ? 158 ASP A CB  1 
ATOM   1037 C CG  . ASP A 1 170 ? 4.566   27.973  0.346   1.00 40.36 ? 158 ASP A CG  1 
ATOM   1038 O OD1 . ASP A 1 170 ? 3.708   28.495  -0.413  1.00 44.72 ? 158 ASP A OD1 1 
ATOM   1039 O OD2 . ASP A 1 170 ? 4.286   27.392  1.412   1.00 43.21 ? 158 ASP A OD2 1 
ATOM   1040 N N   . ARG A 1 171 ? 8.484   27.824  -2.181  1.00 39.96 ? 159 ARG A N   1 
ATOM   1041 C CA  . ARG A 1 171 ? 9.930   28.042  -2.479  1.00 40.94 ? 159 ARG A CA  1 
ATOM   1042 C C   . ARG A 1 171 ? 10.094  28.529  -3.925  1.00 38.96 ? 159 ARG A C   1 
ATOM   1043 O O   . ARG A 1 171 ? 11.202  28.896  -4.295  1.00 42.48 ? 159 ARG A O   1 
ATOM   1044 C CB  . ARG A 1 171 ? 10.731  26.793  -2.072  1.00 41.96 ? 159 ARG A CB  1 
ATOM   1045 C CG  . ARG A 1 171 ? 11.074  25.798  -3.172  1.00 47.77 ? 159 ARG A CG  1 
ATOM   1046 C CD  . ARG A 1 171 ? 12.083  24.731  -2.725  1.00 50.68 ? 159 ARG A CD  1 
ATOM   1047 N NE  . ARG A 1 171 ? 12.034  23.513  -3.550  1.00 51.97 ? 159 ARG A NE  1 
ATOM   1048 C CZ  . ARG A 1 171 ? 12.812  23.230  -4.602  1.00 55.45 ? 159 ARG A CZ  1 
ATOM   1049 N NH1 . ARG A 1 171 ? 13.749  24.075  -5.003  1.00 59.93 ? 159 ARG A NH1 1 
ATOM   1050 N NH2 . ARG A 1 171 ? 12.647  22.096  -5.268  1.00 55.72 ? 159 ARG A NH2 1 
ATOM   1051 N N   . GLY A 1 172 ? 9.024   28.584  -4.714  1.00 37.73 ? 160 GLY A N   1 
ATOM   1052 C CA  . GLY A 1 172 ? 9.040   29.081  -6.105  1.00 33.80 ? 160 GLY A CA  1 
ATOM   1053 C C   . GLY A 1 172 ? 9.502   28.033  -7.102  1.00 34.26 ? 160 GLY A C   1 
ATOM   1054 O O   . GLY A 1 172 ? 9.778   28.402  -8.234  1.00 36.35 ? 160 GLY A O   1 
ATOM   1055 N N   . ALA A 1 173 ? 9.613   26.760  -6.705  1.00 33.66 ? 161 ALA A N   1 
ATOM   1056 C CA  . ALA A 1 173 ? 10.078  25.640  -7.563  1.00 33.08 ? 161 ALA A CA  1 
ATOM   1057 C C   . ALA A 1 173 ? 8.904   25.059  -8.354  1.00 32.01 ? 161 ALA A C   1 
ATOM   1058 O O   . ALA A 1 173 ? 9.135   24.660  -9.474  1.00 32.62 ? 161 ALA A O   1 
ATOM   1059 C CB  . ALA A 1 173 ? 10.749  24.595  -6.711  1.00 36.94 ? 161 ALA A CB  1 
ATOM   1060 N N   . ALA A 1 174 ? 7.662   25.135  -7.853  1.00 29.77 ? 162 ALA A N   1 
ATOM   1061 C CA  . ALA A 1 174 ? 6.457   24.630  -8.568  1.00 30.15 ? 162 ALA A CA  1 
ATOM   1062 C C   . ALA A 1 174 ? 5.463   25.769  -8.833  1.00 26.98 ? 162 ALA A C   1 
ATOM   1063 O O   . ALA A 1 174 ? 5.216   26.569  -7.954  1.00 26.20 ? 162 ALA A O   1 
ATOM   1064 C CB  . ALA A 1 174 ? 5.825   23.547  -7.733  1.00 29.20 ? 162 ALA A CB  1 
ATOM   1065 N N   . PRO A 1 175 ? 4.808   25.825  -10.008 1.00 27.91 ? 163 PRO A N   1 
ATOM   1066 C CA  . PRO A 1 175 ? 3.803   26.845  -10.307 1.00 29.94 ? 163 PRO A CA  1 
ATOM   1067 C C   . PRO A 1 175 ? 2.459   26.538  -9.641  1.00 32.31 ? 163 PRO A C   1 
ATOM   1068 O O   . PRO A 1 175 ? 2.162   25.355  -9.369  1.00 28.05 ? 163 PRO A O   1 
ATOM   1069 C CB  . PRO A 1 175 ? 3.715   26.784  -11.840 1.00 29.29 ? 163 PRO A CB  1 
ATOM   1070 C CG  . PRO A 1 175 ? 3.933   25.323  -12.138 1.00 29.86 ? 163 PRO A CG  1 
ATOM   1071 C CD  . PRO A 1 175 ? 4.960   24.866  -11.116 1.00 29.85 ? 163 PRO A CD  1 
ATOM   1072 N N   . ARG A 1 176 ? 1.697   27.587  -9.347  1.00 29.31 ? 164 ARG A N   1 
ATOM   1073 C CA  . ARG A 1 176 ? 0.369   27.474  -8.688  1.00 32.01 ? 164 ARG A CA  1 
ATOM   1074 C C   . ARG A 1 176 ? -0.644  27.154  -9.777  1.00 32.31 ? 164 ARG A C   1 
ATOM   1075 O O   . ARG A 1 176 ? -1.166  28.086  -10.387 1.00 31.38 ? 164 ARG A O   1 
ATOM   1076 C CB  . ARG A 1 176 ? 0.024   28.725  -7.861  1.00 33.54 ? 164 ARG A CB  1 
ATOM   1077 C CG  . ARG A 1 176 ? 1.036   28.980  -6.746  1.00 40.28 ? 164 ARG A CG  1 
ATOM   1078 C CD  . ARG A 1 176 ? 0.773   30.155  -5.798  1.00 42.89 ? 164 ARG A CD  1 
ATOM   1079 N NE  . ARG A 1 176 ? 1.810   30.288  -4.771  1.00 45.40 ? 164 ARG A NE  1 
ATOM   1080 C CZ  . ARG A 1 176 ? 1.961   29.482  -3.702  1.00 46.80 ? 164 ARG A CZ  1 
ATOM   1081 N NH1 . ARG A 1 176 ? 2.945   29.690  -2.843  1.00 42.82 ? 164 ARG A NH1 1 
ATOM   1082 N NH2 . ARG A 1 176 ? 1.145   28.462  -3.489  1.00 45.53 ? 164 ARG A NH2 1 
ATOM   1083 N N   . THR A 1 177 ? -0.865  25.865  -10.040 1.00 29.41 ? 165 THR A N   1 
ATOM   1084 C CA  . THR A 1 177 ? -1.765  25.387  -11.112 1.00 27.61 ? 165 THR A CA  1 
ATOM   1085 C C   . THR A 1 177 ? -3.036  24.901  -10.414 1.00 27.31 ? 165 THR A C   1 
ATOM   1086 O O   . THR A 1 177 ? -3.709  25.723  -9.845  1.00 27.37 ? 165 THR A O   1 
ATOM   1087 C CB  . THR A 1 177 ? -1.041  24.391  -12.025 1.00 25.48 ? 165 THR A CB  1 
ATOM   1088 O OG1 . THR A 1 177 ? -0.548  23.302  -11.230 1.00 26.28 ? 165 THR A OG1 1 
ATOM   1089 C CG2 . THR A 1 177 ? 0.115   25.044  -12.775 1.00 25.38 ? 165 THR A CG2 1 
ATOM   1090 N N   . LEU A 1 178 ? -3.235  23.588  -10.349 1.00 27.57 ? 166 LEU A N   1 
ATOM   1091 C CA  . LEU A 1 178 ? -4.386  22.958  -9.688  1.00 26.60 ? 166 LEU A CA  1 
ATOM   1092 C C   . LEU A 1 178 ? -4.249  23.217  -8.195  1.00 25.86 ? 166 LEU A C   1 
ATOM   1093 O O   . LEU A 1 178 ? -3.136  23.311  -7.675  1.00 25.98 ? 166 LEU A O   1 
ATOM   1094 C CB  . LEU A 1 178 ? -4.358  21.444  -9.927  1.00 23.18 ? 166 LEU A CB  1 
ATOM   1095 C CG  . LEU A 1 178 ? -4.596  20.917  -11.332 1.00 26.17 ? 166 LEU A CG  1 
ATOM   1096 C CD1 . LEU A 1 178 ? -4.738  19.421  -11.280 1.00 23.55 ? 166 LEU A CD1 1 
ATOM   1097 C CD2 . LEU A 1 178 ? -5.824  21.561  -12.001 1.00 26.94 ? 166 LEU A CD2 1 
ATOM   1098 N N   . PRO A 1 179 ? -5.380  23.230  -7.472  1.00 24.45 ? 167 PRO A N   1 
ATOM   1099 C CA  . PRO A 1 179 ? -5.385  23.018  -6.028  1.00 21.85 ? 167 PRO A CA  1 
ATOM   1100 C C   . PRO A 1 179 ? -4.531  21.797  -5.653  1.00 24.75 ? 167 PRO A C   1 
ATOM   1101 O O   . PRO A 1 179 ? -4.766  20.681  -6.144  1.00 20.79 ? 167 PRO A O   1 
ATOM   1102 C CB  . PRO A 1 179 ? -6.863  22.754  -5.725  1.00 22.21 ? 167 PRO A CB  1 
ATOM   1103 C CG  . PRO A 1 179 ? -7.578  23.564  -6.781  1.00 23.26 ? 167 PRO A CG  1 
ATOM   1104 C CD  . PRO A 1 179 ? -6.742  23.350  -8.024  1.00 22.59 ? 167 PRO A CD  1 
ATOM   1105 N N   . ALA A 1 180 ? -3.568  22.024  -4.762  1.00 22.69 ? 168 ALA A N   1 
ATOM   1106 C CA  . ALA A 1 180 ? -2.553  21.035  -4.405  1.00 21.69 ? 168 ALA A CA  1 
ATOM   1107 C C   . ALA A 1 180 ? -3.231  19.749  -3.916  1.00 21.45 ? 168 ALA A C   1 
ATOM   1108 O O   . ALA A 1 180 ? -2.701  18.673  -4.198  1.00 21.70 ? 168 ALA A O   1 
ATOM   1109 C CB  . ALA A 1 180 ? -1.632  21.608  -3.366  1.00 23.18 ? 168 ALA A CB  1 
ATOM   1110 N N   . HIS A 1 181 ? -4.303  19.836  -3.134  1.00 19.76 ? 169 HIS A N   1 
ATOM   1111 C CA  . HIS A 1 181 ? -4.885  18.647  -2.494  1.00 19.57 ? 169 HIS A CA  1 
ATOM   1112 C C   . HIS A 1 181 ? -5.579  17.795  -3.572  1.00 21.19 ? 169 HIS A C   1 
ATOM   1113 O O   . HIS A 1 181 ? -5.622  16.574  -3.428  1.00 17.48 ? 169 HIS A O   1 
ATOM   1114 C CB  . HIS A 1 181 ? -5.761  19.024  -1.299  1.00 21.57 ? 169 HIS A CB  1 
ATOM   1115 C CG  . HIS A 1 181 ? -6.153  17.868  -0.433  1.00 20.05 ? 169 HIS A CG  1 
ATOM   1116 N ND1 . HIS A 1 181 ? -7.279  17.088  -0.677  1.00 21.05 ? 169 HIS A ND1 1 
ATOM   1117 C CD2 . HIS A 1 181 ? -5.538  17.325  0.637   1.00 20.47 ? 169 HIS A CD2 1 
ATOM   1118 C CE1 . HIS A 1 181 ? -7.373  16.150  0.257   1.00 21.00 ? 169 HIS A CE1 1 
ATOM   1119 N NE2 . HIS A 1 181 ? -6.321  16.297  1.103   1.00 19.99 ? 169 HIS A NE2 1 
ATOM   1120 N N   . GLU A 1 182 ? -6.127  18.448  -4.598  1.00 21.28 ? 170 GLU A N   1 
ATOM   1121 C CA  . GLU A 1 182 ? -6.877  17.764  -5.684  1.00 20.42 ? 170 GLU A CA  1 
ATOM   1122 C C   . GLU A 1 182 ? -5.862  17.051  -6.589  1.00 17.77 ? 170 GLU A C   1 
ATOM   1123 O O   . GLU A 1 182 ? -6.106  15.910  -6.899  1.00 17.28 ? 170 GLU A O   1 
ATOM   1124 C CB  . GLU A 1 182 ? -7.768  18.752  -6.433  1.00 21.98 ? 170 GLU A CB  1 
ATOM   1125 C CG  . GLU A 1 182 ? -8.899  19.281  -5.541  1.00 23.20 ? 170 GLU A CG  1 
ATOM   1126 C CD  . GLU A 1 182 ? -9.725  20.413  -6.151  1.00 25.74 ? 170 GLU A CD  1 
ATOM   1127 O OE1 . GLU A 1 182 ? -9.498  20.741  -7.367  1.00 22.27 ? 170 GLU A OE1 1 
ATOM   1128 O OE2 . GLU A 1 182 ? -10.573 20.979  -5.399  1.00 26.70 ? 170 GLU A OE2 1 
ATOM   1129 N N   . LEU A 1 183 ? -4.762  17.716  -6.964  1.00 16.66 ? 171 LEU A N   1 
ATOM   1130 C CA  . LEU A 1 183 ? -3.635  17.142  -7.712  1.00 16.65 ? 171 LEU A CA  1 
ATOM   1131 C C   . LEU A 1 183 ? -3.105  15.917  -6.939  1.00 15.35 ? 171 LEU A C   1 
ATOM   1132 O O   . LEU A 1 183 ? -2.970  14.873  -7.552  1.00 16.51 ? 171 LEU A O   1 
ATOM   1133 C CB  . LEU A 1 183 ? -2.565  18.212  -7.890  1.00 18.20 ? 171 LEU A CB  1 
ATOM   1134 C CG  . LEU A 1 183 ? -1.267  17.788  -8.581  1.00 18.34 ? 171 LEU A CG  1 
ATOM   1135 C CD1 . LEU A 1 183 ? -1.528  17.036  -9.885  1.00 20.12 ? 171 LEU A CD1 1 
ATOM   1136 C CD2 . LEU A 1 183 ? -0.388  19.007  -8.848  1.00 19.81 ? 171 LEU A CD2 1 
ATOM   1137 N N   . ALA A 1 184 ? -2.862  16.070  -5.633  1.00 16.20 ? 172 ALA A N   1 
ATOM   1138 C CA  . ALA A 1 184 ? -2.326  14.987  -4.776  1.00 17.23 ? 172 ALA A CA  1 
ATOM   1139 C C   . ALA A 1 184 ? -3.257  13.779  -4.797  1.00 18.02 ? 172 ALA A C   1 
ATOM   1140 O O   . ALA A 1 184 ? -2.779  12.622  -4.878  1.00 17.08 ? 172 ALA A O   1 
ATOM   1141 C CB  . ALA A 1 184 ? -2.130  15.485  -3.380  1.00 17.64 ? 172 ALA A CB  1 
ATOM   1142 N N   . THR A 1 185 ? -4.548  14.040  -4.656  1.00 17.73 ? 173 THR A N   1 
ATOM   1143 C CA  . THR A 1 185 ? -5.541  12.966  -4.626  1.00 18.89 ? 173 THR A CA  1 
ATOM   1144 C C   . THR A 1 185 ? -5.398  12.173  -5.927  1.00 16.48 ? 173 THR A C   1 
ATOM   1145 O O   . THR A 1 185 ? -5.331  10.951  -5.857  1.00 18.55 ? 173 THR A O   1 
ATOM   1146 C CB  . THR A 1 185 ? -6.960  13.507  -4.351  1.00 18.53 ? 173 THR A CB  1 
ATOM   1147 O OG1 . THR A 1 185 ? -6.998  14.205  -3.102  1.00 20.43 ? 173 THR A OG1 1 
ATOM   1148 C CG2 . THR A 1 185 ? -8.001  12.418  -4.344  1.00 16.89 ? 173 THR A CG2 1 
ATOM   1149 N N   . ALA A 1 186 ? -5.484  12.817  -7.097  1.00 17.05 ? 174 ALA A N   1 
ATOM   1150 C CA  . ALA A 1 186 ? -5.432  12.128  -8.403  1.00 17.23 ? 174 ALA A CA  1 
ATOM   1151 C C   . ALA A 1 186 ? -4.120  11.324  -8.544  1.00 16.75 ? 174 ALA A C   1 
ATOM   1152 O O   . ALA A 1 186 ? -4.144  10.167  -8.937  1.00 12.13 ? 174 ALA A O   1 
ATOM   1153 C CB  . ALA A 1 186 ? -5.689  13.099  -9.565  1.00 18.08 ? 174 ALA A CB  1 
ATOM   1154 N N   . LEU A 1 187 ? -3.002  11.886  -8.112  1.00 17.00 ? 175 LEU A N   1 
ATOM   1155 C CA  . LEU A 1 187 ? -1.707  11.238  -8.289  1.00 16.00 ? 175 LEU A CA  1 
ATOM   1156 C C   . LEU A 1 187 ? -1.648  10.016  -7.361  1.00 17.13 ? 175 LEU A C   1 
ATOM   1157 O O   . LEU A 1 187 ? -1.166  9.010   -7.814  1.00 17.17 ? 175 LEU A O   1 
ATOM   1158 C CB  . LEU A 1 187 ? -0.601  12.250  -7.982  1.00 16.15 ? 175 LEU A CB  1 
ATOM   1159 C CG  . LEU A 1 187 ? -0.430  13.348  -9.033  1.00 17.51 ? 175 LEU A CG  1 
ATOM   1160 C CD1 . LEU A 1 187 ? 0.681   14.319  -8.578  1.00 19.16 ? 175 LEU A CD1 1 
ATOM   1161 C CD2 . LEU A 1 187 ? -0.114  12.800  -10.408 1.00 18.70 ? 175 LEU A CD2 1 
ATOM   1162 N N   . ASN A 1 188 ? -2.156  10.120  -6.130  1.00 17.59 ? 176 ASN A N   1 
ATOM   1163 C CA  . ASN A 1 188 ? -2.119  8.994   -5.168  1.00 17.39 ? 176 ASN A CA  1 
ATOM   1164 C C   . ASN A 1 188 ? -3.045  7.883   -5.668  1.00 17.29 ? 176 ASN A C   1 
ATOM   1165 O O   . ASN A 1 188 ? -2.748  6.711   -5.476  1.00 16.06 ? 176 ASN A O   1 
ATOM   1166 C CB  . ASN A 1 188 ? -2.522  9.414   -3.759  1.00 18.85 ? 176 ASN A CB  1 
ATOM   1167 C CG  . ASN A 1 188 ? -1.354  9.922   -2.939  1.00 19.49 ? 176 ASN A CG  1 
ATOM   1168 O OD1 . ASN A 1 188 ? -1.004  9.302   -1.943  1.00 21.55 ? 176 ASN A OD1 1 
ATOM   1169 N ND2 . ASN A 1 188 ? -0.812  11.066  -3.276  1.00 19.74 ? 176 ASN A ND2 1 
ATOM   1170 N N   . LEU A 1 189 ? -4.172  8.247   -6.270  1.00 17.34 ? 177 LEU A N   1 
ATOM   1171 C CA  . LEU A 1 189 ? -5.118  7.209   -6.780  1.00 16.82 ? 177 LEU A CA  1 
ATOM   1172 C C   . LEU A 1 189 ? -4.509  6.523   -8.024  1.00 16.79 ? 177 LEU A C   1 
ATOM   1173 O O   . LEU A 1 189 ? -4.708  5.306   -8.228  1.00 18.31 ? 177 LEU A O   1 
ATOM   1174 C CB  . LEU A 1 189 ? -6.483  7.870   -7.057  1.00 17.04 ? 177 LEU A CB  1 
ATOM   1175 C CG  . LEU A 1 189 ? -7.338  8.205   -5.827  1.00 17.28 ? 177 LEU A CG  1 
ATOM   1176 C CD1 . LEU A 1 189 ? -8.560  8.977   -6.205  1.00 18.40 ? 177 LEU A CD1 1 
ATOM   1177 C CD2 . LEU A 1 189 ? -7.767  6.971   -5.059  1.00 18.07 ? 177 LEU A CD2 1 
ATOM   1178 N N   . MET A 1 190 ? -3.861  7.287   -8.911  1.00 16.83 ? 178 MET A N   1 
ATOM   1179 C CA  . MET A 1 190 ? -3.149  6.718   -10.056 1.00 17.60 ? 178 MET A CA  1 
ATOM   1180 C C   . MET A 1 190 ? -2.164  5.684   -9.518  1.00 17.98 ? 178 MET A C   1 
ATOM   1181 O O   . MET A 1 190 ? -2.111  4.586   -10.070 1.00 16.34 ? 178 MET A O   1 
ATOM   1182 C CB  . MET A 1 190 ? -2.359  7.742   -10.845 1.00 18.46 ? 178 MET A CB  1 
ATOM   1183 C CG  . MET A 1 190 ? -1.437  7.086   -11.849 1.00 18.20 ? 178 MET A CG  1 
ATOM   1184 S SD  . MET A 1 190 ? -0.668  8.312   -12.911 1.00 18.62 ? 178 MET A SD  1 
ATOM   1185 C CE  . MET A 1 190 ? 0.445   9.089   -11.727 1.00 18.60 ? 178 MET A CE  1 
ATOM   1186 N N   . ASN A 1 191 ? -1.397  6.060   -8.498  1.00 18.16 ? 179 ASN A N   1 
ATOM   1187 C CA  . ASN A 1 191 ? -0.334  5.173   -7.980  1.00 19.14 ? 179 ASN A CA  1 
ATOM   1188 C C   . ASN A 1 191 ? -0.979  3.920   -7.400  1.00 17.91 ? 179 ASN A C   1 
ATOM   1189 O O   . ASN A 1 191 ? -0.419  2.809   -7.591  1.00 17.42 ? 179 ASN A O   1 
ATOM   1190 C CB  . ASN A 1 191 ? 0.547   5.892   -6.975  1.00 17.39 ? 179 ASN A CB  1 
ATOM   1191 C CG  . ASN A 1 191 ? 1.561   6.767   -7.692  1.00 21.87 ? 179 ASN A CG  1 
ATOM   1192 O OD1 . ASN A 1 191 ? 1.365   7.141   -8.865  1.00 18.30 ? 179 ASN A OD1 1 
ATOM   1193 N ND2 . ASN A 1 191 ? 2.638   7.106   -6.996  1.00 18.94 ? 179 ASN A ND2 1 
ATOM   1194 N N   . GLU A 1 192 ? -2.071  4.082   -6.641  1.00 18.98 ? 180 GLU A N   1 
ATOM   1195 C CA  . GLU A 1 192 ? -2.777  2.913   -6.050  1.00 17.16 ? 180 GLU A CA  1 
ATOM   1196 C C   . GLU A 1 192 ? -3.110  1.938   -7.211  1.00 18.53 ? 180 GLU A C   1 
ATOM   1197 O O   . GLU A 1 192 ? -2.728  0.727   -7.189  1.00 17.08 ? 180 GLU A O   1 
ATOM   1198 C CB  . GLU A 1 192 ? -4.001  3.393   -5.279  1.00 18.70 ? 180 GLU A CB  1 
ATOM   1199 C CG  . GLU A 1 192 ? -4.876  2.275   -4.778  1.00 20.52 ? 180 GLU A CG  1 
ATOM   1200 C CD  . GLU A 1 192 ? -6.250  2.710   -4.274  1.00 21.64 ? 180 GLU A CD  1 
ATOM   1201 O OE1 . GLU A 1 192 ? -6.320  3.595   -3.421  1.00 21.39 ? 180 GLU A OE1 1 
ATOM   1202 O OE2 . GLU A 1 192 ? -7.239  2.138   -4.715  1.00 26.93 ? 180 GLU A OE2 1 
ATOM   1203 N N   . ARG A 1 193 ? -3.869  2.420   -8.170  1.00 19.38 ? 181 ARG A N   1 
ATOM   1204 C CA  . ARG A 1 193 ? -4.411  1.567   -9.249  1.00 19.66 ? 181 ARG A CA  1 
ATOM   1205 C C   . ARG A 1 193 ? -3.281  0.983   -10.101 1.00 18.50 ? 181 ARG A C   1 
ATOM   1206 O O   . ARG A 1 193 ? -3.392  -0.191  -10.493 1.00 20.09 ? 181 ARG A O   1 
ATOM   1207 C CB  . ARG A 1 193 ? -5.345  2.348   -10.168 1.00 19.46 ? 181 ARG A CB  1 
ATOM   1208 C CG  . ARG A 1 193 ? -6.117  1.442   -11.106 1.00 21.98 ? 181 ARG A CG  1 
ATOM   1209 C CD  . ARG A 1 193 ? -7.073  0.559   -10.341 1.00 25.64 ? 181 ARG A CD  1 
ATOM   1210 N NE  . ARG A 1 193 ? -7.592  -0.328  -11.337 1.00 32.67 ? 181 ARG A NE  1 
ATOM   1211 C CZ  . ARG A 1 193 ? -7.141  -1.558  -11.603 1.00 32.03 ? 181 ARG A CZ  1 
ATOM   1212 N NH1 . ARG A 1 193 ? -7.711  -2.217  -12.584 1.00 37.40 ? 181 ARG A NH1 1 
ATOM   1213 N NH2 . ARG A 1 193 ? -6.174  -2.111  -10.906 1.00 32.73 ? 181 ARG A NH2 1 
ATOM   1214 N N   . THR A 1 194 ? -2.296  1.797   -10.480 1.00 17.59 ? 182 THR A N   1 
ATOM   1215 C CA  . THR A 1 194 ? -1.235  1.400   -11.418 1.00 17.34 ? 182 THR A CA  1 
ATOM   1216 C C   . THR A 1 194 ? -0.258  0.422   -10.708 1.00 20.06 ? 182 THR A C   1 
ATOM   1217 O O   . THR A 1 194 ? 0.025   -0.611  -11.295 1.00 16.58 ? 182 THR A O   1 
ATOM   1218 C CB  . THR A 1 194 ? -0.548  2.642   -12.002 1.00 20.28 ? 182 THR A CB  1 
ATOM   1219 O OG1 . THR A 1 194 ? -1.533  3.552   -12.542 1.00 17.91 ? 182 THR A OG1 1 
ATOM   1220 C CG2 . THR A 1 194 ? 0.431   2.237   -13.072 1.00 20.21 ? 182 THR A CG2 1 
ATOM   1221 N N   . LEU A 1 195 ? 0.190   0.709   -9.480  1.00 18.20 ? 183 LEU A N   1 
ATOM   1222 C CA  . LEU A 1 195 ? 1.088   -0.227  -8.737  1.00 19.56 ? 183 LEU A CA  1 
ATOM   1223 C C   . LEU A 1 195 ? 0.399   -1.585  -8.643  1.00 19.88 ? 183 LEU A C   1 
ATOM   1224 O O   . LEU A 1 195 ? 1.016   -2.624  -8.939  1.00 22.02 ? 183 LEU A O   1 
ATOM   1225 C CB  . LEU A 1 195 ? 1.400   0.311   -7.344  1.00 19.37 ? 183 LEU A CB  1 
ATOM   1226 C CG  . LEU A 1 195 ? 2.426   1.444   -7.319  1.00 21.39 ? 183 LEU A CG  1 
ATOM   1227 C CD1 . LEU A 1 195 ? 2.646   1.973   -5.913  1.00 23.39 ? 183 LEU A CD1 1 
ATOM   1228 C CD2 . LEU A 1 195 ? 3.745   1.018   -7.939  1.00 23.56 ? 183 LEU A CD2 1 
ATOM   1229 N N   . PHE A 1 196 ? -0.824  -1.580  -8.150  1.00 21.89 ? 184 PHE A N   1 
ATOM   1230 C CA  . PHE A 1 196 ? -1.548  -2.825  -7.806  1.00 20.72 ? 184 PHE A CA  1 
ATOM   1231 C C   . PHE A 1 196 ? -1.873  -3.596  -9.090  1.00 21.25 ? 184 PHE A C   1 
ATOM   1232 O O   . PHE A 1 196 ? -1.754  -4.830  -9.106  1.00 19.58 ? 184 PHE A O   1 
ATOM   1233 C CB  . PHE A 1 196 ? -2.727  -2.483  -6.887  1.00 22.17 ? 184 PHE A CB  1 
ATOM   1234 C CG  . PHE A 1 196 ? -2.285  -1.905  -5.561  1.00 27.54 ? 184 PHE A CG  1 
ATOM   1235 C CD1 . PHE A 1 196 ? -0.953  -1.955  -5.150  1.00 33.07 ? 184 PHE A CD1 1 
ATOM   1236 C CD2 . PHE A 1 196 ? -3.184  -1.274  -4.727  1.00 28.18 ? 184 PHE A CD2 1 
ATOM   1237 C CE1 . PHE A 1 196 ? -0.549  -1.394  -3.943  1.00 32.06 ? 184 PHE A CE1 1 
ATOM   1238 C CE2 . PHE A 1 196 ? -2.801  -0.777  -3.486  1.00 26.83 ? 184 PHE A CE2 1 
ATOM   1239 C CZ  . PHE A 1 196 ? -1.481  -0.818  -3.104  1.00 29.18 ? 184 PHE A CZ  1 
ATOM   1240 N N   . ALA A 1 197 ? -2.260  -2.933  -10.171 1.00 17.83 ? 185 ALA A N   1 
ATOM   1241 C CA  . ALA A 1 197 ? -2.449  -3.623  -11.466 1.00 20.78 ? 185 ALA A CA  1 
ATOM   1242 C C   . ALA A 1 197 ? -1.123  -4.256  -11.939 1.00 21.88 ? 185 ALA A C   1 
ATOM   1243 O O   . ALA A 1 197 ? -1.129  -5.399  -12.445 1.00 22.37 ? 185 ALA A O   1 
ATOM   1244 C CB  . ALA A 1 197 ? -2.959  -2.645  -12.491 1.00 20.27 ? 185 ALA A CB  1 
ATOM   1245 N N   . SER A 1 198 ? 0.001   -3.557  -11.796 1.00 19.65 ? 186 SER A N   1 
ATOM   1246 C CA  . SER A 1 198 ? 1.326   -4.086  -12.219 1.00 19.82 ? 186 SER A CA  1 
ATOM   1247 C C   . SER A 1 198 ? 1.682   -5.289  -11.338 1.00 20.19 ? 186 SER A C   1 
ATOM   1248 O O   . SER A 1 198 ? 2.106   -6.316  -11.889 1.00 19.36 ? 186 SER A O   1 
ATOM   1249 C CB  . SER A 1 198 ? 2.429   -3.067  -12.145 1.00 21.13 ? 186 SER A CB  1 
ATOM   1250 O OG  . SER A 1 198 ? 2.221   -2.008  -13.075 1.00 27.23 ? 186 SER A OG  1 
ATOM   1251 N N   . PHE A 1 199 ? 1.476   -5.198  -10.024 1.00 22.23 ? 187 PHE A N   1 
ATOM   1252 C CA  . PHE A 1 199 ? 1.883   -6.290  -9.107  1.00 21.69 ? 187 PHE A CA  1 
ATOM   1253 C C   . PHE A 1 199 ? 1.055   -7.541  -9.411  1.00 25.80 ? 187 PHE A C   1 
ATOM   1254 O O   . PHE A 1 199 ? 1.576   -8.644  -9.304  1.00 27.27 ? 187 PHE A O   1 
ATOM   1255 C CB  . PHE A 1 199 ? 1.665   -5.940  -7.642  1.00 19.98 ? 187 PHE A CB  1 
ATOM   1256 C CG  . PHE A 1 199 ? 2.574   -4.858  -7.144  1.00 21.25 ? 187 PHE A CG  1 
ATOM   1257 C CD1 . PHE A 1 199 ? 3.805   -4.645  -7.732  1.00 21.75 ? 187 PHE A CD1 1 
ATOM   1258 C CD2 . PHE A 1 199 ? 2.176   -4.047  -6.113  1.00 22.54 ? 187 PHE A CD2 1 
ATOM   1259 C CE1 . PHE A 1 199 ? 4.629   -3.645  -7.249  1.00 22.62 ? 187 PHE A CE1 1 
ATOM   1260 C CE2 . PHE A 1 199 ? 3.012   -3.060  -5.626  1.00 24.23 ? 187 PHE A CE2 1 
ATOM   1261 C CZ  . PHE A 1 199 ? 4.218   -2.848  -6.221  1.00 23.27 ? 187 PHE A CZ  1 
ATOM   1262 N N   . ALA A 1 200 ? -0.211  -7.364  -9.742  1.00 28.20 ? 188 ALA A N   1 
ATOM   1263 C CA  . ALA A 1 200 ? -1.153  -8.479  -9.985  1.00 28.87 ? 188 ALA A CA  1 
ATOM   1264 C C   . ALA A 1 200 ? -1.017  -8.983  -11.420 1.00 29.99 ? 188 ALA A C   1 
ATOM   1265 O O   . ALA A 1 200 ? -1.656  -9.978  -11.741 1.00 33.09 ? 188 ALA A O   1 
ATOM   1266 C CB  . ALA A 1 200 ? -2.560  -8.066  -9.609  1.00 29.29 ? 188 ALA A CB  1 
ATOM   1267 N N   . GLY A 1 201 ? -0.162  -8.395  -12.253 1.00 28.48 ? 189 GLY A N   1 
ATOM   1268 C CA  . GLY A 1 201 ? -0.070  -8.803  -13.666 1.00 30.39 ? 189 GLY A CA  1 
ATOM   1269 C C   . GLY A 1 201 ? -1.367  -8.589  -14.439 1.00 34.03 ? 189 GLY A C   1 
ATOM   1270 O O   . GLY A 1 201 ? -1.580  -9.339  -15.450 1.00 31.71 ? 189 GLY A O   1 
ATOM   1271 N N   . GLU A 1 202 ? -2.176  -7.576  -14.091 1.00 30.49 ? 190 GLU A N   1 
ATOM   1272 C CA  . GLU A 1 202 ? -3.514  -7.379  -14.728 1.00 29.27 ? 190 GLU A CA  1 
ATOM   1273 C C   . GLU A 1 202 ? -3.345  -7.068  -16.207 1.00 27.45 ? 190 GLU A C   1 
ATOM   1274 O O   . GLU A 1 202 ? -2.331  -6.485  -16.615 1.00 20.96 ? 190 GLU A O   1 
ATOM   1275 C CB  . GLU A 1 202 ? -4.349  -6.258  -14.105 1.00 28.87 ? 190 GLU A CB  1 
ATOM   1276 C CG  . GLU A 1 202 ? -4.944  -6.620  -12.763 1.00 33.36 ? 190 GLU A CG  1 
ATOM   1277 C CD  . GLU A 1 202 ? -5.683  -5.471  -12.092 1.00 33.73 ? 190 GLU A CD  1 
ATOM   1278 O OE1 . GLU A 1 202 ? -6.079  -4.533  -12.799 1.00 31.83 ? 190 GLU A OE1 1 
ATOM   1279 O OE2 . GLU A 1 202 ? -5.902  -5.553  -10.886 1.00 40.29 ? 190 GLU A OE2 1 
ATOM   1280 N N   . GLN A 1 203 ? -4.380  -7.334  -16.995 1.00 29.26 ? 191 GLN A N   1 
ATOM   1281 C CA  . GLN A 1 203 ? -4.410  -6.799  -18.374 1.00 29.88 ? 191 GLN A CA  1 
ATOM   1282 C C   . GLN A 1 203 ? -5.532  -5.772  -18.438 1.00 29.64 ? 191 GLN A C   1 
ATOM   1283 O O   . GLN A 1 203 ? -6.699  -6.106  -18.230 1.00 29.57 ? 191 GLN A O   1 
ATOM   1284 C CB  . GLN A 1 203 ? -4.507  -7.952  -19.373 1.00 40.56 ? 191 GLN A CB  1 
ATOM   1285 C CG  . GLN A 1 203 ? -3.699  -7.641  -20.630 1.00 52.05 ? 191 GLN A CG  1 
ATOM   1286 C CD  . GLN A 1 203 ? -3.744  -8.706  -21.698 1.00 54.40 ? 191 GLN A CD  1 
ATOM   1287 O OE1 . GLN A 1 203 ? -4.631  -9.549  -21.745 1.00 59.29 ? 191 GLN A OE1 1 
ATOM   1288 N NE2 . GLN A 1 203 ? -2.780  -8.643  -22.596 1.00 53.54 ? 191 GLN A NE2 1 
ATOM   1289 N N   . PRO A 1 204 ? -5.239  -4.465  -18.627 1.00 27.93 ? 192 PRO A N   1 
ATOM   1290 C CA  . PRO A 1 204 ? -3.885  -3.952  -18.856 1.00 24.98 ? 192 PRO A CA  1 
ATOM   1291 C C   . PRO A 1 204 ? -3.119  -3.574  -17.582 1.00 20.55 ? 192 PRO A C   1 
ATOM   1292 O O   . PRO A 1 204 ? -3.703  -3.264  -16.500 1.00 24.13 ? 192 PRO A O   1 
ATOM   1293 C CB  . PRO A 1 204 ? -4.183  -2.661  -19.625 1.00 29.51 ? 192 PRO A CB  1 
ATOM   1294 C CG  . PRO A 1 204 ? -5.420  -2.137  -18.944 1.00 31.18 ? 192 PRO A CG  1 
ATOM   1295 C CD  . PRO A 1 204 ? -6.234  -3.377  -18.590 1.00 29.90 ? 192 PRO A CD  1 
ATOM   1296 N N   . SER A 1 205 ? -1.794  -3.482  -17.712 1.00 20.75 ? 193 SER A N   1 
ATOM   1297 C CA  . SER A 1 205 ? -0.932  -2.947  -16.639 1.00 20.90 ? 193 SER A CA  1 
ATOM   1298 C C   . SER A 1 205 ? 0.406   -2.509  -17.233 1.00 19.95 ? 193 SER A C   1 
ATOM   1299 O O   . SER A 1 205 ? 0.741   -2.921  -18.316 1.00 20.42 ? 193 SER A O   1 
ATOM   1300 C CB  . SER A 1 205 ? -0.774  -3.956  -15.546 1.00 21.53 ? 193 SER A CB  1 
ATOM   1301 O OG  . SER A 1 205 ? -0.140  -5.104  -16.053 1.00 21.63 ? 193 SER A OG  1 
ATOM   1302 N N   . VAL A 1 206 ? 1.074   -1.590  -16.581 1.00 20.40 ? 194 VAL A N   1 
ATOM   1303 C CA  . VAL A 1 206 ? 2.471   -1.240  -16.915 1.00 21.42 ? 194 VAL A CA  1 
ATOM   1304 C C   . VAL A 1 206 ? 3.323   -2.399  -16.423 1.00 21.97 ? 194 VAL A C   1 
ATOM   1305 O O   . VAL A 1 206 ? 3.077   -2.900  -15.326 1.00 22.35 ? 194 VAL A O   1 
ATOM   1306 C CB  . VAL A 1 206 ? 2.870   0.099   -16.280 1.00 21.05 ? 194 VAL A CB  1 
ATOM   1307 C CG1 . VAL A 1 206 ? 4.297   0.461   -16.590 1.00 21.77 ? 194 VAL A CG1 1 
ATOM   1308 C CG2 . VAL A 1 206 ? 1.924   1.221   -16.681 1.00 21.74 ? 194 VAL A CG2 1 
ATOM   1309 N N   . PRO A 1 207 ? 4.361   -2.837  -17.169 1.00 21.62 ? 195 PRO A N   1 
ATOM   1310 C CA  . PRO A 1 207 ? 5.260   -3.866  -16.650 1.00 23.10 ? 195 PRO A CA  1 
ATOM   1311 C C   . PRO A 1 207 ? 5.853   -3.358  -15.334 1.00 21.36 ? 195 PRO A C   1 
ATOM   1312 O O   . PRO A 1 207 ? 6.203   -2.150  -15.172 1.00 19.83 ? 195 PRO A O   1 
ATOM   1313 C CB  . PRO A 1 207 ? 6.295   -4.047  -17.756 1.00 24.59 ? 195 PRO A CB  1 
ATOM   1314 C CG  . PRO A 1 207 ? 5.559   -3.572  -19.014 1.00 26.15 ? 195 PRO A CG  1 
ATOM   1315 C CD  . PRO A 1 207 ? 4.696   -2.432  -18.535 1.00 24.32 ? 195 PRO A CD  1 
ATOM   1316 N N   . GLU A 1 208 ? 6.010   -4.281  -14.398 1.00 19.49 ? 196 GLU A N   1 
ATOM   1317 C CA  . GLU A 1 208 ? 6.527   -3.932  -13.059 1.00 21.25 ? 196 GLU A CA  1 
ATOM   1318 C C   . GLU A 1 208 ? 7.879   -3.213  -13.166 1.00 22.10 ? 196 GLU A C   1 
ATOM   1319 O O   . GLU A 1 208 ? 8.161   -2.272  -12.356 1.00 19.89 ? 196 GLU A O   1 
ATOM   1320 C CB  . GLU A 1 208 ? 6.569   -5.231  -12.259 1.00 25.48 ? 196 GLU A CB  1 
ATOM   1321 C CG  . GLU A 1 208 ? 6.895   -4.968  -10.818 1.00 29.92 ? 196 GLU A CG  1 
ATOM   1322 C CD  . GLU A 1 208 ? 6.787   -6.170  -9.882  1.00 32.41 ? 196 GLU A CD  1 
ATOM   1323 O OE1 . GLU A 1 208 ? 5.955   -7.050  -10.122 1.00 40.60 ? 196 GLU A OE1 1 
ATOM   1324 O OE2 . GLU A 1 208 ? 7.444   -6.127  -8.858  1.00 41.26 ? 196 GLU A OE2 1 
ATOM   1325 N N   . ALA A 1 209 ? 8.722   -3.638  -14.107 1.00 21.92 ? 197 ALA A N   1 
ATOM   1326 C CA  . ALA A 1 209 ? 10.069  -3.057  -14.334 1.00 22.50 ? 197 ALA A CA  1 
ATOM   1327 C C   . ALA A 1 209 ? 9.972   -1.662  -14.948 1.00 20.72 ? 197 ALA A C   1 
ATOM   1328 O O   . ALA A 1 209 ? 11.029  -1.016  -15.061 1.00 21.66 ? 197 ALA A O   1 
ATOM   1329 C CB  . ALA A 1 209 ? 10.839  -3.971  -15.247 1.00 24.36 ? 197 ALA A CB  1 
ATOM   1330 N N   . ARG A 1 210 ? 8.797   -1.216  -15.394 1.00 18.32 ? 198 ARG A N   1 
ATOM   1331 C CA  . ARG A 1 210 ? 8.626   0.141   -16.002 1.00 20.59 ? 198 ARG A CA  1 
ATOM   1332 C C   . ARG A 1 210 ? 7.731   1.058   -15.151 1.00 19.85 ? 198 ARG A C   1 
ATOM   1333 O O   . ARG A 1 210 ? 7.674   2.242   -15.429 1.00 19.00 ? 198 ARG A O   1 
ATOM   1334 C CB  . ARG A 1 210 ? 8.071   0.038   -17.427 1.00 21.45 ? 198 ARG A CB  1 
ATOM   1335 C CG  . ARG A 1 210 ? 9.027   -0.663  -18.393 1.00 22.83 ? 198 ARG A CG  1 
ATOM   1336 C CD  . ARG A 1 210 ? 10.238  0.207   -18.710 1.00 24.03 ? 198 ARG A CD  1 
ATOM   1337 N NE  . ARG A 1 210 ? 9.811   1.559   -19.075 1.00 25.11 ? 198 ARG A NE  1 
ATOM   1338 C CZ  . ARG A 1 210 ? 10.471  2.668   -18.735 1.00 27.08 ? 198 ARG A CZ  1 
ATOM   1339 N NH1 . ARG A 1 210 ? 11.621  2.566   -18.084 1.00 27.10 ? 198 ARG A NH1 1 
ATOM   1340 N NH2 . ARG A 1 210 ? 10.004  3.871   -19.039 1.00 26.78 ? 198 ARG A NH2 1 
ATOM   1341 N N   . VAL A 1 211 ? 7.113   0.543   -14.095 1.00 21.41 ? 199 VAL A N   1 
ATOM   1342 C CA  . VAL A 1 211 ? 6.050   1.272   -13.373 1.00 21.26 ? 199 VAL A CA  1 
ATOM   1343 C C   . VAL A 1 211 ? 6.632   2.443   -12.542 1.00 20.05 ? 199 VAL A C   1 
ATOM   1344 O O   . VAL A 1 211 ? 6.072   3.525   -12.614 1.00 17.91 ? 199 VAL A O   1 
ATOM   1345 C CB  . VAL A 1 211 ? 5.148   0.290   -12.616 1.00 22.65 ? 199 VAL A CB  1 
ATOM   1346 C CG1 . VAL A 1 211 ? 5.776   -0.176  -11.341 1.00 22.96 ? 199 VAL A CG1 1 
ATOM   1347 C CG2 . VAL A 1 211 ? 3.786   0.934   -12.387 1.00 25.30 ? 199 VAL A CG2 1 
ATOM   1348 N N   . LEU A 1 212 ? 7.800   2.311   -11.920 1.00 20.25 ? 200 LEU A N   1 
ATOM   1349 C CA  . LEU A 1 212 ? 8.392   3.433   -11.160 1.00 21.76 ? 200 LEU A CA  1 
ATOM   1350 C C   . LEU A 1 212 ? 8.671   4.614   -12.088 1.00 21.85 ? 200 LEU A C   1 
ATOM   1351 O O   . LEU A 1 212 ? 8.206   5.749   -11.776 1.00 22.43 ? 200 LEU A O   1 
ATOM   1352 C CB  . LEU A 1 212 ? 9.641   2.933   -10.443 1.00 24.14 ? 200 LEU A CB  1 
ATOM   1353 C CG  . LEU A 1 212 ? 10.158  3.837   -9.337  1.00 25.36 ? 200 LEU A CG  1 
ATOM   1354 C CD1 . LEU A 1 212 ? 9.059   4.201   -8.335  1.00 28.51 ? 200 LEU A CD1 1 
ATOM   1355 C CD2 . LEU A 1 212 ? 11.322  3.140   -8.657  1.00 28.35 ? 200 LEU A CD2 1 
ATOM   1356 N N   . ASP A 1 213 ? 9.389   4.398   -13.190 1.00 21.16 ? 201 ASP A N   1 
ATOM   1357 C CA  . ASP A 1 213 ? 9.756   5.489   -14.128 1.00 22.75 ? 201 ASP A CA  1 
ATOM   1358 C C   . ASP A 1 213 ? 8.463   6.149   -14.674 1.00 19.90 ? 201 ASP A C   1 
ATOM   1359 O O   . ASP A 1 213 ? 8.461   7.366   -14.930 1.00 17.32 ? 201 ASP A O   1 
ATOM   1360 C CB  . ASP A 1 213 ? 10.587  5.002   -15.319 1.00 25.41 ? 201 ASP A CB  1 
ATOM   1361 C CG  . ASP A 1 213 ? 12.089  4.778   -15.092 1.00 30.90 ? 201 ASP A CG  1 
ATOM   1362 O OD1 . ASP A 1 213 ? 12.605  5.144   -14.022 1.00 27.11 ? 201 ASP A OD1 1 
ATOM   1363 O OD2 . ASP A 1 213 ? 12.738  4.252   -16.046 1.00 29.24 ? 201 ASP A OD2 1 
ATOM   1364 N N   . THR A 1 214 ? 7.434   5.348   -14.956 1.00 19.13 ? 202 THR A N   1 
ATOM   1365 C CA  . THR A 1 214 ? 6.152   5.835   -15.543 1.00 17.45 ? 202 THR A CA  1 
ATOM   1366 C C   . THR A 1 214 ? 5.504   6.810   -14.555 1.00 15.99 ? 202 THR A C   1 
ATOM   1367 O O   . THR A 1 214 ? 5.174   7.929   -14.948 1.00 18.18 ? 202 THR A O   1 
ATOM   1368 C CB  . THR A 1 214 ? 5.198   4.677   -15.872 1.00 18.98 ? 202 THR A CB  1 
ATOM   1369 O OG1 . THR A 1 214 ? 5.848   3.797   -16.764 1.00 21.14 ? 202 THR A OG1 1 
ATOM   1370 C CG2 . THR A 1 214 ? 3.858   5.138   -16.440 1.00 19.67 ? 202 THR A CG2 1 
ATOM   1371 N N   . LEU A 1 215 ? 5.344   6.410   -13.295 1.00 15.36 ? 203 LEU A N   1 
ATOM   1372 C CA  . LEU A 1 215 ? 4.681   7.222   -12.264 1.00 16.85 ? 203 LEU A CA  1 
ATOM   1373 C C   . LEU A 1 215 ? 5.517   8.463   -12.013 1.00 16.05 ? 203 LEU A C   1 
ATOM   1374 O O   . LEU A 1 215 ? 4.929   9.550   -11.949 1.00 15.73 ? 203 LEU A O   1 
ATOM   1375 C CB  . LEU A 1 215 ? 4.372   6.405   -10.988 1.00 15.66 ? 203 LEU A CB  1 
ATOM   1376 C CG  . LEU A 1 215 ? 3.467   5.195   -11.216 1.00 16.51 ? 203 LEU A CG  1 
ATOM   1377 C CD1 . LEU A 1 215 ? 3.307   4.368   -9.931  1.00 18.13 ? 203 LEU A CD1 1 
ATOM   1378 C CD2 . LEU A 1 215 ? 2.106   5.647   -11.700 1.00 18.05 ? 203 LEU A CD2 1 
ATOM   1379 N N   . VAL A 1 216 ? 6.828   8.325   -11.910 1.00 17.42 ? 204 VAL A N   1 
ATOM   1380 C CA  . VAL A 1 216 ? 7.675   9.492   -11.579 1.00 17.44 ? 204 VAL A CA  1 
ATOM   1381 C C   . VAL A 1 216 ? 7.506   10.537  -12.693 1.00 18.04 ? 204 VAL A C   1 
ATOM   1382 O O   . VAL A 1 216 ? 7.370   11.723  -12.373 1.00 19.21 ? 204 VAL A O   1 
ATOM   1383 C CB  . VAL A 1 216 ? 9.143   9.091   -11.393 1.00 19.22 ? 204 VAL A CB  1 
ATOM   1384 C CG1 . VAL A 1 216 ? 10.036  10.316  -11.323 1.00 21.73 ? 204 VAL A CG1 1 
ATOM   1385 C CG2 . VAL A 1 216 ? 9.334   8.206   -10.164 1.00 19.72 ? 204 VAL A CG2 1 
ATOM   1386 N N   . HIS A 1 217 ? 7.507   10.134  -13.953 1.00 18.29 ? 205 HIS A N   1 
ATOM   1387 C CA  . HIS A 1 217 ? 7.375   11.109  -15.069 1.00 19.26 ? 205 HIS A CA  1 
ATOM   1388 C C   . HIS A 1 217 ? 6.072   11.904  -14.887 1.00 18.43 ? 205 HIS A C   1 
ATOM   1389 O O   . HIS A 1 217 ? 6.063   13.154  -15.038 1.00 17.92 ? 205 HIS A O   1 
ATOM   1390 C CB  . HIS A 1 217 ? 7.481   10.415  -16.422 1.00 18.97 ? 205 HIS A CB  1 
ATOM   1391 C CG  . HIS A 1 217 ? 6.977   11.261  -17.546 1.00 18.21 ? 205 HIS A CG  1 
ATOM   1392 N ND1 . HIS A 1 217 ? 7.795   12.174  -18.184 1.00 19.70 ? 205 HIS A ND1 1 
ATOM   1393 C CD2 . HIS A 1 217 ? 5.733   11.453  -18.027 1.00 16.97 ? 205 HIS A CD2 1 
ATOM   1394 C CE1 . HIS A 1 217 ? 7.112   12.808  -19.121 1.00 20.39 ? 205 HIS A CE1 1 
ATOM   1395 N NE2 . HIS A 1 217 ? 5.804   12.400  -19.043 1.00 18.10 ? 205 HIS A NE2 1 
ATOM   1396 N N   . ILE A 1 218 ? 4.969   11.210  -14.616 1.00 19.06 ? 206 ILE A N   1 
ATOM   1397 C CA  . ILE A 1 218 ? 3.634   11.842  -14.502 1.00 19.45 ? 206 ILE A CA  1 
ATOM   1398 C C   . ILE A 1 218 ? 3.586   12.755  -13.266 1.00 19.17 ? 206 ILE A C   1 
ATOM   1399 O O   . ILE A 1 218 ? 3.094   13.842  -13.404 1.00 19.62 ? 206 ILE A O   1 
ATOM   1400 C CB  . ILE A 1 218 ? 2.511   10.783  -14.503 1.00 17.56 ? 206 ILE A CB  1 
ATOM   1401 C CG1 . ILE A 1 218 ? 2.532   9.992   -15.807 1.00 18.56 ? 206 ILE A CG1 1 
ATOM   1402 C CG2 . ILE A 1 218 ? 1.168   11.483  -14.259 1.00 16.97 ? 206 ILE A CG2 1 
ATOM   1403 C CD1 . ILE A 1 218 ? 1.624   8.698   -15.816 1.00 17.92 ? 206 ILE A CD1 1 
ATOM   1404 N N   . TRP A 1 219 ? 4.203   12.374  -12.139 1.00 18.71 ? 207 TRP A N   1 
ATOM   1405 C CA  . TRP A 1 219 ? 4.233   13.207  -10.915 1.00 18.69 ? 207 TRP A CA  1 
ATOM   1406 C C   . TRP A 1 219 ? 5.008   14.497  -11.215 1.00 20.01 ? 207 TRP A C   1 
ATOM   1407 O O   . TRP A 1 219 ? 4.435   15.598  -11.033 1.00 17.46 ? 207 TRP A O   1 
ATOM   1408 C CB  . TRP A 1 219 ? 4.812   12.420  -9.739  1.00 19.06 ? 207 TRP A CB  1 
ATOM   1409 C CG  . TRP A 1 219 ? 3.826   11.524  -9.050  1.00 18.09 ? 207 TRP A CG  1 
ATOM   1410 C CD1 . TRP A 1 219 ? 3.097   10.497  -9.600  1.00 19.60 ? 207 TRP A CD1 1 
ATOM   1411 C CD2 . TRP A 1 219 ? 3.524   11.524  -7.649  1.00 19.15 ? 207 TRP A CD2 1 
ATOM   1412 N NE1 . TRP A 1 219 ? 2.343   9.895   -8.628  1.00 19.54 ? 207 TRP A NE1 1 
ATOM   1413 C CE2 . TRP A 1 219 ? 2.565   10.508  -7.433  1.00 17.80 ? 207 TRP A CE2 1 
ATOM   1414 C CE3 . TRP A 1 219 ? 3.914   12.334  -6.568  1.00 19.22 ? 207 TRP A CE3 1 
ATOM   1415 C CZ2 . TRP A 1 219 ? 2.007   10.268  -6.174  1.00 19.08 ? 207 TRP A CZ2 1 
ATOM   1416 C CZ3 . TRP A 1 219 ? 3.405   12.067  -5.319  1.00 18.85 ? 207 TRP A CZ3 1 
ATOM   1417 C CH2 . TRP A 1 219 ? 2.454   11.057  -5.132  1.00 20.28 ? 207 TRP A CH2 1 
ATOM   1418 N N   . VAL A 1 220 ? 6.211   14.363  -11.780 1.00 20.49 ? 208 VAL A N   1 
ATOM   1419 C CA  . VAL A 1 220 ? 7.125   15.516  -11.971 1.00 21.58 ? 208 VAL A CA  1 
ATOM   1420 C C   . VAL A 1 220 ? 6.522   16.469  -13.013 1.00 20.74 ? 208 VAL A C   1 
ATOM   1421 O O   . VAL A 1 220 ? 6.552   17.692  -12.785 1.00 18.67 ? 208 VAL A O   1 
ATOM   1422 C CB  . VAL A 1 220 ? 8.531   15.027  -12.351 1.00 23.78 ? 208 VAL A CB  1 
ATOM   1423 C CG1 . VAL A 1 220 ? 9.431   16.158  -12.830 1.00 29.22 ? 208 VAL A CG1 1 
ATOM   1424 C CG2 . VAL A 1 220 ? 9.142   14.288  -11.163 1.00 25.42 ? 208 VAL A CG2 1 
ATOM   1425 N N   . THR A 1 221 ? 6.054   15.960  -14.132 1.00 17.95 ? 209 THR A N   1 
ATOM   1426 C CA  . THR A 1 221 ? 5.486   16.855  -15.174 1.00 21.37 ? 209 THR A CA  1 
ATOM   1427 C C   . THR A 1 221 ? 4.239   17.568  -14.612 1.00 21.08 ? 209 THR A C   1 
ATOM   1428 O O   . THR A 1 221 ? 4.096   18.741  -14.866 1.00 21.69 ? 209 THR A O   1 
ATOM   1429 C CB  . THR A 1 221 ? 5.252   16.104  -16.486 1.00 25.44 ? 209 THR A CB  1 
ATOM   1430 O OG1 . THR A 1 221 ? 4.445   14.951  -16.233 1.00 22.56 ? 209 THR A OG1 1 
ATOM   1431 C CG2 . THR A 1 221 ? 6.544   15.759  -17.206 1.00 23.30 ? 209 THR A CG2 1 
ATOM   1432 N N   . SER A 1 222 ? 3.371   16.893  -13.845 1.00 17.53 ? 210 SER A N   1 
ATOM   1433 C CA  . SER A 1 222 ? 2.068   17.449  -13.436 1.00 18.52 ? 210 SER A CA  1 
ATOM   1434 C C   . SER A 1 222 ? 2.274   18.400  -12.232 1.00 18.73 ? 210 SER A C   1 
ATOM   1435 O O   . SER A 1 222 ? 1.566   19.357  -12.104 1.00 18.98 ? 210 SER A O   1 
ATOM   1436 C CB  . SER A 1 222 ? 1.080   16.359  -13.185 1.00 19.24 ? 210 SER A CB  1 
ATOM   1437 O OG  . SER A 1 222 ? 1.372   15.706  -11.974 1.00 19.22 ? 210 SER A OG  1 
ATOM   1438 N N   . ILE A 1 223 ? 3.316   18.191  -11.440 1.00 19.45 ? 211 ILE A N   1 
ATOM   1439 C CA  . ILE A 1 223 ? 3.624   19.068  -10.284 1.00 21.50 ? 211 ILE A CA  1 
ATOM   1440 C C   . ILE A 1 223 ? 4.404   20.304  -10.742 1.00 21.86 ? 211 ILE A C   1 
ATOM   1441 O O   . ILE A 1 223 ? 4.140   21.357  -10.160 1.00 24.00 ? 211 ILE A O   1 
ATOM   1442 C CB  . ILE A 1 223 ? 4.341   18.282  -9.184  1.00 20.30 ? 211 ILE A CB  1 
ATOM   1443 C CG1 . ILE A 1 223 ? 3.373   17.272  -8.570  1.00 18.69 ? 211 ILE A CG1 1 
ATOM   1444 C CG2 . ILE A 1 223 ? 4.897   19.224  -8.125  1.00 20.31 ? 211 ILE A CG2 1 
ATOM   1445 C CD1 . ILE A 1 223 ? 4.062   16.191  -7.698  1.00 19.16 ? 211 ILE A CD1 1 
ATOM   1446 N N   . TYR A 1 224 ? 5.344   20.171  -11.689 1.00 23.98 ? 212 TYR A N   1 
ATOM   1447 C CA  . TYR A 1 224 ? 6.292   21.262  -12.052 1.00 23.10 ? 212 TYR A CA  1 
ATOM   1448 C C   . TYR A 1 224 ? 5.860   21.930  -13.345 1.00 26.33 ? 212 TYR A C   1 
ATOM   1449 O O   . TYR A 1 224 ? 6.320   23.053  -13.599 1.00 27.36 ? 212 TYR A O   1 
ATOM   1450 C CB  . TYR A 1 224 ? 7.722   20.720  -12.043 1.00 22.78 ? 212 TYR A CB  1 
ATOM   1451 C CG  . TYR A 1 224 ? 8.133   20.315  -10.660 1.00 24.31 ? 212 TYR A CG  1 
ATOM   1452 C CD1 . TYR A 1 224 ? 8.493   21.256  -9.698  1.00 25.13 ? 212 TYR A CD1 1 
ATOM   1453 C CD2 . TYR A 1 224 ? 8.125   18.983  -10.291 1.00 24.80 ? 212 TYR A CD2 1 
ATOM   1454 C CE1 . TYR A 1 224 ? 8.811   20.879  -8.407  1.00 22.04 ? 212 TYR A CE1 1 
ATOM   1455 C CE2 . TYR A 1 224 ? 8.473   18.593  -9.018  1.00 24.98 ? 212 TYR A CE2 1 
ATOM   1456 C CZ  . TYR A 1 224 ? 8.841   19.534  -8.076  1.00 23.48 ? 212 TYR A CZ  1 
ATOM   1457 O OH  . TYR A 1 224 ? 9.105   19.099  -6.805  1.00 23.15 ? 212 TYR A OH  1 
ATOM   1458 N N   . GLY A 1 225 ? 4.973   21.293  -14.110 1.00 26.59 ? 213 GLY A N   1 
ATOM   1459 C CA  . GLY A 1 225 ? 4.608   21.727  -15.459 1.00 30.86 ? 213 GLY A CA  1 
ATOM   1460 C C   . GLY A 1 225 ? 3.516   22.788  -15.439 1.00 33.78 ? 213 GLY A C   1 
ATOM   1461 O O   . GLY A 1 225 ? 2.634   22.730  -14.582 1.00 31.98 ? 213 GLY A O   1 
ATOM   1462 N N   . GLU A 1 226 ? 3.533   23.701  -16.411 1.00 43.87 ? 214 GLU A N   1 
ATOM   1463 C CA  . GLU A 1 226 ? 2.323   24.504  -16.778 1.00 49.18 ? 214 GLU A CA  1 
ATOM   1464 C C   . GLU A 1 226 ? 2.069   24.359  -18.278 1.00 42.48 ? 214 GLU A C   1 
ATOM   1465 O O   . GLU A 1 226 ? 0.891   24.223  -18.630 1.00 53.91 ? 214 GLU A O   1 
ATOM   1466 C CB  . GLU A 1 226 ? 2.496   25.962  -16.366 1.00 52.08 ? 214 GLU A CB  1 
ATOM   1467 C CG  . GLU A 1 226 ? 3.855   26.526  -16.729 1.00 54.84 ? 214 GLU A CG  1 
ATOM   1468 C CD  . GLU A 1 226 ? 4.412   27.472  -15.680 1.00 64.49 ? 214 GLU A CD  1 
ATOM   1469 O OE1 . GLU A 1 226 ? 3.641   28.346  -15.215 1.00 58.93 ? 214 GLU A OE1 1 
ATOM   1470 O OE2 . GLU A 1 226 ? 5.595   27.313  -15.303 1.00 65.71 ? 214 GLU A OE2 1 
HETATM 1471 C C4  . GG8 B 2 .   ? 2.982   8.480   -2.461  1.00 27.98 ? 301 GG8 A C4  1 
HETATM 1472 C C5  . GG8 B 2 .   ? 4.318   8.771   -2.756  1.00 27.54 ? 301 GG8 A C5  1 
HETATM 1473 C C6  . GG8 B 2 .   ? 5.028   9.670   -1.986  1.00 24.94 ? 301 GG8 A C6  1 
HETATM 1474 C C7  . GG8 B 2 .   ? 4.414   10.328  -0.948  1.00 25.17 ? 301 GG8 A C7  1 
HETATM 1475 C C8  . GG8 B 2 .   ? 3.090   10.039  -0.616  1.00 27.65 ? 301 GG8 A C8  1 
HETATM 1476 C C9  . GG8 B 2 .   ? 2.359   9.117   -1.388  1.00 27.15 ? 301 GG8 A C9  1 
HETATM 1477 N N1  . GG8 B 2 .   ? 1.468   6.156   -2.234  1.00 33.09 ? 301 GG8 A N1  1 
HETATM 1478 C C3  . GG8 B 2 .   ? 0.009   6.271   -2.019  1.00 33.04 ? 301 GG8 A C3  1 
HETATM 1479 F F1  . GG8 B 2 .   ? -1.546  3.083   -3.065  1.00 36.02 ? 301 GG8 A F1  1 
HETATM 1480 C C1  . GG8 B 2 .   ? -0.500  3.806   -2.649  1.00 36.32 ? 301 GG8 A C1  1 
HETATM 1481 F F2  . GG8 B 2 .   ? 0.574   3.469   -3.315  1.00 34.39 ? 301 GG8 A F2  1 
HETATM 1482 F F3  . GG8 B 2 .   ? -0.325  3.539   -1.359  1.00 37.88 ? 301 GG8 A F3  1 
HETATM 1483 C C2  . GG8 B 2 .   ? -0.746  5.295   -2.930  1.00 33.52 ? 301 GG8 A C2  1 
HETATM 1484 S S1  . GG8 B 2 .   ? 2.070   7.254   -3.402  1.00 31.10 ? 301 GG8 A S1  1 
HETATM 1485 O O1  . GG8 B 2 .   ? 0.967   7.925   -4.143  1.00 26.21 ? 301 GG8 A O1  1 
HETATM 1486 O O2  . GG8 B 2 .   ? 3.110   6.667   -4.268  1.00 30.01 ? 301 GG8 A O2  1 
HETATM 1487 O O   . HOH C 3 .   ? -8.373  -1.729  -14.837 1.00 33.25 ? 401 HOH A O   1 
HETATM 1488 O O   . HOH C 3 .   ? -8.048  20.256  -9.372  1.00 25.08 ? 402 HOH A O   1 
HETATM 1489 O O   . HOH C 3 .   ? 10.645  8.655   -14.926 1.00 25.63 ? 403 HOH A O   1 
HETATM 1490 O O   . HOH C 3 .   ? 5.282   28.893  -6.822  1.00 37.84 ? 404 HOH A O   1 
HETATM 1491 O O   . HOH C 3 .   ? -10.045 -0.037  10.124  1.00 37.83 ? 405 HOH A O   1 
HETATM 1492 O O   . HOH C 3 .   ? -6.232  -27.083 21.741  1.00 21.79 ? 406 HOH A O   1 
HETATM 1493 O O   . HOH C 3 .   ? 1.575   22.229  -12.260 1.00 22.85 ? 407 HOH A O   1 
HETATM 1494 O O   . HOH C 3 .   ? 2.287   -10.853 0.712   1.00 25.87 ? 408 HOH A O   1 
HETATM 1495 O O   . HOH C 3 .   ? -10.633 20.297  -2.882  0.50 21.33 ? 409 HOH A O   1 
HETATM 1496 O O   . HOH C 3 .   ? -1.569  18.897  3.227   1.00 28.00 ? 410 HOH A O   1 
HETATM 1497 O O   . HOH C 3 .   ? -0.009  13.322  6.312   1.00 31.73 ? 411 HOH A O   1 
HETATM 1498 O O   . HOH C 3 .   ? 3.314   22.783  2.913   1.00 35.94 ? 412 HOH A O   1 
HETATM 1499 O O   . HOH C 3 .   ? -11.104 2.148   1.368   1.00 27.68 ? 413 HOH A O   1 
HETATM 1500 O O   . HOH C 3 .   ? -2.932  21.976  0.282   1.00 34.40 ? 414 HOH A O   1 
HETATM 1501 O O   . HOH C 3 .   ? -6.102  -3.337  -15.173 1.00 25.83 ? 415 HOH A O   1 
HETATM 1502 O O   . HOH C 3 .   ? -5.756  9.925   7.965   1.00 32.34 ? 416 HOH A O   1 
HETATM 1503 O O   . HOH C 3 .   ? 2.257   22.730  -8.811  1.00 20.07 ? 417 HOH A O   1 
HETATM 1504 O O   . HOH C 3 .   ? -9.155  -10.827 0.329   1.00 33.86 ? 418 HOH A O   1 
HETATM 1505 O O   . HOH C 3 .   ? -6.149  14.201  2.818   1.00 21.67 ? 419 HOH A O   1 
HETATM 1506 O O   . HOH C 3 .   ? 9.666   -0.036  -12.011 1.00 17.99 ? 420 HOH A O   1 
HETATM 1507 O O   . HOH C 3 .   ? -0.035  -0.891  -14.193 1.00 23.43 ? 421 HOH A O   1 
HETATM 1508 O O   . HOH C 3 .   ? -8.746  13.504  -1.132  1.00 29.65 ? 422 HOH A O   1 
HETATM 1509 O O   . HOH C 3 .   ? -2.182  -5.999  -6.674  1.00 28.99 ? 423 HOH A O   1 
HETATM 1510 O O   . HOH C 3 .   ? 10.862  11.346  -14.857 1.00 38.14 ? 424 HOH A O   1 
HETATM 1511 O O   . HOH C 3 .   ? -2.995  1.370   12.001  1.00 35.40 ? 425 HOH A O   1 
HETATM 1512 O O   . HOH C 3 .   ? -6.441  -8.856  -15.899 1.00 36.68 ? 426 HOH A O   1 
HETATM 1513 O O   . HOH C 3 .   ? 5.905   23.972  -17.857 1.00 46.69 ? 427 HOH A O   1 
HETATM 1514 O O   . HOH C 3 .   ? 13.080  4.772   -1.559  1.00 24.04 ? 428 HOH A O   1 
HETATM 1515 O O   . HOH C 3 .   ? -3.121  -25.394 20.219  1.00 32.11 ? 429 HOH A O   1 
HETATM 1516 O O   . HOH C 3 .   ? -11.215 23.695  -5.720  1.00 24.93 ? 430 HOH A O   1 
HETATM 1517 O O   . HOH C 3 .   ? -7.075  0.367   -6.892  1.00 29.67 ? 431 HOH A O   1 
HETATM 1518 O O   . HOH C 3 .   ? 11.762  6.066   -18.946 1.00 36.37 ? 432 HOH A O   1 
HETATM 1519 O O   . HOH C 3 .   ? 10.645  1.884   -13.724 1.00 20.55 ? 433 HOH A O   1 
HETATM 1520 O O   . HOH C 3 .   ? 14.804  16.706  -11.219 1.00 34.91 ? 434 HOH A O   1 
HETATM 1521 O O   . HOH C 3 .   ? 8.427   -6.351  -15.264 1.00 23.87 ? 435 HOH A O   1 
HETATM 1522 O O   . HOH C 3 .   ? -3.626  24.784  -3.536  1.00 34.88 ? 436 HOH A O   1 
HETATM 1523 O O   . HOH C 3 .   ? 5.474   -10.505 -2.715  1.00 37.19 ? 437 HOH A O   1 
HETATM 1524 O O   . HOH C 3 .   ? 12.469  -1.831  -17.780 1.00 42.43 ? 438 HOH A O   1 
HETATM 1525 O O   . HOH C 3 .   ? 3.739   -12.035 -1.653  1.00 37.53 ? 439 HOH A O   1 
HETATM 1526 O O   . HOH C 3 .   ? 11.639  1.060   -21.674 1.00 39.35 ? 440 HOH A O   1 
HETATM 1527 O O   . HOH C 3 .   ? -8.081  12.837  1.377   1.00 30.70 ? 441 HOH A O   1 
HETATM 1528 O O   . HOH C 3 .   ? -4.541  -5.759  -6.091  1.00 35.32 ? 442 HOH A O   1 
HETATM 1529 O O   . HOH C 3 .   ? 11.886  -0.659  -10.770 1.00 34.18 ? 443 HOH A O   1 
# 
